data_6FGV
# 
_entry.id   6FGV 
# 
_audit_conform.dict_name       mmcif_pdbx.dic 
_audit_conform.dict_version    5.383 
_audit_conform.dict_location   http://mmcif.pdb.org/dictionaries/ascii/mmcif_pdbx.dic 
# 
loop_
_database_2.database_id 
_database_2.database_code 
_database_2.pdbx_database_accession 
_database_2.pdbx_DOI 
PDB   6FGV         pdb_00006fgv 10.2210/pdb6fgv/pdb 
WWPDB D_1200008179 ?            ?                   
# 
loop_
_pdbx_audit_revision_history.ordinal 
_pdbx_audit_revision_history.data_content_type 
_pdbx_audit_revision_history.major_revision 
_pdbx_audit_revision_history.minor_revision 
_pdbx_audit_revision_history.revision_date 
1 'Structure model' 1 0 2018-05-30 
2 'Structure model' 1 1 2018-08-29 
3 'Structure model' 1 2 2024-01-17 
# 
_pdbx_audit_revision_details.ordinal             1 
_pdbx_audit_revision_details.revision_ordinal    1 
_pdbx_audit_revision_details.data_content_type   'Structure model' 
_pdbx_audit_revision_details.provider            repository 
_pdbx_audit_revision_details.type                'Initial release' 
_pdbx_audit_revision_details.description         ? 
_pdbx_audit_revision_details.details             ? 
# 
loop_
_pdbx_audit_revision_group.ordinal 
_pdbx_audit_revision_group.revision_ordinal 
_pdbx_audit_revision_group.data_content_type 
_pdbx_audit_revision_group.group 
1 2 'Structure model' 'Data collection'        
2 2 'Structure model' 'Database references'    
3 3 'Structure model' 'Data collection'        
4 3 'Structure model' 'Database references'    
5 3 'Structure model' 'Refinement description' 
# 
loop_
_pdbx_audit_revision_category.ordinal 
_pdbx_audit_revision_category.revision_ordinal 
_pdbx_audit_revision_category.data_content_type 
_pdbx_audit_revision_category.category 
1 2 'Structure model' citation                      
2 2 'Structure model' citation_author               
3 3 'Structure model' chem_comp_atom                
4 3 'Structure model' chem_comp_bond                
5 3 'Structure model' database_2                    
6 3 'Structure model' pdbx_initial_refinement_model 
# 
loop_
_pdbx_audit_revision_item.ordinal 
_pdbx_audit_revision_item.revision_ordinal 
_pdbx_audit_revision_item.data_content_type 
_pdbx_audit_revision_item.item 
1 2 'Structure model' '_citation.journal_volume'            
2 2 'Structure model' '_citation.page_first'                
3 2 'Structure model' '_citation.page_last'                 
4 2 'Structure model' '_citation.title'                     
5 2 'Structure model' '_citation_author.identifier_ORCID'   
6 3 'Structure model' '_database_2.pdbx_DOI'                
7 3 'Structure model' '_database_2.pdbx_database_accession' 
# 
_pdbx_database_status.status_code                     REL 
_pdbx_database_status.status_code_sf                  REL 
_pdbx_database_status.status_code_mr                  ? 
_pdbx_database_status.entry_id                        6FGV 
_pdbx_database_status.recvd_initial_deposition_date   2018-01-11 
_pdbx_database_status.SG_entry                        N 
_pdbx_database_status.deposit_site                    PDBE 
_pdbx_database_status.process_site                    PDBE 
_pdbx_database_status.status_code_cs                  ? 
_pdbx_database_status.methods_development_category    ? 
_pdbx_database_status.pdb_format_compatible           Y 
_pdbx_database_status.status_code_nmr_data            ? 
# 
loop_
_pdbx_database_related.db_name 
_pdbx_database_related.details 
_pdbx_database_related.db_id 
_pdbx_database_related.content_type 
PDB . 6FG6 unspecified 
PDB . 6FGF unspecified 
PDB . 6FGG unspecified 
PDB . 6FGH unspecified 
PDB . 6FGI unspecified 
PDB . 6FGT unspecified 
PDB . 6FGU unspecified 
# 
loop_
_audit_author.name 
_audit_author.pdbx_ordinal 
_audit_author.identifier_ORCID 
'Dalle Vedove, A.'   1 0000-0001-5127-7737 
'Spiliotopoulos, D.' 2 ?                   
'Lolli, G.'          3 ?                   
'Caflisch, A.'       4 ?                   
# 
_citation.abstract                  ? 
_citation.abstract_id_CAS           ? 
_citation.book_id_ISBN              ? 
_citation.book_publisher            ? 
_citation.book_publisher_city       ? 
_citation.book_title                ? 
_citation.coordinate_linkage        ? 
_citation.country                   DE 
_citation.database_id_Medline       ? 
_citation.details                   ? 
_citation.id                        primary 
_citation.journal_abbrev            ChemMedChem 
_citation.journal_id_ASTM           ? 
_citation.journal_id_CSD            ? 
_citation.journal_id_ISSN           1860-7187 
_citation.journal_full              ? 
_citation.journal_issue             ? 
_citation.journal_volume            13 
_citation.language                  ? 
_citation.page_first                1479 
_citation.page_last                 1487 
_citation.title                     'Structural Analysis of Small-Molecule Binding to the BAZ2A and BAZ2B Bromodomains.' 
_citation.year                      2018 
_citation.database_id_CSD           ? 
_citation.pdbx_database_id_DOI      10.1002/cmdc.201800234 
_citation.pdbx_database_id_PubMed   29770599 
_citation.unpublished_flag          ? 
# 
loop_
_citation_author.citation_id 
_citation_author.name 
_citation_author.ordinal 
_citation_author.identifier_ORCID 
primary 'Dalle Vedove, A.'   1 ?                   
primary 'Spiliotopoulos, D.' 2 ?                   
primary 
;D'Agostino, V.G.
;
3 ?                   
primary 'Marchand, J.R.'     4 ?                   
primary 'Unzue, A.'          5 ?                   
primary 'Nevado, C.'         6 ?                   
primary 'Lolli, G.'          7 0000-0002-8536-5599 
primary 'Caflisch, A.'       8 ?                   
# 
loop_
_entity.id 
_entity.type 
_entity.src_method 
_entity.pdbx_description 
_entity.formula_weight 
_entity.pdbx_number_of_molecules 
_entity.pdbx_ec 
_entity.pdbx_mutation 
_entity.pdbx_fragment 
_entity.details 
1 polymer     man 'Bromodomain adjacent to zinc finger domain protein 2A'                             12509.048 1  ? ? ? ? 
2 non-polymer syn '~{N}-[(1-azanylcyclohexyl)methyl]-1-methyl-6-oxidanylidene-pyridine-3-carboxamide' 263.335   1  ? ? ? ? 
3 water       nat water                                                                               18.015    17 ? ? ? ? 
# 
_entity_name_com.entity_id   1 
_entity_name_com.name        'Transcription termination factor I-interacting protein 5,Tip5,hWALp3' 
# 
_entity_poly.entity_id                      1 
_entity_poly.type                           'polypeptide(L)' 
_entity_poly.nstd_linkage                   no 
_entity_poly.nstd_monomer                   no 
_entity_poly.pdbx_seq_one_letter_code       
;SMHSDLTFCEIILMEMESHDAAWPFLEPVNPRLVSGYRRIIKNPMDFSTMRERLLRGGYTSSEEFAADALLVFDNCQTFN
EDDSEVGKAGHIMRRFFESRWEEFYQ
;
_entity_poly.pdbx_seq_one_letter_code_can   
;SMHSDLTFCEIILMEMESHDAAWPFLEPVNPRLVSGYRRIIKNPMDFSTMRERLLRGGYTSSEEFAADALLVFDNCQTFN
EDDSEVGKAGHIMRRFFESRWEEFYQ
;
_entity_poly.pdbx_strand_id                 A 
_entity_poly.pdbx_target_identifier         ? 
# 
loop_
_pdbx_entity_nonpoly.entity_id 
_pdbx_entity_nonpoly.name 
_pdbx_entity_nonpoly.comp_id 
2 '~{N}-[(1-azanylcyclohexyl)methyl]-1-methyl-6-oxidanylidene-pyridine-3-carboxamide' D9T 
3 water                                                                               HOH 
# 
loop_
_entity_poly_seq.entity_id 
_entity_poly_seq.num 
_entity_poly_seq.mon_id 
_entity_poly_seq.hetero 
1 1   SER n 
1 2   MET n 
1 3   HIS n 
1 4   SER n 
1 5   ASP n 
1 6   LEU n 
1 7   THR n 
1 8   PHE n 
1 9   CYS n 
1 10  GLU n 
1 11  ILE n 
1 12  ILE n 
1 13  LEU n 
1 14  MET n 
1 15  GLU n 
1 16  MET n 
1 17  GLU n 
1 18  SER n 
1 19  HIS n 
1 20  ASP n 
1 21  ALA n 
1 22  ALA n 
1 23  TRP n 
1 24  PRO n 
1 25  PHE n 
1 26  LEU n 
1 27  GLU n 
1 28  PRO n 
1 29  VAL n 
1 30  ASN n 
1 31  PRO n 
1 32  ARG n 
1 33  LEU n 
1 34  VAL n 
1 35  SER n 
1 36  GLY n 
1 37  TYR n 
1 38  ARG n 
1 39  ARG n 
1 40  ILE n 
1 41  ILE n 
1 42  LYS n 
1 43  ASN n 
1 44  PRO n 
1 45  MET n 
1 46  ASP n 
1 47  PHE n 
1 48  SER n 
1 49  THR n 
1 50  MET n 
1 51  ARG n 
1 52  GLU n 
1 53  ARG n 
1 54  LEU n 
1 55  LEU n 
1 56  ARG n 
1 57  GLY n 
1 58  GLY n 
1 59  TYR n 
1 60  THR n 
1 61  SER n 
1 62  SER n 
1 63  GLU n 
1 64  GLU n 
1 65  PHE n 
1 66  ALA n 
1 67  ALA n 
1 68  ASP n 
1 69  ALA n 
1 70  LEU n 
1 71  LEU n 
1 72  VAL n 
1 73  PHE n 
1 74  ASP n 
1 75  ASN n 
1 76  CYS n 
1 77  GLN n 
1 78  THR n 
1 79  PHE n 
1 80  ASN n 
1 81  GLU n 
1 82  ASP n 
1 83  ASP n 
1 84  SER n 
1 85  GLU n 
1 86  VAL n 
1 87  GLY n 
1 88  LYS n 
1 89  ALA n 
1 90  GLY n 
1 91  HIS n 
1 92  ILE n 
1 93  MET n 
1 94  ARG n 
1 95  ARG n 
1 96  PHE n 
1 97  PHE n 
1 98  GLU n 
1 99  SER n 
1 100 ARG n 
1 101 TRP n 
1 102 GLU n 
1 103 GLU n 
1 104 PHE n 
1 105 TYR n 
1 106 GLN n 
# 
_entity_src_gen.entity_id                          1 
_entity_src_gen.pdbx_src_id                        1 
_entity_src_gen.pdbx_alt_source_flag               sample 
_entity_src_gen.pdbx_seq_type                      'Biological sequence' 
_entity_src_gen.pdbx_beg_seq_num                   1 
_entity_src_gen.pdbx_end_seq_num                   106 
_entity_src_gen.gene_src_common_name               Human 
_entity_src_gen.gene_src_genus                     ? 
_entity_src_gen.pdbx_gene_src_gene                 'BAZ2A, KIAA0314, TIP5' 
_entity_src_gen.gene_src_species                   ? 
_entity_src_gen.gene_src_strain                    ? 
_entity_src_gen.gene_src_tissue                    ? 
_entity_src_gen.gene_src_tissue_fraction           ? 
_entity_src_gen.gene_src_details                   ? 
_entity_src_gen.pdbx_gene_src_fragment             ? 
_entity_src_gen.pdbx_gene_src_scientific_name      'Homo sapiens' 
_entity_src_gen.pdbx_gene_src_ncbi_taxonomy_id     9606 
_entity_src_gen.pdbx_gene_src_variant              ? 
_entity_src_gen.pdbx_gene_src_cell_line            ? 
_entity_src_gen.pdbx_gene_src_atcc                 ? 
_entity_src_gen.pdbx_gene_src_organ                ? 
_entity_src_gen.pdbx_gene_src_organelle            ? 
_entity_src_gen.pdbx_gene_src_cell                 ? 
_entity_src_gen.pdbx_gene_src_cellular_location    ? 
_entity_src_gen.host_org_common_name               ? 
_entity_src_gen.pdbx_host_org_scientific_name      'Escherichia coli' 
_entity_src_gen.pdbx_host_org_ncbi_taxonomy_id     562 
_entity_src_gen.host_org_genus                     ? 
_entity_src_gen.pdbx_host_org_gene                 ? 
_entity_src_gen.pdbx_host_org_organ                ? 
_entity_src_gen.host_org_species                   ? 
_entity_src_gen.pdbx_host_org_tissue               ? 
_entity_src_gen.pdbx_host_org_tissue_fraction      ? 
_entity_src_gen.pdbx_host_org_strain               ? 
_entity_src_gen.pdbx_host_org_variant              ? 
_entity_src_gen.pdbx_host_org_cell_line            ? 
_entity_src_gen.pdbx_host_org_atcc                 ? 
_entity_src_gen.pdbx_host_org_culture_collection   ? 
_entity_src_gen.pdbx_host_org_cell                 ? 
_entity_src_gen.pdbx_host_org_organelle            ? 
_entity_src_gen.pdbx_host_org_cellular_location    ? 
_entity_src_gen.pdbx_host_org_vector_type          ? 
_entity_src_gen.pdbx_host_org_vector               ? 
_entity_src_gen.host_org_details                   ? 
_entity_src_gen.expression_system_id               ? 
_entity_src_gen.plasmid_name                       ? 
_entity_src_gen.plasmid_details                    ? 
_entity_src_gen.pdbx_description                   ? 
# 
loop_
_chem_comp.id 
_chem_comp.type 
_chem_comp.mon_nstd_flag 
_chem_comp.name 
_chem_comp.pdbx_synonyms 
_chem_comp.formula 
_chem_comp.formula_weight 
ALA 'L-peptide linking' y ALANINE                                                                             ? 'C3 H7 N O2'     
89.093  
ARG 'L-peptide linking' y ARGININE                                                                            ? 'C6 H15 N4 O2 1' 
175.209 
ASN 'L-peptide linking' y ASPARAGINE                                                                          ? 'C4 H8 N2 O3'    
132.118 
ASP 'L-peptide linking' y 'ASPARTIC ACID'                                                                     ? 'C4 H7 N O4'     
133.103 
CYS 'L-peptide linking' y CYSTEINE                                                                            ? 'C3 H7 N O2 S'   
121.158 
D9T non-polymer         . '~{N}-[(1-azanylcyclohexyl)methyl]-1-methyl-6-oxidanylidene-pyridine-3-carboxamide' ? 'C14 H21 N3 O2'  
263.335 
GLN 'L-peptide linking' y GLUTAMINE                                                                           ? 'C5 H10 N2 O3'   
146.144 
GLU 'L-peptide linking' y 'GLUTAMIC ACID'                                                                     ? 'C5 H9 N O4'     
147.129 
GLY 'peptide linking'   y GLYCINE                                                                             ? 'C2 H5 N O2'     
75.067  
HIS 'L-peptide linking' y HISTIDINE                                                                           ? 'C6 H10 N3 O2 1' 
156.162 
HOH non-polymer         . WATER                                                                               ? 'H2 O'           
18.015  
ILE 'L-peptide linking' y ISOLEUCINE                                                                          ? 'C6 H13 N O2'    
131.173 
LEU 'L-peptide linking' y LEUCINE                                                                             ? 'C6 H13 N O2'    
131.173 
LYS 'L-peptide linking' y LYSINE                                                                              ? 'C6 H15 N2 O2 1' 
147.195 
MET 'L-peptide linking' y METHIONINE                                                                          ? 'C5 H11 N O2 S'  
149.211 
PHE 'L-peptide linking' y PHENYLALANINE                                                                       ? 'C9 H11 N O2'    
165.189 
PRO 'L-peptide linking' y PROLINE                                                                             ? 'C5 H9 N O2'     
115.130 
SER 'L-peptide linking' y SERINE                                                                              ? 'C3 H7 N O3'     
105.093 
THR 'L-peptide linking' y THREONINE                                                                           ? 'C4 H9 N O3'     
119.119 
TRP 'L-peptide linking' y TRYPTOPHAN                                                                          ? 'C11 H12 N2 O2'  
204.225 
TYR 'L-peptide linking' y TYROSINE                                                                            ? 'C9 H11 N O3'    
181.189 
VAL 'L-peptide linking' y VALINE                                                                              ? 'C5 H11 N O2'    
117.146 
# 
loop_
_pdbx_poly_seq_scheme.asym_id 
_pdbx_poly_seq_scheme.entity_id 
_pdbx_poly_seq_scheme.seq_id 
_pdbx_poly_seq_scheme.mon_id 
_pdbx_poly_seq_scheme.ndb_seq_num 
_pdbx_poly_seq_scheme.pdb_seq_num 
_pdbx_poly_seq_scheme.auth_seq_num 
_pdbx_poly_seq_scheme.pdb_mon_id 
_pdbx_poly_seq_scheme.auth_mon_id 
_pdbx_poly_seq_scheme.pdb_strand_id 
_pdbx_poly_seq_scheme.pdb_ins_code 
_pdbx_poly_seq_scheme.hetero 
A 1 1   SER 1   1794 ?    ?   ?   A . n 
A 1 2   MET 2   1795 ?    ?   ?   A . n 
A 1 3   HIS 3   1796 1796 HIS HIS A . n 
A 1 4   SER 4   1797 1797 SER SER A . n 
A 1 5   ASP 5   1798 1798 ASP ASP A . n 
A 1 6   LEU 6   1799 1799 LEU LEU A . n 
A 1 7   THR 7   1800 1800 THR THR A . n 
A 1 8   PHE 8   1801 1801 PHE PHE A . n 
A 1 9   CYS 9   1802 1802 CYS CYS A . n 
A 1 10  GLU 10  1803 1803 GLU GLU A . n 
A 1 11  ILE 11  1804 1804 ILE ILE A . n 
A 1 12  ILE 12  1805 1805 ILE ILE A . n 
A 1 13  LEU 13  1806 1806 LEU LEU A . n 
A 1 14  MET 14  1807 1807 MET MET A . n 
A 1 15  GLU 15  1808 1808 GLU GLU A . n 
A 1 16  MET 16  1809 1809 MET MET A . n 
A 1 17  GLU 17  1810 1810 GLU GLU A . n 
A 1 18  SER 18  1811 1811 SER SER A . n 
A 1 19  HIS 19  1812 1812 HIS HIS A . n 
A 1 20  ASP 20  1813 1813 ASP ASP A . n 
A 1 21  ALA 21  1814 1814 ALA ALA A . n 
A 1 22  ALA 22  1815 1815 ALA ALA A . n 
A 1 23  TRP 23  1816 1816 TRP TRP A . n 
A 1 24  PRO 24  1817 1817 PRO PRO A . n 
A 1 25  PHE 25  1818 1818 PHE PHE A . n 
A 1 26  LEU 26  1819 1819 LEU LEU A . n 
A 1 27  GLU 27  1820 1820 GLU GLU A . n 
A 1 28  PRO 28  1821 1821 PRO PRO A . n 
A 1 29  VAL 29  1822 1822 VAL VAL A . n 
A 1 30  ASN 30  1823 1823 ASN ASN A . n 
A 1 31  PRO 31  1824 1824 PRO PRO A . n 
A 1 32  ARG 32  1825 1825 ARG ARG A . n 
A 1 33  LEU 33  1826 1826 LEU LEU A . n 
A 1 34  VAL 34  1827 1827 VAL VAL A . n 
A 1 35  SER 35  1828 1828 SER SER A . n 
A 1 36  GLY 36  1829 1829 GLY GLY A . n 
A 1 37  TYR 37  1830 1830 TYR TYR A . n 
A 1 38  ARG 38  1831 1831 ARG ARG A . n 
A 1 39  ARG 39  1832 1832 ARG ARG A . n 
A 1 40  ILE 40  1833 1833 ILE ILE A . n 
A 1 41  ILE 41  1834 1834 ILE ILE A . n 
A 1 42  LYS 42  1835 1835 LYS LYS A . n 
A 1 43  ASN 43  1836 1836 ASN ASN A . n 
A 1 44  PRO 44  1837 1837 PRO PRO A . n 
A 1 45  MET 45  1838 1838 MET MET A . n 
A 1 46  ASP 46  1839 1839 ASP ASP A . n 
A 1 47  PHE 47  1840 1840 PHE PHE A . n 
A 1 48  SER 48  1841 1841 SER SER A . n 
A 1 49  THR 49  1842 1842 THR THR A . n 
A 1 50  MET 50  1843 1843 MET MET A . n 
A 1 51  ARG 51  1844 1844 ARG ARG A . n 
A 1 52  GLU 52  1845 1845 GLU GLU A . n 
A 1 53  ARG 53  1846 1846 ARG ARG A . n 
A 1 54  LEU 54  1847 1847 LEU LEU A . n 
A 1 55  LEU 55  1848 1848 LEU LEU A . n 
A 1 56  ARG 56  1849 1849 ARG ARG A . n 
A 1 57  GLY 57  1850 1850 GLY GLY A . n 
A 1 58  GLY 58  1851 1851 GLY GLY A . n 
A 1 59  TYR 59  1852 1852 TYR TYR A . n 
A 1 60  THR 60  1853 1853 THR THR A . n 
A 1 61  SER 61  1854 1854 SER SER A . n 
A 1 62  SER 62  1855 1855 SER SER A . n 
A 1 63  GLU 63  1856 1856 GLU GLU A . n 
A 1 64  GLU 64  1857 1857 GLU GLU A . n 
A 1 65  PHE 65  1858 1858 PHE PHE A . n 
A 1 66  ALA 66  1859 1859 ALA ALA A . n 
A 1 67  ALA 67  1860 1860 ALA ALA A . n 
A 1 68  ASP 68  1861 1861 ASP ASP A . n 
A 1 69  ALA 69  1862 1862 ALA ALA A . n 
A 1 70  LEU 70  1863 1863 LEU LEU A . n 
A 1 71  LEU 71  1864 1864 LEU LEU A . n 
A 1 72  VAL 72  1865 1865 VAL VAL A . n 
A 1 73  PHE 73  1866 1866 PHE PHE A . n 
A 1 74  ASP 74  1867 1867 ASP ASP A . n 
A 1 75  ASN 75  1868 1868 ASN ASN A . n 
A 1 76  CYS 76  1869 1869 CYS CYS A . n 
A 1 77  GLN 77  1870 1870 GLN GLN A . n 
A 1 78  THR 78  1871 1871 THR THR A . n 
A 1 79  PHE 79  1872 1872 PHE PHE A . n 
A 1 80  ASN 80  1873 1873 ASN ASN A . n 
A 1 81  GLU 81  1874 1874 GLU GLU A . n 
A 1 82  ASP 82  1875 1875 ASP ASP A . n 
A 1 83  ASP 83  1876 1876 ASP ASP A . n 
A 1 84  SER 84  1877 1877 SER SER A . n 
A 1 85  GLU 85  1878 1878 GLU GLU A . n 
A 1 86  VAL 86  1879 1879 VAL VAL A . n 
A 1 87  GLY 87  1880 1880 GLY GLY A . n 
A 1 88  LYS 88  1881 1881 LYS LYS A . n 
A 1 89  ALA 89  1882 1882 ALA ALA A . n 
A 1 90  GLY 90  1883 1883 GLY GLY A . n 
A 1 91  HIS 91  1884 1884 HIS HIS A . n 
A 1 92  ILE 92  1885 1885 ILE ILE A . n 
A 1 93  MET 93  1886 1886 MET MET A . n 
A 1 94  ARG 94  1887 1887 ARG ARG A . n 
A 1 95  ARG 95  1888 1888 ARG ARG A . n 
A 1 96  PHE 96  1889 1889 PHE PHE A . n 
A 1 97  PHE 97  1890 1890 PHE PHE A . n 
A 1 98  GLU 98  1891 1891 GLU GLU A . n 
A 1 99  SER 99  1892 1892 SER SER A . n 
A 1 100 ARG 100 1893 1893 ARG ARG A . n 
A 1 101 TRP 101 1894 1894 TRP TRP A . n 
A 1 102 GLU 102 1895 1895 GLU GLU A . n 
A 1 103 GLU 103 1896 1896 GLU GLU A . n 
A 1 104 PHE 104 1897 1897 PHE PHE A . n 
A 1 105 TYR 105 1898 1898 TYR TYR A . n 
A 1 106 GLN 106 1899 ?    ?   ?   A . n 
# 
loop_
_pdbx_nonpoly_scheme.asym_id 
_pdbx_nonpoly_scheme.entity_id 
_pdbx_nonpoly_scheme.mon_id 
_pdbx_nonpoly_scheme.ndb_seq_num 
_pdbx_nonpoly_scheme.pdb_seq_num 
_pdbx_nonpoly_scheme.auth_seq_num 
_pdbx_nonpoly_scheme.pdb_mon_id 
_pdbx_nonpoly_scheme.auth_mon_id 
_pdbx_nonpoly_scheme.pdb_strand_id 
_pdbx_nonpoly_scheme.pdb_ins_code 
B 2 D9T 1  1901 1  D9T LIG A . 
C 3 HOH 1  2001 14 HOH HOH A . 
C 3 HOH 2  2002 12 HOH HOH A . 
C 3 HOH 3  2003 4  HOH HOH A . 
C 3 HOH 4  2004 18 HOH HOH A . 
C 3 HOH 5  2005 3  HOH HOH A . 
C 3 HOH 6  2006 7  HOH HOH A . 
C 3 HOH 7  2007 5  HOH HOH A . 
C 3 HOH 8  2008 15 HOH HOH A . 
C 3 HOH 9  2009 11 HOH HOH A . 
C 3 HOH 10 2010 6  HOH HOH A . 
C 3 HOH 11 2011 9  HOH HOH A . 
C 3 HOH 12 2012 8  HOH HOH A . 
C 3 HOH 13 2013 2  HOH HOH A . 
C 3 HOH 14 2014 1  HOH HOH A . 
C 3 HOH 15 2015 19 HOH HOH A . 
C 3 HOH 16 2016 16 HOH HOH A . 
C 3 HOH 17 2017 24 HOH HOH A . 
# 
loop_
_software.citation_id 
_software.classification 
_software.compiler_name 
_software.compiler_version 
_software.contact_author 
_software.contact_author_email 
_software.date 
_software.description 
_software.dependencies 
_software.hardware 
_software.language 
_software.location 
_software.mods 
_software.name 
_software.os 
_software.os_version 
_software.type 
_software.version 
_software.pdbx_ordinal 
? refinement       ? ? ? ? ? ? ? ? ? ? ? PHENIX  ? ? ? '(1.12_2829: ???)' 1 
? 'data reduction' ? ? ? ? ? ? ? ? ? ? ? XDS     ? ? ? .                  2 
? 'data scaling'   ? ? ? ? ? ? ? ? ? ? ? Aimless ? ? ? .                  3 
? phasing          ? ? ? ? ? ? ? ? ? ? ? PHASER  ? ? ? .                  4 
# 
_cell.angle_alpha                  90.00 
_cell.angle_alpha_esd              ? 
_cell.angle_beta                   90.00 
_cell.angle_beta_esd               ? 
_cell.angle_gamma                  120.00 
_cell.angle_gamma_esd              ? 
_cell.entry_id                     6FGV 
_cell.details                      ? 
_cell.formula_units_Z              ? 
_cell.length_a                     94.786 
_cell.length_a_esd                 ? 
_cell.length_b                     94.786 
_cell.length_b_esd                 ? 
_cell.length_c                     32.780 
_cell.length_c_esd                 ? 
_cell.volume                       ? 
_cell.volume_esd                   ? 
_cell.Z_PDB                        6 
_cell.reciprocal_angle_alpha       ? 
_cell.reciprocal_angle_beta        ? 
_cell.reciprocal_angle_gamma       ? 
_cell.reciprocal_angle_alpha_esd   ? 
_cell.reciprocal_angle_beta_esd    ? 
_cell.reciprocal_angle_gamma_esd   ? 
_cell.reciprocal_length_a          ? 
_cell.reciprocal_length_b          ? 
_cell.reciprocal_length_c          ? 
_cell.reciprocal_length_a_esd      ? 
_cell.reciprocal_length_b_esd      ? 
_cell.reciprocal_length_c_esd      ? 
_cell.pdbx_unique_axis             ? 
# 
_symmetry.entry_id                         6FGV 
_symmetry.cell_setting                     ? 
_symmetry.Int_Tables_number                152 
_symmetry.space_group_name_Hall            ? 
_symmetry.space_group_name_H-M             'P 31 2 1' 
_symmetry.pdbx_full_space_group_name_H-M   ? 
# 
_exptl.absorpt_coefficient_mu     ? 
_exptl.absorpt_correction_T_max   ? 
_exptl.absorpt_correction_T_min   ? 
_exptl.absorpt_correction_type    ? 
_exptl.absorpt_process_details    ? 
_exptl.entry_id                   6FGV 
_exptl.crystals_number            1 
_exptl.details                    ? 
_exptl.method                     'X-RAY DIFFRACTION' 
_exptl.method_details             ? 
# 
_exptl_crystal.colour                      ? 
_exptl_crystal.density_diffrn              ? 
_exptl_crystal.density_Matthews            3.40 
_exptl_crystal.density_method              ? 
_exptl_crystal.density_percent_sol         63.80 
_exptl_crystal.description                 ? 
_exptl_crystal.F_000                       ? 
_exptl_crystal.id                          1 
_exptl_crystal.preparation                 ? 
_exptl_crystal.size_max                    ? 
_exptl_crystal.size_mid                    ? 
_exptl_crystal.size_min                    ? 
_exptl_crystal.size_rad                    ? 
_exptl_crystal.colour_lustre               ? 
_exptl_crystal.colour_modifier             ? 
_exptl_crystal.colour_primary              ? 
_exptl_crystal.density_meas                ? 
_exptl_crystal.density_meas_esd            ? 
_exptl_crystal.density_meas_gt             ? 
_exptl_crystal.density_meas_lt             ? 
_exptl_crystal.density_meas_temp           ? 
_exptl_crystal.density_meas_temp_esd       ? 
_exptl_crystal.density_meas_temp_gt        ? 
_exptl_crystal.density_meas_temp_lt        ? 
_exptl_crystal.pdbx_crystal_image_url      ? 
_exptl_crystal.pdbx_crystal_image_format   ? 
_exptl_crystal.pdbx_mosaicity              ? 
_exptl_crystal.pdbx_mosaicity_esd          ? 
# 
_exptl_crystal_grow.apparatus       ? 
_exptl_crystal_grow.atmosphere      ? 
_exptl_crystal_grow.crystal_id      1 
_exptl_crystal_grow.details         ? 
_exptl_crystal_grow.method          'VAPOR DIFFUSION, SITTING DROP' 
_exptl_crystal_grow.method_ref      ? 
_exptl_crystal_grow.pH              7.5 
_exptl_crystal_grow.pressure        ? 
_exptl_crystal_grow.pressure_esd    ? 
_exptl_crystal_grow.seeding         ? 
_exptl_crystal_grow.seeding_ref     ? 
_exptl_crystal_grow.temp            277 
_exptl_crystal_grow.temp_details    ? 
_exptl_crystal_grow.temp_esd        ? 
_exptl_crystal_grow.time            ? 
_exptl_crystal_grow.pdbx_details    '20% PEG3350, 0.2 M MgCl2' 
_exptl_crystal_grow.pdbx_pH_range   ? 
# 
_diffrn.ambient_environment    ? 
_diffrn.ambient_temp           100 
_diffrn.ambient_temp_details   ? 
_diffrn.ambient_temp_esd       ? 
_diffrn.crystal_id             1 
_diffrn.crystal_support        ? 
_diffrn.crystal_treatment      ? 
_diffrn.details                ? 
_diffrn.id                     1 
_diffrn.ambient_pressure       ? 
_diffrn.ambient_pressure_esd   ? 
_diffrn.ambient_pressure_gt    ? 
_diffrn.ambient_pressure_lt    ? 
_diffrn.ambient_temp_gt        ? 
_diffrn.ambient_temp_lt        ? 
# 
_diffrn_detector.details                      ? 
_diffrn_detector.detector                     PIXEL 
_diffrn_detector.diffrn_id                    1 
_diffrn_detector.type                         'DECTRIS PILATUS 2M' 
_diffrn_detector.area_resol_mean              ? 
_diffrn_detector.dtime                        ? 
_diffrn_detector.pdbx_frames_total            ? 
_diffrn_detector.pdbx_collection_time_total   ? 
_diffrn_detector.pdbx_collection_date         2017-07-10 
# 
_diffrn_radiation.collimation                      ? 
_diffrn_radiation.diffrn_id                        1 
_diffrn_radiation.filter_edge                      ? 
_diffrn_radiation.inhomogeneity                    ? 
_diffrn_radiation.monochromator                    ? 
_diffrn_radiation.polarisn_norm                    ? 
_diffrn_radiation.polarisn_ratio                   ? 
_diffrn_radiation.probe                            ? 
_diffrn_radiation.type                             ? 
_diffrn_radiation.xray_symbol                      ? 
_diffrn_radiation.wavelength_id                    1 
_diffrn_radiation.pdbx_monochromatic_or_laue_m_l   M 
_diffrn_radiation.pdbx_wavelength_list             ? 
_diffrn_radiation.pdbx_wavelength                  ? 
_diffrn_radiation.pdbx_diffrn_protocol             'SINGLE WAVELENGTH' 
_diffrn_radiation.pdbx_analyzer                    ? 
_diffrn_radiation.pdbx_scattering_type             x-ray 
# 
_diffrn_radiation_wavelength.id           1 
_diffrn_radiation_wavelength.wavelength   1.0 
_diffrn_radiation_wavelength.wt           1.0 
# 
_diffrn_source.current                     ? 
_diffrn_source.details                     ? 
_diffrn_source.diffrn_id                   1 
_diffrn_source.power                       ? 
_diffrn_source.size                        ? 
_diffrn_source.source                      SYNCHROTRON 
_diffrn_source.target                      ? 
_diffrn_source.type                        'ELETTRA BEAMLINE 5.2R' 
_diffrn_source.voltage                     ? 
_diffrn_source.take-off_angle              ? 
_diffrn_source.pdbx_wavelength_list        1.0 
_diffrn_source.pdbx_wavelength             ? 
_diffrn_source.pdbx_synchrotron_beamline   5.2R 
_diffrn_source.pdbx_synchrotron_site       ELETTRA 
# 
_reflns.B_iso_Wilson_estimate            ? 
_reflns.entry_id                         6FGV 
_reflns.data_reduction_details           ? 
_reflns.data_reduction_method            ? 
_reflns.d_resolution_high                2.50 
_reflns.d_resolution_low                 47.393 
_reflns.details                          ? 
_reflns.limit_h_max                      ? 
_reflns.limit_h_min                      ? 
_reflns.limit_k_max                      ? 
_reflns.limit_k_min                      ? 
_reflns.limit_l_max                      ? 
_reflns.limit_l_min                      ? 
_reflns.number_all                       ? 
_reflns.number_obs                       6042 
_reflns.observed_criterion               ? 
_reflns.observed_criterion_F_max         ? 
_reflns.observed_criterion_F_min         ? 
_reflns.observed_criterion_I_max         ? 
_reflns.observed_criterion_I_min         ? 
_reflns.observed_criterion_sigma_F       ? 
_reflns.observed_criterion_sigma_I       ? 
_reflns.percent_possible_obs             100 
_reflns.R_free_details                   ? 
_reflns.Rmerge_F_all                     ? 
_reflns.Rmerge_F_obs                     ? 
_reflns.Friedel_coverage                 ? 
_reflns.number_gt                        ? 
_reflns.threshold_expression             ? 
_reflns.pdbx_redundancy                  10.1 
_reflns.pdbx_Rmerge_I_obs                0.106 
_reflns.pdbx_Rmerge_I_all                ? 
_reflns.pdbx_Rsym_value                  ? 
_reflns.pdbx_netI_over_av_sigmaI         ? 
_reflns.pdbx_netI_over_sigmaI            15.8 
_reflns.pdbx_res_netI_over_av_sigmaI_2   ? 
_reflns.pdbx_res_netI_over_sigmaI_2      ? 
_reflns.pdbx_chi_squared                 ? 
_reflns.pdbx_scaling_rejects             ? 
_reflns.pdbx_d_res_high_opt              ? 
_reflns.pdbx_d_res_low_opt               ? 
_reflns.pdbx_d_res_opt_method            ? 
_reflns.phase_calculation_details        ? 
_reflns.pdbx_Rrim_I_all                  0.112 
_reflns.pdbx_Rpim_I_all                  0.035 
_reflns.pdbx_d_opt                       ? 
_reflns.pdbx_number_measured_all         ? 
_reflns.pdbx_diffrn_id                   1 
_reflns.pdbx_ordinal                     1 
_reflns.pdbx_CC_half                     0.999 
_reflns.pdbx_R_split                     ? 
# 
_reflns_shell.d_res_high                  2.50 
_reflns_shell.d_res_low                   2.60 
_reflns_shell.meanI_over_sigI_all         ? 
_reflns_shell.meanI_over_sigI_obs         1.9 
_reflns_shell.number_measured_all         ? 
_reflns_shell.number_measured_obs         ? 
_reflns_shell.number_possible             ? 
_reflns_shell.number_unique_all           ? 
_reflns_shell.number_unique_obs           654 
_reflns_shell.percent_possible_all        100 
_reflns_shell.percent_possible_obs        ? 
_reflns_shell.Rmerge_F_all                ? 
_reflns_shell.Rmerge_F_obs                ? 
_reflns_shell.Rmerge_I_all                ? 
_reflns_shell.Rmerge_I_obs                1.354 
_reflns_shell.meanI_over_sigI_gt          ? 
_reflns_shell.meanI_over_uI_all           ? 
_reflns_shell.meanI_over_uI_gt            ? 
_reflns_shell.number_measured_gt          ? 
_reflns_shell.number_unique_gt            ? 
_reflns_shell.percent_possible_gt         ? 
_reflns_shell.Rmerge_F_gt                 ? 
_reflns_shell.Rmerge_I_gt                 ? 
_reflns_shell.pdbx_redundancy             9.2 
_reflns_shell.pdbx_Rsym_value             ? 
_reflns_shell.pdbx_chi_squared            ? 
_reflns_shell.pdbx_netI_over_sigmaI_all   ? 
_reflns_shell.pdbx_netI_over_sigmaI_obs   ? 
_reflns_shell.pdbx_Rrim_I_all             1.435 
_reflns_shell.pdbx_Rpim_I_all             0.470 
_reflns_shell.pdbx_rejects                ? 
_reflns_shell.pdbx_ordinal                1 
_reflns_shell.pdbx_diffrn_id              1 
_reflns_shell.pdbx_CC_half                0.875 
_reflns_shell.pdbx_R_split                ? 
# 
_refine.aniso_B[1][1]                            ? 
_refine.aniso_B[1][2]                            ? 
_refine.aniso_B[1][3]                            ? 
_refine.aniso_B[2][2]                            ? 
_refine.aniso_B[2][3]                            ? 
_refine.aniso_B[3][3]                            ? 
_refine.B_iso_max                                ? 
_refine.B_iso_mean                               ? 
_refine.B_iso_min                                ? 
_refine.correlation_coeff_Fo_to_Fc               ? 
_refine.correlation_coeff_Fo_to_Fc_free          ? 
_refine.details                                  ? 
_refine.diff_density_max                         ? 
_refine.diff_density_max_esd                     ? 
_refine.diff_density_min                         ? 
_refine.diff_density_min_esd                     ? 
_refine.diff_density_rms                         ? 
_refine.diff_density_rms_esd                     ? 
_refine.entry_id                                 6FGV 
_refine.pdbx_refine_id                           'X-RAY DIFFRACTION' 
_refine.ls_abs_structure_details                 ? 
_refine.ls_abs_structure_Flack                   ? 
_refine.ls_abs_structure_Flack_esd               ? 
_refine.ls_abs_structure_Rogers                  ? 
_refine.ls_abs_structure_Rogers_esd              ? 
_refine.ls_d_res_high                            2.500 
_refine.ls_d_res_low                             47.393 
_refine.ls_extinction_coef                       ? 
_refine.ls_extinction_coef_esd                   ? 
_refine.ls_extinction_expression                 ? 
_refine.ls_extinction_method                     ? 
_refine.ls_goodness_of_fit_all                   ? 
_refine.ls_goodness_of_fit_all_esd               ? 
_refine.ls_goodness_of_fit_obs                   ? 
_refine.ls_goodness_of_fit_obs_esd               ? 
_refine.ls_hydrogen_treatment                    ? 
_refine.ls_matrix_type                           ? 
_refine.ls_number_constraints                    ? 
_refine.ls_number_parameters                     ? 
_refine.ls_number_reflns_all                     ? 
_refine.ls_number_reflns_obs                     6013 
_refine.ls_number_reflns_R_free                  305 
_refine.ls_number_reflns_R_work                  ? 
_refine.ls_number_restraints                     ? 
_refine.ls_percent_reflns_obs                    99.67 
_refine.ls_percent_reflns_R_free                 5.07 
_refine.ls_R_factor_all                          ? 
_refine.ls_R_factor_obs                          0.2302 
_refine.ls_R_factor_R_free                       0.2664 
_refine.ls_R_factor_R_free_error                 ? 
_refine.ls_R_factor_R_free_error_details         ? 
_refine.ls_R_factor_R_work                       0.2282 
_refine.ls_R_Fsqd_factor_obs                     ? 
_refine.ls_R_I_factor_obs                        ? 
_refine.ls_redundancy_reflns_all                 ? 
_refine.ls_redundancy_reflns_obs                 ? 
_refine.ls_restrained_S_all                      ? 
_refine.ls_restrained_S_obs                      ? 
_refine.ls_shift_over_esd_max                    ? 
_refine.ls_shift_over_esd_mean                   ? 
_refine.ls_structure_factor_coef                 ? 
_refine.ls_weighting_details                     ? 
_refine.ls_weighting_scheme                      ? 
_refine.ls_wR_factor_all                         ? 
_refine.ls_wR_factor_obs                         ? 
_refine.ls_wR_factor_R_free                      ? 
_refine.ls_wR_factor_R_work                      ? 
_refine.occupancy_max                            ? 
_refine.occupancy_min                            ? 
_refine.solvent_model_details                    ? 
_refine.solvent_model_param_bsol                 ? 
_refine.solvent_model_param_ksol                 ? 
_refine.ls_R_factor_gt                           ? 
_refine.ls_goodness_of_fit_gt                    ? 
_refine.ls_goodness_of_fit_ref                   ? 
_refine.ls_shift_over_su_max                     ? 
_refine.ls_shift_over_su_max_lt                  ? 
_refine.ls_shift_over_su_mean                    ? 
_refine.ls_shift_over_su_mean_lt                 ? 
_refine.pdbx_ls_sigma_I                          ? 
_refine.pdbx_ls_sigma_F                          1.35 
_refine.pdbx_ls_sigma_Fsqd                       ? 
_refine.pdbx_data_cutoff_high_absF               ? 
_refine.pdbx_data_cutoff_high_rms_absF           ? 
_refine.pdbx_data_cutoff_low_absF                ? 
_refine.pdbx_isotropic_thermal_model             ? 
_refine.pdbx_ls_cross_valid_method               NONE 
_refine.pdbx_method_to_determine_struct          'MOLECULAR REPLACEMENT' 
_refine.pdbx_starting_model                      5MGJ 
_refine.pdbx_stereochemistry_target_values       ? 
_refine.pdbx_R_Free_selection_details            ? 
_refine.pdbx_stereochem_target_val_spec_case     ? 
_refine.pdbx_overall_ESU_R                       ? 
_refine.pdbx_overall_ESU_R_Free                  ? 
_refine.pdbx_solvent_vdw_probe_radii             1.11 
_refine.pdbx_solvent_ion_probe_radii             ? 
_refine.pdbx_solvent_shrinkage_radii             0.90 
_refine.pdbx_real_space_R                        ? 
_refine.pdbx_density_correlation                 ? 
_refine.pdbx_pd_number_of_powder_patterns        ? 
_refine.pdbx_pd_number_of_points                 ? 
_refine.pdbx_pd_meas_number_of_points            ? 
_refine.pdbx_pd_proc_ls_prof_R_factor            ? 
_refine.pdbx_pd_proc_ls_prof_wR_factor           ? 
_refine.pdbx_pd_Marquardt_correlation_coeff      ? 
_refine.pdbx_pd_Fsqrd_R_factor                   ? 
_refine.pdbx_pd_ls_matrix_band_width             ? 
_refine.pdbx_overall_phase_error                 35.22 
_refine.pdbx_overall_SU_R_free_Cruickshank_DPI   ? 
_refine.pdbx_overall_SU_R_free_Blow_DPI          ? 
_refine.pdbx_overall_SU_R_Blow_DPI               ? 
_refine.pdbx_TLS_residual_ADP_flag               ? 
_refine.pdbx_diffrn_id                           1 
_refine.overall_SU_B                             ? 
_refine.overall_SU_ML                            0.33 
_refine.overall_SU_R_Cruickshank_DPI             ? 
_refine.overall_SU_R_free                        ? 
_refine.overall_FOM_free_R_set                   ? 
_refine.overall_FOM_work_R_set                   ? 
_refine.pdbx_average_fsc_overall                 ? 
_refine.pdbx_average_fsc_work                    ? 
_refine.pdbx_average_fsc_free                    ? 
# 
_refine_hist.pdbx_refine_id                   'X-RAY DIFFRACTION' 
_refine_hist.cycle_id                         LAST 
_refine_hist.pdbx_number_atoms_protein        853 
_refine_hist.pdbx_number_atoms_nucleic_acid   0 
_refine_hist.pdbx_number_atoms_ligand         19 
_refine_hist.number_atoms_solvent             17 
_refine_hist.number_atoms_total               889 
_refine_hist.d_res_high                       2.500 
_refine_hist.d_res_low                        47.393 
# 
loop_
_refine_ls_restr.pdbx_refine_id 
_refine_ls_restr.criterion 
_refine_ls_restr.dev_ideal 
_refine_ls_restr.dev_ideal_target 
_refine_ls_restr.number 
_refine_ls_restr.rejects 
_refine_ls_restr.type 
_refine_ls_restr.weight 
_refine_ls_restr.pdbx_restraint_function 
'X-RAY DIFFRACTION' ? 0.005  ? 895  ? f_bond_d           ? ? 
'X-RAY DIFFRACTION' ? 0.650  ? 1207 ? f_angle_d          ? ? 
'X-RAY DIFFRACTION' ? 22.011 ? 526  ? f_dihedral_angle_d ? ? 
'X-RAY DIFFRACTION' ? 0.042  ? 120  ? f_chiral_restr     ? ? 
'X-RAY DIFFRACTION' ? 0.004  ? 158  ? f_plane_restr      ? ? 
# 
loop_
_refine_ls_shell.pdbx_refine_id 
_refine_ls_shell.d_res_high 
_refine_ls_shell.d_res_low 
_refine_ls_shell.number_reflns_all 
_refine_ls_shell.number_reflns_obs 
_refine_ls_shell.number_reflns_R_free 
_refine_ls_shell.number_reflns_R_work 
_refine_ls_shell.percent_reflns_obs 
_refine_ls_shell.percent_reflns_R_free 
_refine_ls_shell.R_factor_all 
_refine_ls_shell.R_factor_obs 
_refine_ls_shell.R_factor_R_free 
_refine_ls_shell.R_factor_R_free_error 
_refine_ls_shell.R_factor_R_work 
_refine_ls_shell.redundancy_reflns_all 
_refine_ls_shell.redundancy_reflns_obs 
_refine_ls_shell.wR_factor_all 
_refine_ls_shell.wR_factor_obs 
_refine_ls_shell.wR_factor_R_free 
_refine_ls_shell.wR_factor_R_work 
_refine_ls_shell.pdbx_total_number_of_bins_used 
_refine_ls_shell.pdbx_phase_error 
_refine_ls_shell.pdbx_fsc_work 
_refine_ls_shell.pdbx_fsc_free 
'X-RAY DIFFRACTION' 2.5001 3.1498  . . 136 2820 100.00 . . . 0.3777 . 0.2982 . . . . . . . . . . 
'X-RAY DIFFRACTION' 3.1498 47.4015 . . 169 2888 100.00 . . . 0.2424 . 0.2092 . . . . . . . . . . 
# 
_struct.entry_id                     6FGV 
_struct.title                        'Crystal Structure of BAZ2A bromodomain in complex with 1-methylpyridinone compound 3' 
_struct.pdbx_model_details           ? 
_struct.pdbx_formula_weight          ? 
_struct.pdbx_formula_weight_method   ? 
_struct.pdbx_model_type_details      ? 
_struct.pdbx_CASP_flag               N 
# 
_struct_keywords.entry_id        6FGV 
_struct_keywords.text            'four helical bundle, transcription' 
_struct_keywords.pdbx_keywords   TRANSCRIPTION 
# 
loop_
_struct_asym.id 
_struct_asym.pdbx_blank_PDB_chainid_flag 
_struct_asym.pdbx_modified 
_struct_asym.entity_id 
_struct_asym.details 
A N N 1 ? 
B N N 2 ? 
C N N 3 ? 
# 
_struct_ref.id                         1 
_struct_ref.db_name                    UNP 
_struct_ref.db_code                    BAZ2A_HUMAN 
_struct_ref.pdbx_db_accession          Q9UIF9 
_struct_ref.pdbx_db_isoform            ? 
_struct_ref.entity_id                  1 
_struct_ref.pdbx_seq_one_letter_code   
;HSDLTFCEIILMEMESHDAAWPFLEPVNPRLVSGYRRIIKNPMDFSTMRERLLRGGYTSSEEFAADALLVFDNCQTFNED
DSEVGKAGHIMRRFFESRWEEFYQ
;
_struct_ref.pdbx_align_begin           1796 
# 
_struct_ref_seq.align_id                      1 
_struct_ref_seq.ref_id                        1 
_struct_ref_seq.pdbx_PDB_id_code              6FGV 
_struct_ref_seq.pdbx_strand_id                A 
_struct_ref_seq.seq_align_beg                 3 
_struct_ref_seq.pdbx_seq_align_beg_ins_code   ? 
_struct_ref_seq.seq_align_end                 106 
_struct_ref_seq.pdbx_seq_align_end_ins_code   ? 
_struct_ref_seq.pdbx_db_accession             Q9UIF9 
_struct_ref_seq.db_align_beg                  1796 
_struct_ref_seq.pdbx_db_align_beg_ins_code    ? 
_struct_ref_seq.db_align_end                  1899 
_struct_ref_seq.pdbx_db_align_end_ins_code    ? 
_struct_ref_seq.pdbx_auth_seq_align_beg       1796 
_struct_ref_seq.pdbx_auth_seq_align_end       1899 
# 
loop_
_struct_ref_seq_dif.align_id 
_struct_ref_seq_dif.pdbx_pdb_id_code 
_struct_ref_seq_dif.mon_id 
_struct_ref_seq_dif.pdbx_pdb_strand_id 
_struct_ref_seq_dif.seq_num 
_struct_ref_seq_dif.pdbx_pdb_ins_code 
_struct_ref_seq_dif.pdbx_seq_db_name 
_struct_ref_seq_dif.pdbx_seq_db_accession_code 
_struct_ref_seq_dif.db_mon_id 
_struct_ref_seq_dif.pdbx_seq_db_seq_num 
_struct_ref_seq_dif.details 
_struct_ref_seq_dif.pdbx_auth_seq_num 
_struct_ref_seq_dif.pdbx_ordinal 
1 6FGV SER A 1 ? UNP Q9UIF9 ? ? 'expression tag' 1794 1 
1 6FGV MET A 2 ? UNP Q9UIF9 ? ? 'expression tag' 1795 2 
# 
_pdbx_struct_assembly.id                   1 
_pdbx_struct_assembly.details              author_and_software_defined_assembly 
_pdbx_struct_assembly.method_details       PISA 
_pdbx_struct_assembly.oligomeric_details   monomeric 
_pdbx_struct_assembly.oligomeric_count     1 
# 
loop_
_pdbx_struct_assembly_prop.biol_id 
_pdbx_struct_assembly_prop.type 
_pdbx_struct_assembly_prop.value 
_pdbx_struct_assembly_prop.details 
1 'ABSA (A^2)' 0    ? 
1 MORE         0    ? 
1 'SSA (A^2)'  6340 ? 
# 
_pdbx_struct_assembly_gen.assembly_id       1 
_pdbx_struct_assembly_gen.oper_expression   1 
_pdbx_struct_assembly_gen.asym_id_list      A,B,C 
# 
_pdbx_struct_assembly_auth_evidence.id                     1 
_pdbx_struct_assembly_auth_evidence.assembly_id            1 
_pdbx_struct_assembly_auth_evidence.experimental_support   'gel filtration' 
_pdbx_struct_assembly_auth_evidence.details                ? 
# 
_pdbx_struct_oper_list.id                   1 
_pdbx_struct_oper_list.type                 'identity operation' 
_pdbx_struct_oper_list.name                 1_555 
_pdbx_struct_oper_list.symmetry_operation   x,y,z 
_pdbx_struct_oper_list.matrix[1][1]         1.0000000000 
_pdbx_struct_oper_list.matrix[1][2]         0.0000000000 
_pdbx_struct_oper_list.matrix[1][3]         0.0000000000 
_pdbx_struct_oper_list.vector[1]            0.0000000000 
_pdbx_struct_oper_list.matrix[2][1]         0.0000000000 
_pdbx_struct_oper_list.matrix[2][2]         1.0000000000 
_pdbx_struct_oper_list.matrix[2][3]         0.0000000000 
_pdbx_struct_oper_list.vector[2]            0.0000000000 
_pdbx_struct_oper_list.matrix[3][1]         0.0000000000 
_pdbx_struct_oper_list.matrix[3][2]         0.0000000000 
_pdbx_struct_oper_list.matrix[3][3]         1.0000000000 
_pdbx_struct_oper_list.vector[3]            0.0000000000 
# 
loop_
_struct_conf.conf_type_id 
_struct_conf.id 
_struct_conf.pdbx_PDB_helix_id 
_struct_conf.beg_label_comp_id 
_struct_conf.beg_label_asym_id 
_struct_conf.beg_label_seq_id 
_struct_conf.pdbx_beg_PDB_ins_code 
_struct_conf.end_label_comp_id 
_struct_conf.end_label_asym_id 
_struct_conf.end_label_seq_id 
_struct_conf.pdbx_end_PDB_ins_code 
_struct_conf.beg_auth_comp_id 
_struct_conf.beg_auth_asym_id 
_struct_conf.beg_auth_seq_id 
_struct_conf.end_auth_comp_id 
_struct_conf.end_auth_asym_id 
_struct_conf.end_auth_seq_id 
_struct_conf.pdbx_PDB_helix_class 
_struct_conf.details 
_struct_conf.pdbx_PDB_helix_length 
HELX_P HELX_P1 AA1 HIS A 3  ? HIS A 19  ? HIS A 1796 HIS A 1812 1 ? 17 
HELX_P HELX_P2 AA2 ASP A 20 ? LEU A 26  ? ASP A 1813 LEU A 1819 5 ? 7  
HELX_P HELX_P3 AA3 GLY A 36 ? ILE A 41  ? GLY A 1829 ILE A 1834 1 ? 6  
HELX_P HELX_P4 AA4 ASP A 46 ? ARG A 56  ? ASP A 1839 ARG A 1849 1 ? 11 
HELX_P HELX_P5 AA5 SER A 61 ? ASN A 80  ? SER A 1854 ASN A 1873 1 ? 20 
HELX_P HELX_P6 AA6 SER A 84 ? TYR A 105 ? SER A 1877 TYR A 1898 1 ? 22 
# 
_struct_conf_type.id          HELX_P 
_struct_conf_type.criteria    ? 
_struct_conf_type.reference   ? 
# 
_struct_site.id                   AC1 
_struct_site.pdbx_evidence_code   Software 
_struct_site.pdbx_auth_asym_id    A 
_struct_site.pdbx_auth_comp_id    D9T 
_struct_site.pdbx_auth_seq_id     1901 
_struct_site.pdbx_auth_ins_code   ? 
_struct_site.pdbx_num_residues    6 
_struct_site.details              'binding site for residue D9T A 1901' 
# 
loop_
_struct_site_gen.id 
_struct_site_gen.site_id 
_struct_site_gen.pdbx_num_res 
_struct_site_gen.label_comp_id 
_struct_site_gen.label_asym_id 
_struct_site_gen.label_seq_id 
_struct_site_gen.pdbx_auth_ins_code 
_struct_site_gen.auth_comp_id 
_struct_site_gen.auth_asym_id 
_struct_site_gen.auth_seq_id 
_struct_site_gen.label_atom_id 
_struct_site_gen.label_alt_id 
_struct_site_gen.symmetry 
_struct_site_gen.details 
1 AC1 6 PRO A 24 ? PRO A 1817 . ? 1_555 ? 
2 AC1 6 VAL A 29 ? VAL A 1822 . ? 1_555 ? 
3 AC1 6 TYR A 37 ? TYR A 1830 . ? 1_555 ? 
4 AC1 6 ASN A 80 ? ASN A 1873 . ? 1_555 ? 
5 AC1 6 VAL A 86 ? VAL A 1879 . ? 1_555 ? 
6 AC1 6 HOH C .  ? HOH A 2005 . ? 1_555 ? 
# 
loop_
_pdbx_unobs_or_zero_occ_residues.id 
_pdbx_unobs_or_zero_occ_residues.PDB_model_num 
_pdbx_unobs_or_zero_occ_residues.polymer_flag 
_pdbx_unobs_or_zero_occ_residues.occupancy_flag 
_pdbx_unobs_or_zero_occ_residues.auth_asym_id 
_pdbx_unobs_or_zero_occ_residues.auth_comp_id 
_pdbx_unobs_or_zero_occ_residues.auth_seq_id 
_pdbx_unobs_or_zero_occ_residues.PDB_ins_code 
_pdbx_unobs_or_zero_occ_residues.label_asym_id 
_pdbx_unobs_or_zero_occ_residues.label_comp_id 
_pdbx_unobs_or_zero_occ_residues.label_seq_id 
1 1 Y 1 A SER 1794 ? A SER 1   
2 1 Y 1 A MET 1795 ? A MET 2   
3 1 Y 1 A GLN 1899 ? A GLN 106 
# 
loop_
_chem_comp_atom.comp_id 
_chem_comp_atom.atom_id 
_chem_comp_atom.type_symbol 
_chem_comp_atom.pdbx_aromatic_flag 
_chem_comp_atom.pdbx_stereo_config 
_chem_comp_atom.pdbx_ordinal 
ALA N    N N N 1   
ALA CA   C N S 2   
ALA C    C N N 3   
ALA O    O N N 4   
ALA CB   C N N 5   
ALA OXT  O N N 6   
ALA H    H N N 7   
ALA H2   H N N 8   
ALA HA   H N N 9   
ALA HB1  H N N 10  
ALA HB2  H N N 11  
ALA HB3  H N N 12  
ALA HXT  H N N 13  
ARG N    N N N 14  
ARG CA   C N S 15  
ARG C    C N N 16  
ARG O    O N N 17  
ARG CB   C N N 18  
ARG CG   C N N 19  
ARG CD   C N N 20  
ARG NE   N N N 21  
ARG CZ   C N N 22  
ARG NH1  N N N 23  
ARG NH2  N N N 24  
ARG OXT  O N N 25  
ARG H    H N N 26  
ARG H2   H N N 27  
ARG HA   H N N 28  
ARG HB2  H N N 29  
ARG HB3  H N N 30  
ARG HG2  H N N 31  
ARG HG3  H N N 32  
ARG HD2  H N N 33  
ARG HD3  H N N 34  
ARG HE   H N N 35  
ARG HH11 H N N 36  
ARG HH12 H N N 37  
ARG HH21 H N N 38  
ARG HH22 H N N 39  
ARG HXT  H N N 40  
ASN N    N N N 41  
ASN CA   C N S 42  
ASN C    C N N 43  
ASN O    O N N 44  
ASN CB   C N N 45  
ASN CG   C N N 46  
ASN OD1  O N N 47  
ASN ND2  N N N 48  
ASN OXT  O N N 49  
ASN H    H N N 50  
ASN H2   H N N 51  
ASN HA   H N N 52  
ASN HB2  H N N 53  
ASN HB3  H N N 54  
ASN HD21 H N N 55  
ASN HD22 H N N 56  
ASN HXT  H N N 57  
ASP N    N N N 58  
ASP CA   C N S 59  
ASP C    C N N 60  
ASP O    O N N 61  
ASP CB   C N N 62  
ASP CG   C N N 63  
ASP OD1  O N N 64  
ASP OD2  O N N 65  
ASP OXT  O N N 66  
ASP H    H N N 67  
ASP H2   H N N 68  
ASP HA   H N N 69  
ASP HB2  H N N 70  
ASP HB3  H N N 71  
ASP HD2  H N N 72  
ASP HXT  H N N 73  
CYS N    N N N 74  
CYS CA   C N R 75  
CYS C    C N N 76  
CYS O    O N N 77  
CYS CB   C N N 78  
CYS SG   S N N 79  
CYS OXT  O N N 80  
CYS H    H N N 81  
CYS H2   H N N 82  
CYS HA   H N N 83  
CYS HB2  H N N 84  
CYS HB3  H N N 85  
CYS HG   H N N 86  
CYS HXT  H N N 87  
D9T C13  C N N 88  
D9T C15  C N N 89  
D9T C17  C N N 90  
D9T C01  C N N 91  
D9T C03  C N N 92  
D9T C04  C N N 93  
D9T C05  C N N 94  
D9T C06  C N N 95  
D9T C07  C N N 96  
D9T C09  C N N 97  
D9T C12  C N N 98  
D9T C16  C N N 99  
D9T C18  C N N 100 
D9T C19  C N N 101 
D9T N02  N N N 102 
D9T N11  N N N 103 
D9T N14  N N N 104 
D9T O08  O N N 105 
D9T O10  O N N 106 
D9T H1   H N N 107 
D9T H2   H N N 108 
D9T H3   H N N 109 
D9T H4   H N N 110 
D9T H5   H N N 111 
D9T H6   H N N 112 
D9T H7   H N N 113 
D9T H8   H N N 114 
D9T H9   H N N 115 
D9T H10  H N N 116 
D9T H11  H N N 117 
D9T H12  H N N 118 
D9T H13  H N N 119 
D9T H14  H N N 120 
D9T H15  H N N 121 
D9T H16  H N N 122 
D9T H17  H N N 123 
D9T H18  H N N 124 
D9T H19  H N N 125 
D9T H20  H N N 126 
D9T H21  H N N 127 
GLN N    N N N 128 
GLN CA   C N S 129 
GLN C    C N N 130 
GLN O    O N N 131 
GLN CB   C N N 132 
GLN CG   C N N 133 
GLN CD   C N N 134 
GLN OE1  O N N 135 
GLN NE2  N N N 136 
GLN OXT  O N N 137 
GLN H    H N N 138 
GLN H2   H N N 139 
GLN HA   H N N 140 
GLN HB2  H N N 141 
GLN HB3  H N N 142 
GLN HG2  H N N 143 
GLN HG3  H N N 144 
GLN HE21 H N N 145 
GLN HE22 H N N 146 
GLN HXT  H N N 147 
GLU N    N N N 148 
GLU CA   C N S 149 
GLU C    C N N 150 
GLU O    O N N 151 
GLU CB   C N N 152 
GLU CG   C N N 153 
GLU CD   C N N 154 
GLU OE1  O N N 155 
GLU OE2  O N N 156 
GLU OXT  O N N 157 
GLU H    H N N 158 
GLU H2   H N N 159 
GLU HA   H N N 160 
GLU HB2  H N N 161 
GLU HB3  H N N 162 
GLU HG2  H N N 163 
GLU HG3  H N N 164 
GLU HE2  H N N 165 
GLU HXT  H N N 166 
GLY N    N N N 167 
GLY CA   C N N 168 
GLY C    C N N 169 
GLY O    O N N 170 
GLY OXT  O N N 171 
GLY H    H N N 172 
GLY H2   H N N 173 
GLY HA2  H N N 174 
GLY HA3  H N N 175 
GLY HXT  H N N 176 
HIS N    N N N 177 
HIS CA   C N S 178 
HIS C    C N N 179 
HIS O    O N N 180 
HIS CB   C N N 181 
HIS CG   C Y N 182 
HIS ND1  N Y N 183 
HIS CD2  C Y N 184 
HIS CE1  C Y N 185 
HIS NE2  N Y N 186 
HIS OXT  O N N 187 
HIS H    H N N 188 
HIS H2   H N N 189 
HIS HA   H N N 190 
HIS HB2  H N N 191 
HIS HB3  H N N 192 
HIS HD1  H N N 193 
HIS HD2  H N N 194 
HIS HE1  H N N 195 
HIS HE2  H N N 196 
HIS HXT  H N N 197 
HOH O    O N N 198 
HOH H1   H N N 199 
HOH H2   H N N 200 
ILE N    N N N 201 
ILE CA   C N S 202 
ILE C    C N N 203 
ILE O    O N N 204 
ILE CB   C N S 205 
ILE CG1  C N N 206 
ILE CG2  C N N 207 
ILE CD1  C N N 208 
ILE OXT  O N N 209 
ILE H    H N N 210 
ILE H2   H N N 211 
ILE HA   H N N 212 
ILE HB   H N N 213 
ILE HG12 H N N 214 
ILE HG13 H N N 215 
ILE HG21 H N N 216 
ILE HG22 H N N 217 
ILE HG23 H N N 218 
ILE HD11 H N N 219 
ILE HD12 H N N 220 
ILE HD13 H N N 221 
ILE HXT  H N N 222 
LEU N    N N N 223 
LEU CA   C N S 224 
LEU C    C N N 225 
LEU O    O N N 226 
LEU CB   C N N 227 
LEU CG   C N N 228 
LEU CD1  C N N 229 
LEU CD2  C N N 230 
LEU OXT  O N N 231 
LEU H    H N N 232 
LEU H2   H N N 233 
LEU HA   H N N 234 
LEU HB2  H N N 235 
LEU HB3  H N N 236 
LEU HG   H N N 237 
LEU HD11 H N N 238 
LEU HD12 H N N 239 
LEU HD13 H N N 240 
LEU HD21 H N N 241 
LEU HD22 H N N 242 
LEU HD23 H N N 243 
LEU HXT  H N N 244 
LYS N    N N N 245 
LYS CA   C N S 246 
LYS C    C N N 247 
LYS O    O N N 248 
LYS CB   C N N 249 
LYS CG   C N N 250 
LYS CD   C N N 251 
LYS CE   C N N 252 
LYS NZ   N N N 253 
LYS OXT  O N N 254 
LYS H    H N N 255 
LYS H2   H N N 256 
LYS HA   H N N 257 
LYS HB2  H N N 258 
LYS HB3  H N N 259 
LYS HG2  H N N 260 
LYS HG3  H N N 261 
LYS HD2  H N N 262 
LYS HD3  H N N 263 
LYS HE2  H N N 264 
LYS HE3  H N N 265 
LYS HZ1  H N N 266 
LYS HZ2  H N N 267 
LYS HZ3  H N N 268 
LYS HXT  H N N 269 
MET N    N N N 270 
MET CA   C N S 271 
MET C    C N N 272 
MET O    O N N 273 
MET CB   C N N 274 
MET CG   C N N 275 
MET SD   S N N 276 
MET CE   C N N 277 
MET OXT  O N N 278 
MET H    H N N 279 
MET H2   H N N 280 
MET HA   H N N 281 
MET HB2  H N N 282 
MET HB3  H N N 283 
MET HG2  H N N 284 
MET HG3  H N N 285 
MET HE1  H N N 286 
MET HE2  H N N 287 
MET HE3  H N N 288 
MET HXT  H N N 289 
PHE N    N N N 290 
PHE CA   C N S 291 
PHE C    C N N 292 
PHE O    O N N 293 
PHE CB   C N N 294 
PHE CG   C Y N 295 
PHE CD1  C Y N 296 
PHE CD2  C Y N 297 
PHE CE1  C Y N 298 
PHE CE2  C Y N 299 
PHE CZ   C Y N 300 
PHE OXT  O N N 301 
PHE H    H N N 302 
PHE H2   H N N 303 
PHE HA   H N N 304 
PHE HB2  H N N 305 
PHE HB3  H N N 306 
PHE HD1  H N N 307 
PHE HD2  H N N 308 
PHE HE1  H N N 309 
PHE HE2  H N N 310 
PHE HZ   H N N 311 
PHE HXT  H N N 312 
PRO N    N N N 313 
PRO CA   C N S 314 
PRO C    C N N 315 
PRO O    O N N 316 
PRO CB   C N N 317 
PRO CG   C N N 318 
PRO CD   C N N 319 
PRO OXT  O N N 320 
PRO H    H N N 321 
PRO HA   H N N 322 
PRO HB2  H N N 323 
PRO HB3  H N N 324 
PRO HG2  H N N 325 
PRO HG3  H N N 326 
PRO HD2  H N N 327 
PRO HD3  H N N 328 
PRO HXT  H N N 329 
SER N    N N N 330 
SER CA   C N S 331 
SER C    C N N 332 
SER O    O N N 333 
SER CB   C N N 334 
SER OG   O N N 335 
SER OXT  O N N 336 
SER H    H N N 337 
SER H2   H N N 338 
SER HA   H N N 339 
SER HB2  H N N 340 
SER HB3  H N N 341 
SER HG   H N N 342 
SER HXT  H N N 343 
THR N    N N N 344 
THR CA   C N S 345 
THR C    C N N 346 
THR O    O N N 347 
THR CB   C N R 348 
THR OG1  O N N 349 
THR CG2  C N N 350 
THR OXT  O N N 351 
THR H    H N N 352 
THR H2   H N N 353 
THR HA   H N N 354 
THR HB   H N N 355 
THR HG1  H N N 356 
THR HG21 H N N 357 
THR HG22 H N N 358 
THR HG23 H N N 359 
THR HXT  H N N 360 
TRP N    N N N 361 
TRP CA   C N S 362 
TRP C    C N N 363 
TRP O    O N N 364 
TRP CB   C N N 365 
TRP CG   C Y N 366 
TRP CD1  C Y N 367 
TRP CD2  C Y N 368 
TRP NE1  N Y N 369 
TRP CE2  C Y N 370 
TRP CE3  C Y N 371 
TRP CZ2  C Y N 372 
TRP CZ3  C Y N 373 
TRP CH2  C Y N 374 
TRP OXT  O N N 375 
TRP H    H N N 376 
TRP H2   H N N 377 
TRP HA   H N N 378 
TRP HB2  H N N 379 
TRP HB3  H N N 380 
TRP HD1  H N N 381 
TRP HE1  H N N 382 
TRP HE3  H N N 383 
TRP HZ2  H N N 384 
TRP HZ3  H N N 385 
TRP HH2  H N N 386 
TRP HXT  H N N 387 
TYR N    N N N 388 
TYR CA   C N S 389 
TYR C    C N N 390 
TYR O    O N N 391 
TYR CB   C N N 392 
TYR CG   C Y N 393 
TYR CD1  C Y N 394 
TYR CD2  C Y N 395 
TYR CE1  C Y N 396 
TYR CE2  C Y N 397 
TYR CZ   C Y N 398 
TYR OH   O N N 399 
TYR OXT  O N N 400 
TYR H    H N N 401 
TYR H2   H N N 402 
TYR HA   H N N 403 
TYR HB2  H N N 404 
TYR HB3  H N N 405 
TYR HD1  H N N 406 
TYR HD2  H N N 407 
TYR HE1  H N N 408 
TYR HE2  H N N 409 
TYR HH   H N N 410 
TYR HXT  H N N 411 
VAL N    N N N 412 
VAL CA   C N S 413 
VAL C    C N N 414 
VAL O    O N N 415 
VAL CB   C N N 416 
VAL CG1  C N N 417 
VAL CG2  C N N 418 
VAL OXT  O N N 419 
VAL H    H N N 420 
VAL H2   H N N 421 
VAL HA   H N N 422 
VAL HB   H N N 423 
VAL HG11 H N N 424 
VAL HG12 H N N 425 
VAL HG13 H N N 426 
VAL HG21 H N N 427 
VAL HG22 H N N 428 
VAL HG23 H N N 429 
VAL HXT  H N N 430 
# 
loop_
_chem_comp_bond.comp_id 
_chem_comp_bond.atom_id_1 
_chem_comp_bond.atom_id_2 
_chem_comp_bond.value_order 
_chem_comp_bond.pdbx_aromatic_flag 
_chem_comp_bond.pdbx_stereo_config 
_chem_comp_bond.pdbx_ordinal 
ALA N   CA   sing N N 1   
ALA N   H    sing N N 2   
ALA N   H2   sing N N 3   
ALA CA  C    sing N N 4   
ALA CA  CB   sing N N 5   
ALA CA  HA   sing N N 6   
ALA C   O    doub N N 7   
ALA C   OXT  sing N N 8   
ALA CB  HB1  sing N N 9   
ALA CB  HB2  sing N N 10  
ALA CB  HB3  sing N N 11  
ALA OXT HXT  sing N N 12  
ARG N   CA   sing N N 13  
ARG N   H    sing N N 14  
ARG N   H2   sing N N 15  
ARG CA  C    sing N N 16  
ARG CA  CB   sing N N 17  
ARG CA  HA   sing N N 18  
ARG C   O    doub N N 19  
ARG C   OXT  sing N N 20  
ARG CB  CG   sing N N 21  
ARG CB  HB2  sing N N 22  
ARG CB  HB3  sing N N 23  
ARG CG  CD   sing N N 24  
ARG CG  HG2  sing N N 25  
ARG CG  HG3  sing N N 26  
ARG CD  NE   sing N N 27  
ARG CD  HD2  sing N N 28  
ARG CD  HD3  sing N N 29  
ARG NE  CZ   sing N N 30  
ARG NE  HE   sing N N 31  
ARG CZ  NH1  sing N N 32  
ARG CZ  NH2  doub N N 33  
ARG NH1 HH11 sing N N 34  
ARG NH1 HH12 sing N N 35  
ARG NH2 HH21 sing N N 36  
ARG NH2 HH22 sing N N 37  
ARG OXT HXT  sing N N 38  
ASN N   CA   sing N N 39  
ASN N   H    sing N N 40  
ASN N   H2   sing N N 41  
ASN CA  C    sing N N 42  
ASN CA  CB   sing N N 43  
ASN CA  HA   sing N N 44  
ASN C   O    doub N N 45  
ASN C   OXT  sing N N 46  
ASN CB  CG   sing N N 47  
ASN CB  HB2  sing N N 48  
ASN CB  HB3  sing N N 49  
ASN CG  OD1  doub N N 50  
ASN CG  ND2  sing N N 51  
ASN ND2 HD21 sing N N 52  
ASN ND2 HD22 sing N N 53  
ASN OXT HXT  sing N N 54  
ASP N   CA   sing N N 55  
ASP N   H    sing N N 56  
ASP N   H2   sing N N 57  
ASP CA  C    sing N N 58  
ASP CA  CB   sing N N 59  
ASP CA  HA   sing N N 60  
ASP C   O    doub N N 61  
ASP C   OXT  sing N N 62  
ASP CB  CG   sing N N 63  
ASP CB  HB2  sing N N 64  
ASP CB  HB3  sing N N 65  
ASP CG  OD1  doub N N 66  
ASP CG  OD2  sing N N 67  
ASP OD2 HD2  sing N N 68  
ASP OXT HXT  sing N N 69  
CYS N   CA   sing N N 70  
CYS N   H    sing N N 71  
CYS N   H2   sing N N 72  
CYS CA  C    sing N N 73  
CYS CA  CB   sing N N 74  
CYS CA  HA   sing N N 75  
CYS C   O    doub N N 76  
CYS C   OXT  sing N N 77  
CYS CB  SG   sing N N 78  
CYS CB  HB2  sing N N 79  
CYS CB  HB3  sing N N 80  
CYS SG  HG   sing N N 81  
CYS OXT HXT  sing N N 82  
D9T O10 C09  doub N N 83  
D9T C09 N11  sing N N 84  
D9T C09 C04  sing N N 85  
D9T N14 C13  sing N N 86  
D9T C12 N11  sing N N 87  
D9T C12 C13  sing N N 88  
D9T C04 C03  doub N N 89  
D9T C04 C05  sing N N 90  
D9T C03 N02  sing N N 91  
D9T C15 C13  sing N N 92  
D9T C15 C16  sing N N 93  
D9T C05 C06  doub N N 94  
D9T C13 C19  sing N N 95  
D9T N02 C01  sing N N 96  
D9T N02 C07  sing N N 97  
D9T C06 C07  sing N N 98  
D9T C07 O08  doub N N 99  
D9T C16 C17  sing N N 100 
D9T C19 C18  sing N N 101 
D9T C17 C18  sing N N 102 
D9T C15 H1   sing N N 103 
D9T C15 H2   sing N N 104 
D9T C17 H3   sing N N 105 
D9T C17 H4   sing N N 106 
D9T C01 H5   sing N N 107 
D9T C01 H6   sing N N 108 
D9T C01 H7   sing N N 109 
D9T C03 H8   sing N N 110 
D9T C05 H9   sing N N 111 
D9T C06 H10  sing N N 112 
D9T C12 H11  sing N N 113 
D9T C12 H12  sing N N 114 
D9T C16 H13  sing N N 115 
D9T C16 H14  sing N N 116 
D9T C18 H15  sing N N 117 
D9T C18 H16  sing N N 118 
D9T C19 H17  sing N N 119 
D9T C19 H18  sing N N 120 
D9T N11 H19  sing N N 121 
D9T N14 H20  sing N N 122 
D9T N14 H21  sing N N 123 
GLN N   CA   sing N N 124 
GLN N   H    sing N N 125 
GLN N   H2   sing N N 126 
GLN CA  C    sing N N 127 
GLN CA  CB   sing N N 128 
GLN CA  HA   sing N N 129 
GLN C   O    doub N N 130 
GLN C   OXT  sing N N 131 
GLN CB  CG   sing N N 132 
GLN CB  HB2  sing N N 133 
GLN CB  HB3  sing N N 134 
GLN CG  CD   sing N N 135 
GLN CG  HG2  sing N N 136 
GLN CG  HG3  sing N N 137 
GLN CD  OE1  doub N N 138 
GLN CD  NE2  sing N N 139 
GLN NE2 HE21 sing N N 140 
GLN NE2 HE22 sing N N 141 
GLN OXT HXT  sing N N 142 
GLU N   CA   sing N N 143 
GLU N   H    sing N N 144 
GLU N   H2   sing N N 145 
GLU CA  C    sing N N 146 
GLU CA  CB   sing N N 147 
GLU CA  HA   sing N N 148 
GLU C   O    doub N N 149 
GLU C   OXT  sing N N 150 
GLU CB  CG   sing N N 151 
GLU CB  HB2  sing N N 152 
GLU CB  HB3  sing N N 153 
GLU CG  CD   sing N N 154 
GLU CG  HG2  sing N N 155 
GLU CG  HG3  sing N N 156 
GLU CD  OE1  doub N N 157 
GLU CD  OE2  sing N N 158 
GLU OE2 HE2  sing N N 159 
GLU OXT HXT  sing N N 160 
GLY N   CA   sing N N 161 
GLY N   H    sing N N 162 
GLY N   H2   sing N N 163 
GLY CA  C    sing N N 164 
GLY CA  HA2  sing N N 165 
GLY CA  HA3  sing N N 166 
GLY C   O    doub N N 167 
GLY C   OXT  sing N N 168 
GLY OXT HXT  sing N N 169 
HIS N   CA   sing N N 170 
HIS N   H    sing N N 171 
HIS N   H2   sing N N 172 
HIS CA  C    sing N N 173 
HIS CA  CB   sing N N 174 
HIS CA  HA   sing N N 175 
HIS C   O    doub N N 176 
HIS C   OXT  sing N N 177 
HIS CB  CG   sing N N 178 
HIS CB  HB2  sing N N 179 
HIS CB  HB3  sing N N 180 
HIS CG  ND1  sing Y N 181 
HIS CG  CD2  doub Y N 182 
HIS ND1 CE1  doub Y N 183 
HIS ND1 HD1  sing N N 184 
HIS CD2 NE2  sing Y N 185 
HIS CD2 HD2  sing N N 186 
HIS CE1 NE2  sing Y N 187 
HIS CE1 HE1  sing N N 188 
HIS NE2 HE2  sing N N 189 
HIS OXT HXT  sing N N 190 
HOH O   H1   sing N N 191 
HOH O   H2   sing N N 192 
ILE N   CA   sing N N 193 
ILE N   H    sing N N 194 
ILE N   H2   sing N N 195 
ILE CA  C    sing N N 196 
ILE CA  CB   sing N N 197 
ILE CA  HA   sing N N 198 
ILE C   O    doub N N 199 
ILE C   OXT  sing N N 200 
ILE CB  CG1  sing N N 201 
ILE CB  CG2  sing N N 202 
ILE CB  HB   sing N N 203 
ILE CG1 CD1  sing N N 204 
ILE CG1 HG12 sing N N 205 
ILE CG1 HG13 sing N N 206 
ILE CG2 HG21 sing N N 207 
ILE CG2 HG22 sing N N 208 
ILE CG2 HG23 sing N N 209 
ILE CD1 HD11 sing N N 210 
ILE CD1 HD12 sing N N 211 
ILE CD1 HD13 sing N N 212 
ILE OXT HXT  sing N N 213 
LEU N   CA   sing N N 214 
LEU N   H    sing N N 215 
LEU N   H2   sing N N 216 
LEU CA  C    sing N N 217 
LEU CA  CB   sing N N 218 
LEU CA  HA   sing N N 219 
LEU C   O    doub N N 220 
LEU C   OXT  sing N N 221 
LEU CB  CG   sing N N 222 
LEU CB  HB2  sing N N 223 
LEU CB  HB3  sing N N 224 
LEU CG  CD1  sing N N 225 
LEU CG  CD2  sing N N 226 
LEU CG  HG   sing N N 227 
LEU CD1 HD11 sing N N 228 
LEU CD1 HD12 sing N N 229 
LEU CD1 HD13 sing N N 230 
LEU CD2 HD21 sing N N 231 
LEU CD2 HD22 sing N N 232 
LEU CD2 HD23 sing N N 233 
LEU OXT HXT  sing N N 234 
LYS N   CA   sing N N 235 
LYS N   H    sing N N 236 
LYS N   H2   sing N N 237 
LYS CA  C    sing N N 238 
LYS CA  CB   sing N N 239 
LYS CA  HA   sing N N 240 
LYS C   O    doub N N 241 
LYS C   OXT  sing N N 242 
LYS CB  CG   sing N N 243 
LYS CB  HB2  sing N N 244 
LYS CB  HB3  sing N N 245 
LYS CG  CD   sing N N 246 
LYS CG  HG2  sing N N 247 
LYS CG  HG3  sing N N 248 
LYS CD  CE   sing N N 249 
LYS CD  HD2  sing N N 250 
LYS CD  HD3  sing N N 251 
LYS CE  NZ   sing N N 252 
LYS CE  HE2  sing N N 253 
LYS CE  HE3  sing N N 254 
LYS NZ  HZ1  sing N N 255 
LYS NZ  HZ2  sing N N 256 
LYS NZ  HZ3  sing N N 257 
LYS OXT HXT  sing N N 258 
MET N   CA   sing N N 259 
MET N   H    sing N N 260 
MET N   H2   sing N N 261 
MET CA  C    sing N N 262 
MET CA  CB   sing N N 263 
MET CA  HA   sing N N 264 
MET C   O    doub N N 265 
MET C   OXT  sing N N 266 
MET CB  CG   sing N N 267 
MET CB  HB2  sing N N 268 
MET CB  HB3  sing N N 269 
MET CG  SD   sing N N 270 
MET CG  HG2  sing N N 271 
MET CG  HG3  sing N N 272 
MET SD  CE   sing N N 273 
MET CE  HE1  sing N N 274 
MET CE  HE2  sing N N 275 
MET CE  HE3  sing N N 276 
MET OXT HXT  sing N N 277 
PHE N   CA   sing N N 278 
PHE N   H    sing N N 279 
PHE N   H2   sing N N 280 
PHE CA  C    sing N N 281 
PHE CA  CB   sing N N 282 
PHE CA  HA   sing N N 283 
PHE C   O    doub N N 284 
PHE C   OXT  sing N N 285 
PHE CB  CG   sing N N 286 
PHE CB  HB2  sing N N 287 
PHE CB  HB3  sing N N 288 
PHE CG  CD1  doub Y N 289 
PHE CG  CD2  sing Y N 290 
PHE CD1 CE1  sing Y N 291 
PHE CD1 HD1  sing N N 292 
PHE CD2 CE2  doub Y N 293 
PHE CD2 HD2  sing N N 294 
PHE CE1 CZ   doub Y N 295 
PHE CE1 HE1  sing N N 296 
PHE CE2 CZ   sing Y N 297 
PHE CE2 HE2  sing N N 298 
PHE CZ  HZ   sing N N 299 
PHE OXT HXT  sing N N 300 
PRO N   CA   sing N N 301 
PRO N   CD   sing N N 302 
PRO N   H    sing N N 303 
PRO CA  C    sing N N 304 
PRO CA  CB   sing N N 305 
PRO CA  HA   sing N N 306 
PRO C   O    doub N N 307 
PRO C   OXT  sing N N 308 
PRO CB  CG   sing N N 309 
PRO CB  HB2  sing N N 310 
PRO CB  HB3  sing N N 311 
PRO CG  CD   sing N N 312 
PRO CG  HG2  sing N N 313 
PRO CG  HG3  sing N N 314 
PRO CD  HD2  sing N N 315 
PRO CD  HD3  sing N N 316 
PRO OXT HXT  sing N N 317 
SER N   CA   sing N N 318 
SER N   H    sing N N 319 
SER N   H2   sing N N 320 
SER CA  C    sing N N 321 
SER CA  CB   sing N N 322 
SER CA  HA   sing N N 323 
SER C   O    doub N N 324 
SER C   OXT  sing N N 325 
SER CB  OG   sing N N 326 
SER CB  HB2  sing N N 327 
SER CB  HB3  sing N N 328 
SER OG  HG   sing N N 329 
SER OXT HXT  sing N N 330 
THR N   CA   sing N N 331 
THR N   H    sing N N 332 
THR N   H2   sing N N 333 
THR CA  C    sing N N 334 
THR CA  CB   sing N N 335 
THR CA  HA   sing N N 336 
THR C   O    doub N N 337 
THR C   OXT  sing N N 338 
THR CB  OG1  sing N N 339 
THR CB  CG2  sing N N 340 
THR CB  HB   sing N N 341 
THR OG1 HG1  sing N N 342 
THR CG2 HG21 sing N N 343 
THR CG2 HG22 sing N N 344 
THR CG2 HG23 sing N N 345 
THR OXT HXT  sing N N 346 
TRP N   CA   sing N N 347 
TRP N   H    sing N N 348 
TRP N   H2   sing N N 349 
TRP CA  C    sing N N 350 
TRP CA  CB   sing N N 351 
TRP CA  HA   sing N N 352 
TRP C   O    doub N N 353 
TRP C   OXT  sing N N 354 
TRP CB  CG   sing N N 355 
TRP CB  HB2  sing N N 356 
TRP CB  HB3  sing N N 357 
TRP CG  CD1  doub Y N 358 
TRP CG  CD2  sing Y N 359 
TRP CD1 NE1  sing Y N 360 
TRP CD1 HD1  sing N N 361 
TRP CD2 CE2  doub Y N 362 
TRP CD2 CE3  sing Y N 363 
TRP NE1 CE2  sing Y N 364 
TRP NE1 HE1  sing N N 365 
TRP CE2 CZ2  sing Y N 366 
TRP CE3 CZ3  doub Y N 367 
TRP CE3 HE3  sing N N 368 
TRP CZ2 CH2  doub Y N 369 
TRP CZ2 HZ2  sing N N 370 
TRP CZ3 CH2  sing Y N 371 
TRP CZ3 HZ3  sing N N 372 
TRP CH2 HH2  sing N N 373 
TRP OXT HXT  sing N N 374 
TYR N   CA   sing N N 375 
TYR N   H    sing N N 376 
TYR N   H2   sing N N 377 
TYR CA  C    sing N N 378 
TYR CA  CB   sing N N 379 
TYR CA  HA   sing N N 380 
TYR C   O    doub N N 381 
TYR C   OXT  sing N N 382 
TYR CB  CG   sing N N 383 
TYR CB  HB2  sing N N 384 
TYR CB  HB3  sing N N 385 
TYR CG  CD1  doub Y N 386 
TYR CG  CD2  sing Y N 387 
TYR CD1 CE1  sing Y N 388 
TYR CD1 HD1  sing N N 389 
TYR CD2 CE2  doub Y N 390 
TYR CD2 HD2  sing N N 391 
TYR CE1 CZ   doub Y N 392 
TYR CE1 HE1  sing N N 393 
TYR CE2 CZ   sing Y N 394 
TYR CE2 HE2  sing N N 395 
TYR CZ  OH   sing N N 396 
TYR OH  HH   sing N N 397 
TYR OXT HXT  sing N N 398 
VAL N   CA   sing N N 399 
VAL N   H    sing N N 400 
VAL N   H2   sing N N 401 
VAL CA  C    sing N N 402 
VAL CA  CB   sing N N 403 
VAL CA  HA   sing N N 404 
VAL C   O    doub N N 405 
VAL C   OXT  sing N N 406 
VAL CB  CG1  sing N N 407 
VAL CB  CG2  sing N N 408 
VAL CB  HB   sing N N 409 
VAL CG1 HG11 sing N N 410 
VAL CG1 HG12 sing N N 411 
VAL CG1 HG13 sing N N 412 
VAL CG2 HG21 sing N N 413 
VAL CG2 HG22 sing N N 414 
VAL CG2 HG23 sing N N 415 
VAL OXT HXT  sing N N 416 
# 
_pdbx_audit_support.funding_organization   'Swiss National Science Foundation' 
_pdbx_audit_support.country                Switzerland 
_pdbx_audit_support.grant_number           31003A_169007 
_pdbx_audit_support.ordinal                1 
# 
_pdbx_entity_instance_feature.ordinal        1 
_pdbx_entity_instance_feature.comp_id        D9T 
_pdbx_entity_instance_feature.asym_id        ? 
_pdbx_entity_instance_feature.seq_num        ? 
_pdbx_entity_instance_feature.auth_comp_id   D9T 
_pdbx_entity_instance_feature.auth_asym_id   ? 
_pdbx_entity_instance_feature.auth_seq_num   ? 
_pdbx_entity_instance_feature.feature_type   'SUBJECT OF INVESTIGATION' 
_pdbx_entity_instance_feature.details        ? 
# 
_pdbx_initial_refinement_model.id               1 
_pdbx_initial_refinement_model.entity_id_list   ? 
_pdbx_initial_refinement_model.type             'experimental model' 
_pdbx_initial_refinement_model.source_name      PDB 
_pdbx_initial_refinement_model.accession_code   5MGJ 
_pdbx_initial_refinement_model.details          ? 
# 
_atom_sites.entry_id                    6FGV 
_atom_sites.fract_transf_matrix[1][1]   0.00783221 
_atom_sites.fract_transf_matrix[1][2]   0.00495940 
_atom_sites.fract_transf_matrix[1][3]   -0.00790340 
_atom_sites.fract_transf_matrix[2][1]   0.00511315 
_atom_sites.fract_transf_matrix[2][2]   0.01078323 
_atom_sites.fract_transf_matrix[2][3]   0.00244515 
_atom_sites.fract_transf_matrix[3][1]   0.02310750 
_atom_sites.fract_transf_matrix[3][2]   -0.01413791 
_atom_sites.fract_transf_matrix[3][3]   0.01402780 
_atom_sites.fract_transf_vector[1]      0.144422 
_atom_sites.fract_transf_vector[2]      -0.364925 
_atom_sites.fract_transf_vector[3]      1.006784 
# 
loop_
_atom_type.symbol 
C 
N 
O 
S 
# 
loop_
_atom_site.group_PDB 
_atom_site.id 
_atom_site.type_symbol 
_atom_site.label_atom_id 
_atom_site.label_alt_id 
_atom_site.label_comp_id 
_atom_site.label_asym_id 
_atom_site.label_entity_id 
_atom_site.label_seq_id 
_atom_site.pdbx_PDB_ins_code 
_atom_site.Cartn_x 
_atom_site.Cartn_y 
_atom_site.Cartn_z 
_atom_site.occupancy 
_atom_site.B_iso_or_equiv 
_atom_site.pdbx_formal_charge 
_atom_site.auth_seq_id 
_atom_site.auth_comp_id 
_atom_site.auth_asym_id 
_atom_site.auth_atom_id 
_atom_site.pdbx_PDB_model_num 
ATOM   1   N N   . HIS A 1 3   ? 10.168  16.563  9.402   1.00 112.91 ? 1796 HIS A N   1 
ATOM   2   C CA  . HIS A 1 3   ? 10.414  15.702  8.250   1.00 115.95 ? 1796 HIS A CA  1 
ATOM   3   C C   . HIS A 1 3   ? 11.223  14.468  8.661   1.00 111.33 ? 1796 HIS A C   1 
ATOM   4   O O   . HIS A 1 3   ? 11.404  13.544  7.864   1.00 108.89 ? 1796 HIS A O   1 
ATOM   5   C CB  . HIS A 1 3   ? 11.134  16.481  7.138   1.00 120.33 ? 1796 HIS A CB  1 
ATOM   6   C CG  . HIS A 1 3   ? 11.073  15.824  5.790   1.00 119.93 ? 1796 HIS A CG  1 
ATOM   7   N ND1 . HIS A 1 3   ? 11.195  14.461  5.611   1.00 116.42 ? 1796 HIS A ND1 1 
ATOM   8   C CD2 . HIS A 1 3   ? 10.907  16.350  4.552   1.00 116.94 ? 1796 HIS A CD2 1 
ATOM   9   C CE1 . HIS A 1 3   ? 11.105  14.176  4.323   1.00 112.27 ? 1796 HIS A CE1 1 
ATOM   10  N NE2 . HIS A 1 3   ? 10.930  15.304  3.659   1.00 117.93 ? 1796 HIS A NE2 1 
ATOM   11  N N   . SER A 1 4   ? 11.712  14.456  9.906   1.00 116.22 ? 1797 SER A N   1 
ATOM   12  C CA  . SER A 1 4   ? 12.327  13.243  10.439  1.00 118.79 ? 1797 SER A CA  1 
ATOM   13  C C   . SER A 1 4   ? 11.318  12.104  10.548  1.00 117.94 ? 1797 SER A C   1 
ATOM   14  O O   . SER A 1 4   ? 11.715  10.934  10.613  1.00 115.58 ? 1797 SER A O   1 
ATOM   15  C CB  . SER A 1 4   ? 12.977  13.521  11.804  1.00 115.69 ? 1797 SER A CB  1 
ATOM   16  O OG  . SER A 1 4   ? 12.051  14.053  12.739  1.00 114.58 ? 1797 SER A OG  1 
ATOM   17  N N   . ASP A 1 5   ? 10.021  12.425  10.573  1.00 115.05 ? 1798 ASP A N   1 
ATOM   18  C CA  . ASP A 1 5   ? 9.001   11.395  10.411  1.00 115.00 ? 1798 ASP A CA  1 
ATOM   19  C C   . ASP A 1 5   ? 9.026   10.823  8.997   1.00 111.63 ? 1798 ASP A C   1 
ATOM   20  O O   . ASP A 1 5   ? 8.998   9.599   8.811   1.00 110.98 ? 1798 ASP A O   1 
ATOM   21  C CB  . ASP A 1 5   ? 7.615   11.967  10.730  1.00 112.13 ? 1798 ASP A CB  1 
ATOM   22  C CG  . ASP A 1 5   ? 7.433   12.291  12.204  1.00 109.22 ? 1798 ASP A CG  1 
ATOM   23  O OD1 . ASP A 1 5   ? 8.379   12.077  12.990  1.00 113.78 ? 1798 ASP A OD1 1 
ATOM   24  O OD2 . ASP A 1 5   ? 6.338   12.759  12.575  1.00 105.99 ? 1798 ASP A OD2 1 
ATOM   25  N N   . LEU A 1 6   ? 9.099   11.697  7.991   1.00 110.13 ? 1799 LEU A N   1 
ATOM   26  C CA  . LEU A 1 6   ? 8.986   11.298  6.594   1.00 106.41 ? 1799 LEU A CA  1 
ATOM   27  C C   . LEU A 1 6   ? 10.297  10.804  6.001   1.00 100.25 ? 1799 LEU A C   1 
ATOM   28  O O   . LEU A 1 6   ? 10.307  10.352  4.850   1.00 91.26  ? 1799 LEU A O   1 
ATOM   29  C CB  . LEU A 1 6   ? 8.451   12.466  5.762   1.00 102.93 ? 1799 LEU A CB  1 
ATOM   30  C CG  . LEU A 1 6   ? 7.107   13.045  6.205   1.00 98.64  ? 1799 LEU A CG  1 
ATOM   31  C CD1 . LEU A 1 6   ? 7.264   14.139  7.267   1.00 101.68 ? 1799 LEU A CD1 1 
ATOM   32  C CD2 . LEU A 1 6   ? 6.364   13.563  4.993   1.00 103.23 ? 1799 LEU A CD2 1 
ATOM   33  N N   . THR A 1 7   ? 11.400  10.876  6.746   1.00 100.85 ? 1800 THR A N   1 
ATOM   34  C CA  . THR A 1 7   ? 12.633  10.287  6.244   1.00 100.88 ? 1800 THR A CA  1 
ATOM   35  C C   . THR A 1 7   ? 12.549  8.764   6.259   1.00 97.74  ? 1800 THR A C   1 
ATOM   36  O O   . THR A 1 7   ? 13.040  8.101   5.337   1.00 90.12  ? 1800 THR A O   1 
ATOM   37  C CB  . THR A 1 7   ? 13.836  10.796  7.048   1.00 104.52 ? 1800 THR A CB  1 
ATOM   38  O OG1 . THR A 1 7   ? 15.042  10.293  6.466   1.00 106.72 ? 1800 THR A OG1 1 
ATOM   39  C CG2 . THR A 1 7   ? 13.774  10.357  8.499   1.00 103.54 ? 1800 THR A CG2 1 
ATOM   40  N N   . PHE A 1 8   ? 11.899  8.190   7.277   1.00 96.73  ? 1801 PHE A N   1 
ATOM   41  C CA  . PHE A 1 8   ? 11.706  6.747   7.307   1.00 93.14  ? 1801 PHE A CA  1 
ATOM   42  C C   . PHE A 1 8   ? 10.631  6.292   6.330   1.00 87.30  ? 1801 PHE A C   1 
ATOM   43  O O   . PHE A 1 8   ? 10.628  5.123   5.930   1.00 87.36  ? 1801 PHE A O   1 
ATOM   44  C CB  . PHE A 1 8   ? 11.353  6.279   8.723   1.00 99.23  ? 1801 PHE A CB  1 
ATOM   45  C CG  . PHE A 1 8   ? 11.500  4.789   8.928   1.00 101.49 ? 1801 PHE A CG  1 
ATOM   46  C CD1 . PHE A 1 8   ? 12.759  4.198   8.966   1.00 103.24 ? 1801 PHE A CD1 1 
ATOM   47  C CD2 . PHE A 1 8   ? 10.385  3.980   9.091   1.00 100.29 ? 1801 PHE A CD2 1 
ATOM   48  C CE1 . PHE A 1 8   ? 12.905  2.825   9.158   1.00 96.06  ? 1801 PHE A CE1 1 
ATOM   49  C CE2 . PHE A 1 8   ? 10.524  2.608   9.283   1.00 98.89  ? 1801 PHE A CE2 1 
ATOM   50  C CZ  . PHE A 1 8   ? 11.789  2.032   9.316   1.00 94.08  ? 1801 PHE A CZ  1 
ATOM   51  N N   . CYS A 1 9   ? 9.727   7.186   5.932   1.00 89.86  ? 1802 CYS A N   1 
ATOM   52  C CA  . CYS A 1 9   ? 8.700   6.811   4.965   1.00 87.38  ? 1802 CYS A CA  1 
ATOM   53  C C   . CYS A 1 9   ? 9.318   6.455   3.620   1.00 81.19  ? 1802 CYS A C   1 
ATOM   54  O O   . CYS A 1 9   ? 8.892   5.496   2.965   1.00 76.89  ? 1802 CYS A O   1 
ATOM   55  C CB  . CYS A 1 9   ? 7.687   7.944   4.808   1.00 83.40  ? 1802 CYS A CB  1 
ATOM   56  S SG  . CYS A 1 9   ? 6.827   8.341   6.340   1.00 92.16  ? 1802 CYS A SG  1 
ATOM   57  N N   . GLU A 1 10  ? 10.318  7.221   3.188   1.00 81.57  ? 1803 GLU A N   1 
ATOM   58  C CA  . GLU A 1 10  ? 10.986  6.897   1.937   1.00 75.66  ? 1803 GLU A CA  1 
ATOM   59  C C   . GLU A 1 10  ? 11.643  5.527   2.018   1.00 75.28  ? 1803 GLU A C   1 
ATOM   60  O O   . GLU A 1 10  ? 11.566  4.735   1.071   1.00 73.26  ? 1803 GLU A O   1 
ATOM   61  C CB  . GLU A 1 10  ? 12.011  7.978   1.606   1.00 75.44  ? 1803 GLU A CB  1 
ATOM   62  C CG  . GLU A 1 10  ? 12.644  7.843   0.236   1.00 70.63  ? 1803 GLU A CG  1 
ATOM   63  C CD  . GLU A 1 10  ? 11.647  8.031   -0.886  1.00 80.10  ? 1803 GLU A CD  1 
ATOM   64  O OE1 . GLU A 1 10  ? 11.326  7.021   -1.552  1.00 82.64  ? 1803 GLU A OE1 1 
ATOM   65  O OE2 . GLU A 1 10  ? 11.183  9.180   -1.095  1.00 75.88  ? 1803 GLU A OE2 1 
ATOM   66  N N   . ILE A 1 11  ? 12.278  5.224   3.154   1.00 77.84  ? 1804 ILE A N   1 
ATOM   67  C CA  . ILE A 1 11  ? 12.902  3.917   3.351   1.00 75.43  ? 1804 ILE A CA  1 
ATOM   68  C C   . ILE A 1 11  ? 11.868  2.807   3.226   1.00 75.53  ? 1804 ILE A C   1 
ATOM   69  O O   . ILE A 1 11  ? 12.068  1.821   2.508   1.00 75.30  ? 1804 ILE A O   1 
ATOM   70  C CB  . ILE A 1 11  ? 13.595  3.854   4.722   1.00 78.74  ? 1804 ILE A CB  1 
ATOM   71  C CG1 . ILE A 1 11  ? 14.644  4.950   4.853   1.00 80.87  ? 1804 ILE A CG1 1 
ATOM   72  C CG2 . ILE A 1 11  ? 14.196  2.469   4.951   1.00 74.39  ? 1804 ILE A CG2 1 
ATOM   73  C CD1 . ILE A 1 11  ? 15.368  4.924   6.177   1.00 77.76  ? 1804 ILE A CD1 1 
ATOM   74  N N   . ILE A 1 12  ? 10.756  2.943   3.949   1.00 76.00  ? 1805 ILE A N   1 
ATOM   75  C CA  . ILE A 1 12  ? 9.788   1.856   4.031   1.00 75.81  ? 1805 ILE A CA  1 
ATOM   76  C C   . ILE A 1 12  ? 9.009   1.718   2.724   1.00 73.01  ? 1805 ILE A C   1 
ATOM   77  O O   . ILE A 1 12  ? 8.595   0.612   2.356   1.00 69.21  ? 1805 ILE A O   1 
ATOM   78  C CB  . ILE A 1 12  ? 8.873   2.079   5.251   1.00 74.77  ? 1805 ILE A CB  1 
ATOM   79  C CG1 . ILE A 1 12  ? 8.004   0.861   5.529   1.00 71.45  ? 1805 ILE A CG1 1 
ATOM   80  C CG2 . ILE A 1 12  ? 8.006   3.296   5.064   1.00 76.62  ? 1805 ILE A CG2 1 
ATOM   81  C CD1 . ILE A 1 12  ? 7.244   0.989   6.825   1.00 79.58  ? 1805 ILE A CD1 1 
ATOM   82  N N   . LEU A 1 13  ? 8.827   2.816   1.986   1.00 67.75  ? 1806 LEU A N   1 
ATOM   83  C CA  . LEU A 1 13  ? 8.136   2.722   0.705   1.00 66.69  ? 1806 LEU A CA  1 
ATOM   84  C C   . LEU A 1 13  ? 9.006   2.038   -0.343  1.00 64.61  ? 1806 LEU A C   1 
ATOM   85  O O   . LEU A 1 13  ? 8.532   1.154   -1.070  1.00 60.25  ? 1806 LEU A O   1 
ATOM   86  C CB  . LEU A 1 13  ? 7.698   4.115   0.237   1.00 67.60  ? 1806 LEU A CB  1 
ATOM   87  C CG  . LEU A 1 13  ? 6.891   4.180   -1.062  1.00 63.71  ? 1806 LEU A CG  1 
ATOM   88  C CD1 . LEU A 1 13  ? 5.808   3.106   -1.093  1.00 60.09  ? 1806 LEU A CD1 1 
ATOM   89  C CD2 . LEU A 1 13  ? 6.279   5.558   -1.233  1.00 67.91  ? 1806 LEU A CD2 1 
ATOM   90  N N   . MET A 1 14  ? 10.286  2.421   -0.437  1.00 68.06  ? 1807 MET A N   1 
ATOM   91  C CA  . MET A 1 14  ? 11.142  1.788   -1.437  1.00 68.47  ? 1807 MET A CA  1 
ATOM   92  C C   . MET A 1 14  ? 11.374  0.321   -1.116  1.00 65.29  ? 1807 MET A C   1 
ATOM   93  O O   . MET A 1 14  ? 11.551  -0.493  -2.031  1.00 63.26  ? 1807 MET A O   1 
ATOM   94  C CB  . MET A 1 14  ? 12.478  2.525   -1.565  1.00 67.31  ? 1807 MET A CB  1 
ATOM   95  C CG  . MET A 1 14  ? 13.364  2.467   -0.333  1.00 80.36  ? 1807 MET A CG  1 
ATOM   96  S SD  . MET A 1 14  ? 15.121  2.317   -0.744  1.00 85.29  ? 1807 MET A SD  1 
ATOM   97  C CE  . MET A 1 14  ? 15.145  0.704   -1.539  1.00 69.28  ? 1807 MET A CE  1 
ATOM   98  N N   . GLU A 1 15  ? 11.359  -0.039  0.169   1.00 61.84  ? 1808 GLU A N   1 
ATOM   99  C CA  . GLU A 1 15  ? 11.432  -1.451  0.522   1.00 63.98  ? 1808 GLU A CA  1 
ATOM   100 C C   . GLU A 1 15  ? 10.168  -2.178  0.097   1.00 62.23  ? 1808 GLU A C   1 
ATOM   101 O O   . GLU A 1 15  ? 10.235  -3.281  -0.459  1.00 62.31  ? 1808 GLU A O   1 
ATOM   102 C CB  . GLU A 1 15  ? 11.677  -1.609  2.020   1.00 66.60  ? 1808 GLU A CB  1 
ATOM   103 C CG  . GLU A 1 15  ? 13.056  -1.148  2.443   1.00 72.21  ? 1808 GLU A CG  1 
ATOM   104 C CD  . GLU A 1 15  ? 13.369  -1.478  3.885   1.00 78.50  ? 1808 GLU A CD  1 
ATOM   105 O OE1 . GLU A 1 15  ? 14.565  -1.644  4.208   1.00 80.12  ? 1808 GLU A OE1 1 
ATOM   106 O OE2 . GLU A 1 15  ? 12.424  -1.571  4.696   1.00 80.78  ? 1808 GLU A OE2 1 
ATOM   107 N N   . MET A 1 16  ? 9.005   -1.570  0.328   1.00 63.11  ? 1809 MET A N   1 
ATOM   108 C CA  . MET A 1 16  ? 7.773   -2.186  -0.143  1.00 59.34  ? 1809 MET A CA  1 
ATOM   109 C C   . MET A 1 16  ? 7.719   -2.212  -1.662  1.00 58.15  ? 1809 MET A C   1 
ATOM   110 O O   . MET A 1 16  ? 7.210   -3.174  -2.245  1.00 61.16  ? 1809 MET A O   1 
ATOM   111 C CB  . MET A 1 16  ? 6.564   -1.458  0.429   1.00 61.35  ? 1809 MET A CB  1 
ATOM   112 C CG  . MET A 1 16  ? 6.448   -1.574  1.934   1.00 63.14  ? 1809 MET A CG  1 
ATOM   113 S SD  . MET A 1 16  ? 5.020   -0.659  2.545   1.00 68.38  ? 1809 MET A SD  1 
ATOM   114 C CE  . MET A 1 16  ? 3.745   -1.808  2.105   1.00 59.69  ? 1809 MET A CE  1 
ATOM   115 N N   . GLU A 1 17  ? 8.262   -1.186  -2.322  1.00 58.90  ? 1810 GLU A N   1 
ATOM   116 C CA  . GLU A 1 17  ? 8.280   -1.173  -3.784  1.00 61.60  ? 1810 GLU A CA  1 
ATOM   117 C C   . GLU A 1 17  ? 9.100   -2.328  -4.352  1.00 58.38  ? 1810 GLU A C   1 
ATOM   118 O O   . GLU A 1 17  ? 8.704   -2.951  -5.345  1.00 57.18  ? 1810 GLU A O   1 
ATOM   119 C CB  . GLU A 1 17  ? 8.818   0.164   -4.285  1.00 61.56  ? 1810 GLU A CB  1 
ATOM   120 C CG  . GLU A 1 17  ? 7.802   1.284   -4.218  1.00 63.59  ? 1810 GLU A CG  1 
ATOM   121 C CD  . GLU A 1 17  ? 8.394   2.636   -4.561  1.00 67.99  ? 1810 GLU A CD  1 
ATOM   122 O OE1 . GLU A 1 17  ? 9.612   2.833   -4.339  1.00 65.89  ? 1810 GLU A OE1 1 
ATOM   123 O OE2 . GLU A 1 17  ? 7.638   3.502   -5.052  1.00 71.22  ? 1810 GLU A OE2 1 
ATOM   124 N N   . SER A 1 18  ? 10.237  -2.636  -3.732  1.00 59.76  ? 1811 SER A N   1 
ATOM   125 C CA  . SER A 1 18  ? 11.141  -3.677  -4.212  1.00 62.51  ? 1811 SER A CA  1 
ATOM   126 C C   . SER A 1 18  ? 10.860  -5.052  -3.614  1.00 61.06  ? 1811 SER A C   1 
ATOM   127 O O   . SER A 1 18  ? 11.566  -6.012  -3.943  1.00 59.97  ? 1811 SER A O   1 
ATOM   128 C CB  . SER A 1 18  ? 12.589  -3.281  -3.915  1.00 61.29  ? 1811 SER A CB  1 
ATOM   129 O OG  . SER A 1 18  ? 12.709  -2.810  -2.585  1.00 64.50  ? 1811 SER A OG  1 
ATOM   130 N N   . HIS A 1 19  ? 9.852   -5.175  -2.757  1.00 57.48  ? 1812 HIS A N   1 
ATOM   131 C CA  . HIS A 1 19  ? 9.551   -6.456  -2.141  1.00 56.35  ? 1812 HIS A CA  1 
ATOM   132 C C   . HIS A 1 19  ? 9.020   -7.436  -3.183  1.00 55.89  ? 1812 HIS A C   1 
ATOM   133 O O   . HIS A 1 19  ? 8.355   -7.048  -4.146  1.00 60.28  ? 1812 HIS A O   1 
ATOM   134 C CB  . HIS A 1 19  ? 8.540   -6.258  -1.011  1.00 53.89  ? 1812 HIS A CB  1 
ATOM   135 C CG  . HIS A 1 19  ? 8.323   -7.470  -0.164  1.00 49.92  ? 1812 HIS A CG  1 
ATOM   136 N ND1 . HIS A 1 19  ? 8.629   -7.502  1.181   1.00 53.41  ? 1812 HIS A ND1 1 
ATOM   137 C CD2 . HIS A 1 19  ? 7.805   -8.687  -0.456  1.00 54.78  ? 1812 HIS A CD2 1 
ATOM   138 C CE1 . HIS A 1 19  ? 8.327   -8.689  1.674   1.00 54.98  ? 1812 HIS A CE1 1 
ATOM   139 N NE2 . HIS A 1 19  ? 7.824   -9.430  0.701   1.00 51.82  ? 1812 HIS A NE2 1 
ATOM   140 N N   . ASP A 1 20  ? 9.333   -8.720  -2.987  1.00 57.10  ? 1813 ASP A N   1 
ATOM   141 C CA  . ASP A 1 20  ? 8.901   -9.755  -3.925  1.00 58.59  ? 1813 ASP A CA  1 
ATOM   142 C C   . ASP A 1 20  ? 7.384   -9.787  -4.084  1.00 60.43  ? 1813 ASP A C   1 
ATOM   143 O O   . ASP A 1 20  ? 6.877   -9.945  -5.200  1.00 67.71  ? 1813 ASP A O   1 
ATOM   144 C CB  . ASP A 1 20  ? 9.397   -11.127 -3.469  1.00 68.71  ? 1813 ASP A CB  1 
ATOM   145 C CG  . ASP A 1 20  ? 10.895  -11.292 -3.620  1.00 71.29  ? 1813 ASP A CG  1 
ATOM   146 O OD1 . ASP A 1 20  ? 11.547  -10.375 -4.165  1.00 72.57  ? 1813 ASP A OD1 1 
ATOM   147 O OD2 . ASP A 1 20  ? 11.416  -12.343 -3.189  1.00 68.69  ? 1813 ASP A OD2 1 
ATOM   148 N N   . ALA A 1 21  ? 6.641   -9.653  -2.985  1.00 57.29  ? 1814 ALA A N   1 
ATOM   149 C CA  . ALA A 1 21  ? 5.188   -9.788  -3.012  1.00 60.96  ? 1814 ALA A CA  1 
ATOM   150 C C   . ALA A 1 21  ? 4.456   -8.467  -3.301  1.00 58.44  ? 1814 ALA A C   1 
ATOM   151 O O   . ALA A 1 21  ? 3.243   -8.379  -3.075  1.00 51.60  ? 1814 ALA A O   1 
ATOM   152 C CB  . ALA A 1 21  ? 4.695   -10.380 -1.690  1.00 52.55  ? 1814 ALA A CB  1 
ATOM   153 N N   . ALA A 1 22  ? 5.158   -7.450  -3.799  1.00 56.29  ? 1815 ALA A N   1 
ATOM   154 C CA  . ALA A 1 22  ? 4.562   -6.149  -4.058  1.00 54.01  ? 1815 ALA A CA  1 
ATOM   155 C C   . ALA A 1 22  ? 3.885   -6.058  -5.413  1.00 58.62  ? 1815 ALA A C   1 
ATOM   156 O O   . ALA A 1 22  ? 3.230   -5.045  -5.692  1.00 60.49  ? 1815 ALA A O   1 
ATOM   157 C CB  . ALA A 1 22  ? 5.618   -5.050  -3.970  1.00 52.26  ? 1815 ALA A CB  1 
ATOM   158 N N   . TRP A 1 23  ? 4.003   -7.081  -6.248  1.00 54.67  ? 1816 TRP A N   1 
ATOM   159 C CA  . TRP A 1 23  ? 3.504   -6.979  -7.610  1.00 58.65  ? 1816 TRP A CA  1 
ATOM   160 C C   . TRP A 1 23  ? 2.023   -6.588  -7.712  1.00 63.14  ? 1816 TRP A C   1 
ATOM   161 O O   . TRP A 1 23  ? 1.660   -5.910  -8.679  1.00 60.50  ? 1816 TRP A O   1 
ATOM   162 C CB  . TRP A 1 23  ? 3.773   -8.281  -8.367  1.00 55.27  ? 1816 TRP A CB  1 
ATOM   163 C CG  . TRP A 1 23  ? 3.194   -9.502  -7.749  1.00 59.53  ? 1816 TRP A CG  1 
ATOM   164 C CD1 . TRP A 1 23  ? 3.799   -10.333 -6.845  1.00 64.82  ? 1816 TRP A CD1 1 
ATOM   165 C CD2 . TRP A 1 23  ? 1.900   -10.061 -8.003  1.00 62.45  ? 1816 TRP A CD2 1 
ATOM   166 N NE1 . TRP A 1 23  ? 2.956   -11.369 -6.512  1.00 65.12  ? 1816 TRP A NE1 1 
ATOM   167 C CE2 . TRP A 1 23  ? 1.782   -11.222 -7.206  1.00 67.01  ? 1816 TRP A CE2 1 
ATOM   168 C CE3 . TRP A 1 23  ? 0.822   -9.684  -8.811  1.00 67.89  ? 1816 TRP A CE3 1 
ATOM   169 C CZ2 . TRP A 1 23  ? 0.627   -12.015 -7.201  1.00 66.86  ? 1816 TRP A CZ2 1 
ATOM   170 C CZ3 . TRP A 1 23  ? -0.326  -10.473 -8.805  1.00 72.17  ? 1816 TRP A CZ3 1 
ATOM   171 C CH2 . TRP A 1 23  ? -0.410  -11.627 -8.002  1.00 70.46  ? 1816 TRP A CH2 1 
ATOM   172 N N   . PRO A 1 24  ? 1.131   -6.947  -6.777  1.00 60.58  ? 1817 PRO A N   1 
ATOM   173 C CA  . PRO A 1 24  ? -0.265  -6.511  -6.930  1.00 56.39  ? 1817 PRO A CA  1 
ATOM   174 C C   . PRO A 1 24  ? -0.511  -5.039  -6.644  1.00 55.94  ? 1817 PRO A C   1 
ATOM   175 O O   . PRO A 1 24  ? -1.616  -4.558  -6.926  1.00 57.25  ? 1817 PRO A O   1 
ATOM   176 C CB  . PRO A 1 24  ? -1.022  -7.388  -5.914  1.00 58.53  ? 1817 PRO A CB  1 
ATOM   177 C CG  . PRO A 1 24  ? -0.121  -8.524  -5.634  1.00 57.02  ? 1817 PRO A CG  1 
ATOM   178 C CD  . PRO A 1 24  ? 1.239   -7.924  -5.678  1.00 57.14  ? 1817 PRO A CD  1 
ATOM   179 N N   . PHE A 1 25  ? 0.465   -4.305  -6.103  1.00 55.43  ? 1818 PHE A N   1 
ATOM   180 C CA  . PHE A 1 25  ? 0.207   -2.969  -5.582  1.00 53.24  ? 1818 PHE A CA  1 
ATOM   181 C C   . PHE A 1 25  ? 1.144   -1.904  -6.142  1.00 57.49  ? 1818 PHE A C   1 
ATOM   182 O O   . PHE A 1 25  ? 1.179   -0.789  -5.603  1.00 58.61  ? 1818 PHE A O   1 
ATOM   183 C CB  . PHE A 1 25  ? 0.301   -2.974  -4.050  1.00 59.09  ? 1818 PHE A CB  1 
ATOM   184 C CG  . PHE A 1 25  ? -0.258  -4.209  -3.421  1.00 55.66  ? 1818 PHE A CG  1 
ATOM   185 C CD1 . PHE A 1 25  ? -1.624  -4.392  -3.321  1.00 55.65  ? 1818 PHE A CD1 1 
ATOM   186 C CD2 . PHE A 1 25  ? 0.581   -5.199  -2.950  1.00 54.23  ? 1818 PHE A CD2 1 
ATOM   187 C CE1 . PHE A 1 25  ? -2.142  -5.540  -2.753  1.00 53.96  ? 1818 PHE A CE1 1 
ATOM   188 C CE2 . PHE A 1 25  ? 0.072   -6.347  -2.382  1.00 50.92  ? 1818 PHE A CE2 1 
ATOM   189 C CZ  . PHE A 1 25  ? -1.295  -6.516  -2.288  1.00 55.49  ? 1818 PHE A CZ  1 
ATOM   190 N N   . LEU A 1 26  ? 1.905   -2.207  -7.197  1.00 63.01  ? 1819 LEU A N   1 
ATOM   191 C CA  . LEU A 1 26  ? 2.856   -1.230  -7.723  1.00 62.98  ? 1819 LEU A CA  1 
ATOM   192 C C   . LEU A 1 26  ? 2.145   -0.117  -8.482  1.00 67.11  ? 1819 LEU A C   1 
ATOM   193 O O   . LEU A 1 26  ? 2.540   1.053   -8.400  1.00 68.34  ? 1819 LEU A O   1 
ATOM   194 C CB  . LEU A 1 26  ? 3.883   -1.926  -8.616  1.00 60.93  ? 1819 LEU A CB  1 
ATOM   195 C CG  . LEU A 1 26  ? 4.855   -2.859  -7.888  1.00 59.29  ? 1819 LEU A CG  1 
ATOM   196 C CD1 . LEU A 1 26  ? 5.760   -3.605  -8.867  1.00 50.69  ? 1819 LEU A CD1 1 
ATOM   197 C CD2 . LEU A 1 26  ? 5.686   -2.069  -6.882  1.00 58.07  ? 1819 LEU A CD2 1 
ATOM   198 N N   . GLU A 1 27  ? 1.083   -0.468  -9.204  1.00 62.97  ? 1820 GLU A N   1 
ATOM   199 C CA  . GLU A 1 27  ? 0.299   0.509   -9.959  1.00 73.44  ? 1820 GLU A CA  1 
ATOM   200 C C   . GLU A 1 27  ? -1.176  0.371   -9.588  1.00 69.45  ? 1820 GLU A C   1 
ATOM   201 O O   . GLU A 1 27  ? -1.586  -0.669  -9.073  1.00 65.35  ? 1820 GLU A O   1 
ATOM   202 C CB  . GLU A 1 27  ? 0.490   0.306   -11.463 1.00 78.82  ? 1820 GLU A CB  1 
ATOM   203 C CG  . GLU A 1 27  ? 0.701   -1.142  -11.873 1.00 86.44  ? 1820 GLU A CG  1 
ATOM   204 C CD  . GLU A 1 27  ? 0.561   -1.351  -13.367 1.00 95.52  ? 1820 GLU A CD  1 
ATOM   205 O OE1 . GLU A 1 27  ? 1.342   -0.745  -14.130 1.00 89.82  ? 1820 GLU A OE1 1 
ATOM   206 O OE2 . GLU A 1 27  ? -0.331  -2.123  -13.780 1.00 107.37 ? 1820 GLU A OE2 1 
ATOM   207 N N   . PRO A 1 28  ? -1.979  1.404   -9.841  1.00 63.88  ? 1821 PRO A N   1 
ATOM   208 C CA  . PRO A 1 28  ? -3.401  1.315   -9.495  1.00 57.45  ? 1821 PRO A CA  1 
ATOM   209 C C   . PRO A 1 28  ? -4.091  0.195   -10.248 1.00 53.84  ? 1821 PRO A C   1 
ATOM   210 O O   . PRO A 1 28  ? -3.721  -0.152  -11.370 1.00 62.59  ? 1821 PRO A O   1 
ATOM   211 C CB  . PRO A 1 28  ? -3.955  2.679   -9.906  1.00 60.16  ? 1821 PRO A CB  1 
ATOM   212 C CG  . PRO A 1 28  ? -2.782  3.588   -9.849  1.00 61.09  ? 1821 PRO A CG  1 
ATOM   213 C CD  . PRO A 1 28  ? -1.618  2.757   -10.299 1.00 68.33  ? 1821 PRO A CD  1 
ATOM   214 N N   . VAL A 1 29  ? -5.095  -0.389  -9.602  1.00 51.43  ? 1822 VAL A N   1 
ATOM   215 C CA  . VAL A 1 29  ? -5.927  -1.382  -10.263 1.00 56.17  ? 1822 VAL A CA  1 
ATOM   216 C C   . VAL A 1 29  ? -6.627  -0.740  -11.451 1.00 59.72  ? 1822 VAL A C   1 
ATOM   217 O O   . VAL A 1 29  ? -7.074  0.414   -11.390 1.00 58.40  ? 1822 VAL A O   1 
ATOM   218 C CB  . VAL A 1 29  ? -6.941  -1.980  -9.273  1.00 57.92  ? 1822 VAL A CB  1 
ATOM   219 C CG1 . VAL A 1 29  ? -7.997  -2.790  -10.004 1.00 51.34  ? 1822 VAL A CG1 1 
ATOM   220 C CG2 . VAL A 1 29  ? -6.216  -2.849  -8.251  1.00 60.46  ? 1822 VAL A CG2 1 
ATOM   221 N N   . ASN A 1 30  ? -6.706  -1.482  -12.547 1.00 60.66  ? 1823 ASN A N   1 
ATOM   222 C CA  . ASN A 1 30  ? -7.409  -1.039  -13.736 1.00 58.36  ? 1823 ASN A CA  1 
ATOM   223 C C   . ASN A 1 30  ? -8.809  -1.625  -13.686 1.00 59.92  ? 1823 ASN A C   1 
ATOM   224 O O   . ASN A 1 30  ? -8.978  -2.834  -13.925 1.00 56.72  ? 1823 ASN A O   1 
ATOM   225 C CB  . ASN A 1 30  ? -6.673  -1.491  -14.998 1.00 62.13  ? 1823 ASN A CB  1 
ATOM   226 C CG  . ASN A 1 30  ? -7.245  -0.881  -16.261 1.00 69.36  ? 1823 ASN A CG  1 
ATOM   227 O OD1 . ASN A 1 30  ? -8.423  -0.508  -16.313 1.00 70.35  ? 1823 ASN A OD1 1 
ATOM   228 N ND2 . ASN A 1 30  ? -6.416  -0.788  -17.298 1.00 69.71  ? 1823 ASN A ND2 1 
ATOM   229 N N   . PRO A 1 31  ? -9.840  -0.828  -13.400 1.00 64.72  ? 1824 PRO A N   1 
ATOM   230 C CA  . PRO A 1 31  ? -11.188 -1.397  -13.254 1.00 59.71  ? 1824 PRO A CA  1 
ATOM   231 C C   . PRO A 1 31  ? -11.772 -1.892  -14.559 1.00 61.16  ? 1824 PRO A C   1 
ATOM   232 O O   . PRO A 1 31  ? -12.700 -2.709  -14.531 1.00 60.24  ? 1824 PRO A O   1 
ATOM   233 C CB  . PRO A 1 31  ? -11.997 -0.236  -12.675 1.00 56.12  ? 1824 PRO A CB  1 
ATOM   234 C CG  . PRO A 1 31  ? -11.287 0.976   -13.152 1.00 59.00  ? 1824 PRO A CG  1 
ATOM   235 C CD  . PRO A 1 31  ? -9.834  0.638   -13.263 1.00 60.34  ? 1824 PRO A CD  1 
ATOM   236 N N   . ARG A 1 32  ? -11.258 -1.436  -15.703 1.00 64.84  ? 1825 ARG A N   1 
ATOM   237 C CA  . ARG A 1 32  ? -11.625 -2.060  -16.969 1.00 64.08  ? 1825 ARG A CA  1 
ATOM   238 C C   . ARG A 1 32  ? -11.206 -3.522  -17.014 1.00 66.78  ? 1825 ARG A C   1 
ATOM   239 O O   . ARG A 1 32  ? -11.833 -4.315  -17.722 1.00 68.30  ? 1825 ARG A O   1 
ATOM   240 C CB  . ARG A 1 32  ? -10.993 -1.306  -18.143 1.00 64.02  ? 1825 ARG A CB  1 
ATOM   241 C CG  . ARG A 1 32  ? -11.270 0.190   -18.148 1.00 63.52  ? 1825 ARG A CG  1 
ATOM   242 C CD  . ARG A 1 32  ? -11.561 0.684   -19.548 1.00 70.03  ? 1825 ARG A CD  1 
ATOM   243 N NE  . ARG A 1 32  ? -10.378 1.215   -20.213 1.00 71.38  ? 1825 ARG A NE  1 
ATOM   244 C CZ  . ARG A 1 32  ? -10.226 2.490   -20.560 1.00 70.11  ? 1825 ARG A CZ  1 
ATOM   245 N NH1 . ARG A 1 32  ? -11.187 3.371   -20.313 1.00 70.36  ? 1825 ARG A NH1 1 
ATOM   246 N NH2 . ARG A 1 32  ? -9.112  2.881   -21.166 1.00 75.46  ? 1825 ARG A NH2 1 
ATOM   247 N N   . LEU A 1 33  ? -10.173 -3.898  -16.257 1.00 69.54  ? 1826 LEU A N   1 
ATOM   248 C CA  . LEU A 1 33  ? -9.622  -5.244  -16.311 1.00 63.90  ? 1826 LEU A CA  1 
ATOM   249 C C   . LEU A 1 33  ? -10.059 -6.128  -15.153 1.00 64.66  ? 1826 LEU A C   1 
ATOM   250 O O   . LEU A 1 33  ? -10.085 -7.354  -15.310 1.00 67.61  ? 1826 LEU A O   1 
ATOM   251 C CB  . LEU A 1 33  ? -8.093  -5.176  -16.353 1.00 66.88  ? 1826 LEU A CB  1 
ATOM   252 C CG  . LEU A 1 33  ? -7.534  -4.389  -17.546 1.00 69.12  ? 1826 LEU A CG  1 
ATOM   253 C CD1 . LEU A 1 33  ? -6.032  -4.161  -17.412 1.00 70.00  ? 1826 LEU A CD1 1 
ATOM   254 C CD2 . LEU A 1 33  ? -7.852  -5.103  -18.848 1.00 66.18  ? 1826 LEU A CD2 1 
ATOM   255 N N   . VAL A 1 34  ? -10.410 -5.550  -14.009 1.00 64.62  ? 1827 VAL A N   1 
ATOM   256 C CA  . VAL A 1 34  ? -10.836 -6.313  -12.839 1.00 66.10  ? 1827 VAL A CA  1 
ATOM   257 C C   . VAL A 1 34  ? -12.325 -6.060  -12.633 1.00 62.74  ? 1827 VAL A C   1 
ATOM   258 O O   . VAL A 1 34  ? -12.725 -4.951  -12.258 1.00 66.19  ? 1827 VAL A O   1 
ATOM   259 C CB  . VAL A 1 34  ? -10.031 -5.932  -11.589 1.00 63.70  ? 1827 VAL A CB  1 
ATOM   260 C CG1 . VAL A 1 34  ? -10.287 -6.921  -10.470 1.00 59.02  ? 1827 VAL A CG1 1 
ATOM   261 C CG2 . VAL A 1 34  ? -8.552  -5.862  -11.915 1.00 61.60  ? 1827 VAL A CG2 1 
ATOM   262 N N   . SER A 1 35  ? -13.145 -7.088  -12.858 1.00 60.67  ? 1828 SER A N   1 
ATOM   263 C CA  . SER A 1 35  ? -14.586 -6.938  -12.695 1.00 61.81  ? 1828 SER A CA  1 
ATOM   264 C C   . SER A 1 35  ? -14.939 -6.595  -11.254 1.00 63.78  ? 1828 SER A C   1 
ATOM   265 O O   . SER A 1 35  ? -14.366 -7.138  -10.306 1.00 69.71  ? 1828 SER A O   1 
ATOM   266 C CB  . SER A 1 35  ? -15.311 -8.221  -13.104 1.00 66.25  ? 1828 SER A CB  1 
ATOM   267 O OG  . SER A 1 35  ? -14.939 -8.635  -14.408 1.00 81.48  ? 1828 SER A OG  1 
ATOM   268 N N   . GLY A 1 36  ? -15.896 -5.688  -11.092 1.00 63.59  ? 1829 GLY A N   1 
ATOM   269 C CA  . GLY A 1 36  ? -16.427 -5.359  -9.788  1.00 58.09  ? 1829 GLY A CA  1 
ATOM   270 C C   . GLY A 1 36  ? -15.612 -4.384  -8.969  1.00 56.71  ? 1829 GLY A C   1 
ATOM   271 O O   . GLY A 1 36  ? -16.095 -3.934  -7.923  1.00 57.33  ? 1829 GLY A O   1 
ATOM   272 N N   . TYR A 1 37  ? -14.403 -4.019  -9.406  1.00 56.66  ? 1830 TYR A N   1 
ATOM   273 C CA  . TYR A 1 37  ? -13.510 -3.283  -8.514  1.00 60.65  ? 1830 TYR A CA  1 
ATOM   274 C C   . TYR A 1 37  ? -14.015 -1.871  -8.257  1.00 58.82  ? 1830 TYR A C   1 
ATOM   275 O O   . TYR A 1 37  ? -13.935 -1.379  -7.122  1.00 57.24  ? 1830 TYR A O   1 
ATOM   276 C CB  . TYR A 1 37  ? -12.083 -3.257  -9.070  1.00 58.88  ? 1830 TYR A CB  1 
ATOM   277 C CG  . TYR A 1 37  ? -11.051 -2.917  -8.012  1.00 55.39  ? 1830 TYR A CG  1 
ATOM   278 C CD1 . TYR A 1 37  ? -10.484 -3.906  -7.221  1.00 59.37  ? 1830 TYR A CD1 1 
ATOM   279 C CD2 . TYR A 1 37  ? -10.664 -1.603  -7.788  1.00 53.87  ? 1830 TYR A CD2 1 
ATOM   280 C CE1 . TYR A 1 37  ? -9.550  -3.591  -6.243  1.00 58.57  ? 1830 TYR A CE1 1 
ATOM   281 C CE2 . TYR A 1 37  ? -9.733  -1.276  -6.818  1.00 53.24  ? 1830 TYR A CE2 1 
ATOM   282 C CZ  . TYR A 1 37  ? -9.180  -2.270  -6.046  1.00 60.33  ? 1830 TYR A CZ  1 
ATOM   283 O OH  . TYR A 1 37  ? -8.252  -1.938  -5.078  1.00 57.44  ? 1830 TYR A OH  1 
ATOM   284 N N   . ARG A 1 38  ? -14.527 -1.203  -9.299  1.00 63.83  ? 1831 ARG A N   1 
ATOM   285 C CA  . ARG A 1 38  ? -15.124 0.123   -9.143  1.00 58.54  ? 1831 ARG A CA  1 
ATOM   286 C C   . ARG A 1 38  ? -16.185 0.125   -8.047  1.00 58.31  ? 1831 ARG A C   1 
ATOM   287 O O   . ARG A 1 38  ? -16.166 0.964   -7.135  1.00 51.12  ? 1831 ARG A O   1 
ATOM   288 C CB  . ARG A 1 38  ? -15.749 0.560   -10.467 1.00 65.47  ? 1831 ARG A CB  1 
ATOM   289 C CG  . ARG A 1 38  ? -14.932 1.541   -11.278 1.00 71.59  ? 1831 ARG A CG  1 
ATOM   290 C CD  . ARG A 1 38  ? -15.803 2.226   -12.343 1.00 64.67  ? 1831 ARG A CD  1 
ATOM   291 N NE  . ARG A 1 38  ? -15.034 3.221   -13.089 1.00 67.49  ? 1831 ARG A NE  1 
ATOM   292 C CZ  . ARG A 1 38  ? -14.372 2.967   -14.214 1.00 68.83  ? 1831 ARG A CZ  1 
ATOM   293 N NH1 . ARG A 1 38  ? -14.396 1.746   -14.734 1.00 68.01  ? 1831 ARG A NH1 1 
ATOM   294 N NH2 . ARG A 1 38  ? -13.693 3.935   -14.827 1.00 70.29  ? 1831 ARG A NH2 1 
ATOM   295 N N   . ARG A 1 39  ? -17.122 -0.826  -8.138  1.00 57.01  ? 1832 ARG A N   1 
ATOM   296 C CA  . ARG A 1 39  ? -18.238 -0.930  -7.202  1.00 57.25  ? 1832 ARG A CA  1 
ATOM   297 C C   . ARG A 1 39  ? -17.770 -1.278  -5.786  1.00 58.62  ? 1832 ARG A C   1 
ATOM   298 O O   . ARG A 1 39  ? -18.313 -0.755  -4.802  1.00 57.59  ? 1832 ARG A O   1 
ATOM   299 C CB  . ARG A 1 39  ? -19.220 -1.979  -7.737  1.00 57.32  ? 1832 ARG A CB  1 
ATOM   300 C CG  . ARG A 1 39  ? -20.350 -2.367  -6.813  1.00 62.61  ? 1832 ARG A CG  1 
ATOM   301 C CD  . ARG A 1 39  ? -21.306 -3.374  -7.482  1.00 58.65  ? 1832 ARG A CD  1 
ATOM   302 N NE  . ARG A 1 39  ? -20.611 -4.546  -8.025  1.00 65.93  ? 1832 ARG A NE  1 
ATOM   303 C CZ  . ARG A 1 39  ? -20.129 -5.555  -7.290  1.00 67.67  ? 1832 ARG A CZ  1 
ATOM   304 N NH1 . ARG A 1 39  ? -20.249 -5.543  -5.967  1.00 62.70  ? 1832 ARG A NH1 1 
ATOM   305 N NH2 . ARG A 1 39  ? -19.510 -6.579  -7.873  1.00 57.92  ? 1832 ARG A NH2 1 
ATOM   306 N N   . ILE A 1 40  ? -16.751 -2.138  -5.662  1.00 59.72  ? 1833 ILE A N   1 
ATOM   307 C CA  . ILE A 1 40  ? -16.346 -2.665  -4.354  1.00 57.45  ? 1833 ILE A CA  1 
ATOM   308 C C   . ILE A 1 40  ? -15.518 -1.649  -3.571  1.00 60.30  ? 1833 ILE A C   1 
ATOM   309 O O   . ILE A 1 40  ? -15.743 -1.438  -2.374  1.00 64.04  ? 1833 ILE A O   1 
ATOM   310 C CB  . ILE A 1 40  ? -15.572 -3.988  -4.520  1.00 61.24  ? 1833 ILE A CB  1 
ATOM   311 C CG1 . ILE A 1 40  ? -16.492 -5.128  -4.944  1.00 52.61  ? 1833 ILE A CG1 1 
ATOM   312 C CG2 . ILE A 1 40  ? -14.833 -4.340  -3.236  1.00 61.35  ? 1833 ILE A CG2 1 
ATOM   313 C CD1 . ILE A 1 40  ? -17.557 -5.391  -3.963  1.00 59.78  ? 1833 ILE A CD1 1 
ATOM   314 N N   . ILE A 1 41  ? -14.524 -1.030  -4.210  1.00 57.04  ? 1834 ILE A N   1 
ATOM   315 C CA  . ILE A 1 41  ? -13.498 -0.269  -3.500  1.00 61.06  ? 1834 ILE A CA  1 
ATOM   316 C C   . ILE A 1 41  ? -13.755 1.216   -3.713  1.00 57.00  ? 1834 ILE A C   1 
ATOM   317 O O   . ILE A 1 41  ? -13.521 1.749   -4.804  1.00 55.99  ? 1834 ILE A O   1 
ATOM   318 C CB  . ILE A 1 41  ? -12.078 -0.652  -3.950  1.00 58.26  ? 1834 ILE A CB  1 
ATOM   319 C CG1 . ILE A 1 41  ? -11.763 -2.102  -3.568  1.00 55.22  ? 1834 ILE A CG1 1 
ATOM   320 C CG2 . ILE A 1 41  ? -11.057 0.290   -3.334  1.00 52.61  ? 1834 ILE A CG2 1 
ATOM   321 C CD1 . ILE A 1 41  ? -11.721 -2.343  -2.069  1.00 55.01  ? 1834 ILE A CD1 1 
ATOM   322 N N   . LYS A 1 42  ? -14.182 1.897   -2.648  1.00 56.00  ? 1835 LYS A N   1 
ATOM   323 C CA  . LYS A 1 42  ? -14.506 3.313   -2.748  1.00 59.17  ? 1835 LYS A CA  1 
ATOM   324 C C   . LYS A 1 42  ? -13.255 4.173   -2.896  1.00 56.38  ? 1835 LYS A C   1 
ATOM   325 O O   . LYS A 1 42  ? -13.246 5.135   -3.672  1.00 69.17  ? 1835 LYS A O   1 
ATOM   326 C CB  . LYS A 1 42  ? -15.319 3.748   -1.528  1.00 59.08  ? 1835 LYS A CB  1 
ATOM   327 C CG  . LYS A 1 42  ? -16.827 3.811   -1.774  1.00 62.01  ? 1835 LYS A CG  1 
ATOM   328 C CD  . LYS A 1 42  ? -17.416 2.445   -2.126  1.00 63.54  ? 1835 LYS A CD  1 
ATOM   329 C CE  . LYS A 1 42  ? -18.932 2.508   -2.335  1.00 71.10  ? 1835 LYS A CE  1 
ATOM   330 N NZ  . LYS A 1 42  ? -19.688 3.079   -1.168  1.00 67.45  ? 1835 LYS A NZ  1 
ATOM   331 N N   . ASN A 1 43  ? -12.196 3.859   -2.167  1.00 62.71  ? 1836 ASN A N   1 
ATOM   332 C CA  . ASN A 1 43  ? -10.990 4.686   -2.141  1.00 64.35  ? 1836 ASN A CA  1 
ATOM   333 C C   . ASN A 1 43  ? -9.782  3.821   -2.441  1.00 63.06  ? 1836 ASN A C   1 
ATOM   334 O O   . ASN A 1 43  ? -9.071  3.378   -1.521  1.00 61.76  ? 1836 ASN A O   1 
ATOM   335 C CB  . ASN A 1 43  ? -10.864 5.407   -0.801  1.00 62.61  ? 1836 ASN A CB  1 
ATOM   336 C CG  . ASN A 1 43  ? -12.097 6.235   -0.485  1.00 69.61  ? 1836 ASN A CG  1 
ATOM   337 O OD1 . ASN A 1 43  ? -12.617 6.197   0.633   1.00 72.84  ? 1836 ASN A OD1 1 
ATOM   338 N ND2 . ASN A 1 43  ? -12.593 6.966   -1.485  1.00 64.43  ? 1836 ASN A ND2 1 
ATOM   339 N N   . PRO A 1 44  ? -9.508  3.550   -3.716  1.00 61.27  ? 1837 PRO A N   1 
ATOM   340 C CA  . PRO A 1 44  ? -8.353  2.725   -4.073  1.00 60.72  ? 1837 PRO A CA  1 
ATOM   341 C C   . PRO A 1 44  ? -7.042  3.424   -3.742  1.00 61.18  ? 1837 PRO A C   1 
ATOM   342 O O   . PRO A 1 44  ? -6.968  4.653   -3.677  1.00 63.30  ? 1837 PRO A O   1 
ATOM   343 C CB  . PRO A 1 44  ? -8.508  2.512   -5.584  1.00 59.11  ? 1837 PRO A CB  1 
ATOM   344 C CG  . PRO A 1 44  ? -9.391  3.632   -6.041  1.00 62.08  ? 1837 PRO A CG  1 
ATOM   345 C CD  . PRO A 1 44  ? -10.312 3.927   -4.897  1.00 60.90  ? 1837 PRO A CD  1 
ATOM   346 N N   . MET A 1 45  ? -6.004  2.618   -3.520  1.00 60.18  ? 1838 MET A N   1 
ATOM   347 C CA  . MET A 1 45  ? -4.690  3.141   -3.172  1.00 59.41  ? 1838 MET A CA  1 
ATOM   348 C C   . MET A 1 45  ? -3.636  2.136   -3.607  1.00 57.36  ? 1838 MET A C   1 
ATOM   349 O O   . MET A 1 45  ? -3.896  0.930   -3.657  1.00 59.02  ? 1838 MET A O   1 
ATOM   350 C CB  . MET A 1 45  ? -4.587  3.436   -1.671  1.00 57.90  ? 1838 MET A CB  1 
ATOM   351 C CG  . MET A 1 45  ? -3.285  4.083   -1.242  1.00 58.47  ? 1838 MET A CG  1 
ATOM   352 S SD  . MET A 1 45  ? -2.856  5.529   -2.224  1.00 64.78  ? 1838 MET A SD  1 
ATOM   353 C CE  . MET A 1 45  ? -4.186  6.646   -1.784  1.00 66.07  ? 1838 MET A CE  1 
ATOM   354 N N   . ASP A 1 46  ? -2.454  2.644   -3.954  1.00 54.50  ? 1839 ASP A N   1 
ATOM   355 C CA  . ASP A 1 46  ? -1.360  1.807   -4.430  1.00 59.57  ? 1839 ASP A CA  1 
ATOM   356 C C   . ASP A 1 46  ? -0.032  2.492   -4.120  1.00 64.10  ? 1839 ASP A C   1 
ATOM   357 O O   . ASP A 1 46  ? 0.010   3.643   -3.680  1.00 64.35  ? 1839 ASP A O   1 
ATOM   358 C CB  . ASP A 1 46  ? -1.493  1.515   -5.927  1.00 60.53  ? 1839 ASP A CB  1 
ATOM   359 C CG  . ASP A 1 46  ? -1.367  2.768   -6.775  1.00 68.43  ? 1839 ASP A CG  1 
ATOM   360 O OD1 . ASP A 1 46  ? -2.324  3.582   -6.812  1.00 69.60  ? 1839 ASP A OD1 1 
ATOM   361 O OD2 . ASP A 1 46  ? -0.297  2.945   -7.395  1.00 71.58  ? 1839 ASP A OD2 1 
ATOM   362 N N   . PHE A 1 47  ? 1.067   1.772   -4.365  1.00 59.69  ? 1840 PHE A N   1 
ATOM   363 C CA  . PHE A 1 47  ? 2.378   2.291   -3.979  1.00 65.03  ? 1840 PHE A CA  1 
ATOM   364 C C   . PHE A 1 47  ? 2.799   3.483   -4.834  1.00 66.20  ? 1840 PHE A C   1 
ATOM   365 O O   . PHE A 1 47  ? 3.385   4.443   -4.318  1.00 64.36  ? 1840 PHE A O   1 
ATOM   366 C CB  . PHE A 1 47  ? 3.435   1.188   -4.057  1.00 66.63  ? 1840 PHE A CB  1 
ATOM   367 C CG  . PHE A 1 47  ? 3.245   0.095   -3.046  1.00 64.94  ? 1840 PHE A CG  1 
ATOM   368 C CD1 . PHE A 1 47  ? 2.581   0.340   -1.859  1.00 62.21  ? 1840 PHE A CD1 1 
ATOM   369 C CD2 . PHE A 1 47  ? 3.722   -1.179  -3.291  1.00 62.41  ? 1840 PHE A CD2 1 
ATOM   370 C CE1 . PHE A 1 47  ? 2.397   -0.669  -0.937  1.00 61.09  ? 1840 PHE A CE1 1 
ATOM   371 C CE2 . PHE A 1 47  ? 3.542   -2.186  -2.372  1.00 64.56  ? 1840 PHE A CE2 1 
ATOM   372 C CZ  . PHE A 1 47  ? 2.878   -1.932  -1.192  1.00 61.41  ? 1840 PHE A CZ  1 
ATOM   373 N N   . SER A 1 48  ? 2.534   3.441   -6.145  1.00 68.91  ? 1841 SER A N   1 
ATOM   374 C CA  . SER A 1 48  ? 2.969   4.542   -7.001  1.00 68.58  ? 1841 SER A CA  1 
ATOM   375 C C   . SER A 1 48  ? 2.209   5.824   -6.699  1.00 68.54  ? 1841 SER A C   1 
ATOM   376 O O   . SER A 1 48  ? 2.790   6.913   -6.772  1.00 70.95  ? 1841 SER A O   1 
ATOM   377 C CB  . SER A 1 48  ? 2.819   4.170   -8.472  1.00 63.18  ? 1841 SER A CB  1 
ATOM   378 O OG  . SER A 1 48  ? 1.671   3.373   -8.669  1.00 73.14  ? 1841 SER A OG  1 
ATOM   379 N N   . THR A 1 49  ? 0.921   5.720   -6.353  1.00 64.64  ? 1842 THR A N   1 
ATOM   380 C CA  . THR A 1 49  ? 0.194   6.901   -5.895  1.00 67.79  ? 1842 THR A CA  1 
ATOM   381 C C   . THR A 1 49  ? 0.794   7.441   -4.601  1.00 69.49  ? 1842 THR A C   1 
ATOM   382 O O   . THR A 1 49  ? 0.917   8.659   -4.423  1.00 73.75  ? 1842 THR A O   1 
ATOM   383 C CB  . THR A 1 49  ? -1.292  6.577   -5.718  1.00 64.31  ? 1842 THR A CB  1 
ATOM   384 O OG1 . THR A 1 49  ? -1.800  5.999   -6.923  1.00 63.84  ? 1842 THR A OG1 1 
ATOM   385 C CG2 . THR A 1 49  ? -2.084  7.837   -5.416  1.00 52.61  ? 1842 THR A CG2 1 
ATOM   386 N N   . MET A 1 50  ? 1.195   6.551   -3.690  1.00 65.50  ? 1843 MET A N   1 
ATOM   387 C CA  . MET A 1 50  ? 1.859   7.012   -2.476  1.00 67.50  ? 1843 MET A CA  1 
ATOM   388 C C   . MET A 1 50  ? 3.218   7.616   -2.792  1.00 73.23  ? 1843 MET A C   1 
ATOM   389 O O   . MET A 1 50  ? 3.636   8.587   -2.149  1.00 74.94  ? 1843 MET A O   1 
ATOM   390 C CB  . MET A 1 50  ? 2.001   5.864   -1.478  1.00 68.77  ? 1843 MET A CB  1 
ATOM   391 C CG  . MET A 1 50  ? 0.680   5.330   -0.957  1.00 66.29  ? 1843 MET A CG  1 
ATOM   392 S SD  . MET A 1 50  ? 0.878   3.743   -0.126  1.00 66.40  ? 1843 MET A SD  1 
ATOM   393 C CE  . MET A 1 50  ? 1.969   4.197   1.222   1.00 61.34  ? 1843 MET A CE  1 
ATOM   394 N N   . ARG A 1 51  ? 3.930   7.057   -3.778  1.00 74.41  ? 1844 ARG A N   1 
ATOM   395 C CA  . ARG A 1 51  ? 5.218   7.635   -4.152  1.00 73.40  ? 1844 ARG A CA  1 
ATOM   396 C C   . ARG A 1 51  ? 5.030   8.992   -4.805  1.00 75.51  ? 1844 ARG A C   1 
ATOM   397 O O   . ARG A 1 51  ? 5.743   9.947   -4.476  1.00 77.08  ? 1844 ARG A O   1 
ATOM   398 C CB  . ARG A 1 51  ? 5.991   6.707   -5.088  1.00 70.64  ? 1844 ARG A CB  1 
ATOM   399 C CG  . ARG A 1 51  ? 7.188   7.409   -5.714  1.00 71.73  ? 1844 ARG A CG  1 
ATOM   400 C CD  . ARG A 1 51  ? 8.375   6.490   -5.930  1.00 73.75  ? 1844 ARG A CD  1 
ATOM   401 N NE  . ARG A 1 51  ? 8.720   5.706   -4.744  1.00 71.72  ? 1844 ARG A NE  1 
ATOM   402 C CZ  . ARG A 1 51  ? 9.364   6.180   -3.680  1.00 72.32  ? 1844 ARG A CZ  1 
ATOM   403 N NH1 . ARG A 1 51  ? 9.725   7.455   -3.626  1.00 72.73  ? 1844 ARG A NH1 1 
ATOM   404 N NH2 . ARG A 1 51  ? 9.638   5.379   -2.657  1.00 66.65  ? 1844 ARG A NH2 1 
ATOM   405 N N   . GLU A 1 52  ? 4.027   9.092   -5.634  1.00 78.20  ? 1845 GLU A N   1 
ATOM   406 C CA  . GLU A 1 52  ? 3.720   10.334  -6.237  1.00 73.88  ? 1845 GLU A CA  1 
ATOM   407 C C   . GLU A 1 52  ? 3.539   11.327  -5.149  1.00 77.49  ? 1845 GLU A C   1 
ATOM   408 O O   . GLU A 1 52  ? 4.193   12.303  -5.107  1.00 80.40  ? 1845 GLU A O   1 
ATOM   409 C CB  . GLU A 1 52  ? 2.391   10.247  -6.950  1.00 77.12  ? 1845 GLU A CB  1 
ATOM   410 C CG  . GLU A 1 52  ? 2.418   9.827   -8.407  1.00 92.53  ? 1845 GLU A CG  1 
ATOM   411 C CD  . GLU A 1 52  ? 1.034   9.728   -9.057  1.00 96.03  ? 1845 GLU A CD  1 
ATOM   412 O OE1 . GLU A 1 52  ? 0.841   8.868   -9.932  1.00 94.10  ? 1845 GLU A OE1 1 
ATOM   413 O OE2 . GLU A 1 52  ? 0.123   10.503  -8.713  1.00 97.52  ? 1845 GLU A OE2 1 
ATOM   414 N N   . ARG A 1 53  ? 2.622   11.083  -4.255  1.00 78.28  ? 1846 ARG A N   1 
ATOM   415 C CA  . ARG A 1 53  ? 2.276   12.058  -3.225  1.00 80.66  ? 1846 ARG A CA  1 
ATOM   416 C C   . ARG A 1 53  ? 3.471   12.388  -2.336  1.00 79.82  ? 1846 ARG A C   1 
ATOM   417 O O   . ARG A 1 53  ? 3.681   13.552  -1.980  1.00 84.39  ? 1846 ARG A O   1 
ATOM   418 C CB  . ARG A 1 53  ? 1.102   11.558  -2.383  1.00 83.26  ? 1846 ARG A CB  1 
ATOM   419 C CG  . ARG A 1 53  ? 0.710   12.525  -1.269  1.00 90.85  ? 1846 ARG A CG  1 
ATOM   420 C CD  . ARG A 1 53  ? -0.551  12.107  -0.517  1.00 94.62  ? 1846 ARG A CD  1 
ATOM   421 N NE  . ARG A 1 53  ? -0.682  12.856  0.735   1.00 96.93  ? 1846 ARG A NE  1 
ATOM   422 C CZ  . ARG A 1 53  ? -1.539  12.559  1.708   1.00 91.88  ? 1846 ARG A CZ  1 
ATOM   423 N NH1 . ARG A 1 53  ? -2.355  11.521  1.584   1.00 88.75  ? 1846 ARG A NH1 1 
ATOM   424 N NH2 . ARG A 1 53  ? -1.571  13.298  2.811   1.00 90.67  ? 1846 ARG A NH2 1 
ATOM   425 N N   . LEU A 1 54  ? 4.271   11.385  -1.967  1.00 81.96  ? 1847 LEU A N   1 
ATOM   426 C CA  . LEU A 1 54  ? 5.392   11.644  -1.067  1.00 81.48  ? 1847 LEU A CA  1 
ATOM   427 C C   . LEU A 1 54  ? 6.435   12.543  -1.723  1.00 81.52  ? 1847 LEU A C   1 
ATOM   428 O O   . LEU A 1 54  ? 7.025   13.405  -1.059  1.00 81.49  ? 1847 LEU A O   1 
ATOM   429 C CB  . LEU A 1 54  ? 6.020   10.325  -0.614  1.00 78.98  ? 1847 LEU A CB  1 
ATOM   430 C CG  . LEU A 1 54  ? 7.188   10.394  0.378   1.00 77.24  ? 1847 LEU A CG  1 
ATOM   431 C CD1 . LEU A 1 54  ? 6.804   11.140  1.652   1.00 81.42  ? 1847 LEU A CD1 1 
ATOM   432 C CD2 . LEU A 1 54  ? 7.685   8.995   0.705   1.00 75.31  ? 1847 LEU A CD2 1 
ATOM   433 N N   . LEU A 1 55  ? 6.666   12.366  -3.030  1.00 80.30  ? 1848 LEU A N   1 
ATOM   434 C CA  . LEU A 1 55  ? 7.662   13.177  -3.727  1.00 82.38  ? 1848 LEU A CA  1 
ATOM   435 C C   . LEU A 1 55  ? 7.267   14.652  -3.749  1.00 88.75  ? 1848 LEU A C   1 
ATOM   436 O O   . LEU A 1 55  ? 8.108   15.530  -3.515  1.00 91.51  ? 1848 LEU A O   1 
ATOM   437 C CB  . LEU A 1 55  ? 7.874   12.649  -5.150  1.00 78.69  ? 1848 LEU A CB  1 
ATOM   438 C CG  . LEU A 1 55  ? 8.549   11.277  -5.302  1.00 79.30  ? 1848 LEU A CG  1 
ATOM   439 C CD1 . LEU A 1 55  ? 8.660   10.901  -6.769  1.00 76.05  ? 1848 LEU A CD1 1 
ATOM   440 C CD2 . LEU A 1 55  ? 9.925   11.220  -4.621  1.00 74.73  ? 1848 LEU A CD2 1 
ATOM   441 N N   . ARG A 1 56  ? 5.995   14.951  -4.028  1.00 83.76  ? 1849 ARG A N   1 
ATOM   442 C CA  . ARG A 1 56  ? 5.533   16.322  -3.856  1.00 79.24  ? 1849 ARG A CA  1 
ATOM   443 C C   . ARG A 1 56  ? 5.385   16.717  -2.395  1.00 83.22  ? 1849 ARG A C   1 
ATOM   444 O O   . ARG A 1 56  ? 5.025   17.864  -2.121  1.00 87.09  ? 1849 ARG A O   1 
ATOM   445 C CB  . ARG A 1 56  ? 4.196   16.531  -4.554  1.00 79.59  ? 1849 ARG A CB  1 
ATOM   446 C CG  . ARG A 1 56  ? 4.173   16.134  -6.001  1.00 80.27  ? 1849 ARG A CG  1 
ATOM   447 C CD  . ARG A 1 56  ? 2.741   16.144  -6.483  1.00 84.99  ? 1849 ARG A CD  1 
ATOM   448 N NE  . ARG A 1 56  ? 2.137   17.468  -6.343  1.00 96.00  ? 1849 ARG A NE  1 
ATOM   449 C CZ  . ARG A 1 56  ? 0.836   17.681  -6.171  1.00 104.04 ? 1849 ARG A CZ  1 
ATOM   450 N NH1 . ARG A 1 56  ? -0.004  16.653  -6.096  1.00 107.37 ? 1849 ARG A NH1 1 
ATOM   451 N NH2 . ARG A 1 56  ? 0.374   18.920  -6.062  1.00 101.13 ? 1849 ARG A NH2 1 
ATOM   452 N N   . GLY A 1 57  ? 5.633   15.808  -1.455  1.00 89.44  ? 1850 GLY A N   1 
ATOM   453 C CA  . GLY A 1 57  ? 5.528   16.150  -0.051  1.00 95.42  ? 1850 GLY A CA  1 
ATOM   454 C C   . GLY A 1 57  ? 4.116   16.289  0.472   1.00 96.92  ? 1850 GLY A C   1 
ATOM   455 O O   . GLY A 1 57  ? 3.923   16.857  1.553   1.00 97.07  ? 1850 GLY A O   1 
ATOM   456 N N   . GLY A 1 58  ? 3.121   15.773  -0.258  1.00 93.91  ? 1851 GLY A N   1 
ATOM   457 C CA  . GLY A 1 58  ? 1.731   15.874  0.162   1.00 92.33  ? 1851 GLY A CA  1 
ATOM   458 C C   . GLY A 1 58  ? 1.449   15.313  1.543   1.00 93.45  ? 1851 GLY A C   1 
ATOM   459 O O   . GLY A 1 58  ? 0.454   15.694  2.167   1.00 96.61  ? 1851 GLY A O   1 
ATOM   460 N N   . TYR A 1 59  ? 2.297   14.419  2.037   1.00 90.53  ? 1852 TYR A N   1 
ATOM   461 C CA  . TYR A 1 59  ? 2.128   13.886  3.381   1.00 95.51  ? 1852 TYR A CA  1 
ATOM   462 C C   . TYR A 1 59  ? 2.658   14.895  4.391   1.00 100.58 ? 1852 TYR A C   1 
ATOM   463 O O   . TYR A 1 59  ? 3.840   15.254  4.356   1.00 100.20 ? 1852 TYR A O   1 
ATOM   464 C CB  . TYR A 1 59  ? 2.847   12.546  3.520   1.00 93.15  ? 1852 TYR A CB  1 
ATOM   465 C CG  . TYR A 1 59  ? 2.272   11.465  2.637   1.00 88.85  ? 1852 TYR A CG  1 
ATOM   466 C CD1 . TYR A 1 59  ? 1.047   10.888  2.928   1.00 87.91  ? 1852 TYR A CD1 1 
ATOM   467 C CD2 . TYR A 1 59  ? 2.955   11.023  1.511   1.00 85.57  ? 1852 TYR A CD2 1 
ATOM   468 C CE1 . TYR A 1 59  ? 0.514   9.902   2.123   1.00 85.27  ? 1852 TYR A CE1 1 
ATOM   469 C CE2 . TYR A 1 59  ? 2.428   10.037  0.701   1.00 83.84  ? 1852 TYR A CE2 1 
ATOM   470 C CZ  . TYR A 1 59  ? 1.207   9.481   1.012   1.00 81.96  ? 1852 TYR A CZ  1 
ATOM   471 O OH  . TYR A 1 59  ? 0.679   8.495   0.211   1.00 78.10  ? 1852 TYR A OH  1 
ATOM   472 N N   . THR A 1 60  ? 1.783   15.357  5.285   1.00 102.01 ? 1853 THR A N   1 
ATOM   473 C CA  . THR A 1 60  ? 2.202   16.337  6.281   1.00 101.17 ? 1853 THR A CA  1 
ATOM   474 C C   . THR A 1 60  ? 2.810   15.661  7.504   1.00 104.42 ? 1853 THR A C   1 
ATOM   475 O O   . THR A 1 60  ? 3.789   16.162  8.069   1.00 110.95 ? 1853 THR A O   1 
ATOM   476 C CB  . THR A 1 60  ? 1.024   17.228  6.679   1.00 103.28 ? 1853 THR A CB  1 
ATOM   477 O OG1 . THR A 1 60  ? -0.045  16.420  7.183   1.00 105.50 ? 1853 THR A OG1 1 
ATOM   478 C CG2 . THR A 1 60  ? 0.530   18.017  5.472   1.00 97.76  ? 1853 THR A CG2 1 
ATOM   479 N N   . SER A 1 61  ? 2.257   14.526  7.922   1.00 102.16 ? 1854 SER A N   1 
ATOM   480 C CA  . SER A 1 61  ? 2.826   13.735  9.003   1.00 102.61 ? 1854 SER A CA  1 
ATOM   481 C C   . SER A 1 61  ? 3.024   12.306  8.522   1.00 98.94  ? 1854 SER A C   1 
ATOM   482 O O   . SER A 1 61  ? 2.504   11.899  7.479   1.00 95.50  ? 1854 SER A O   1 
ATOM   483 C CB  . SER A 1 61  ? 1.936   13.748  10.253  1.00 101.87 ? 1854 SER A CB  1 
ATOM   484 O OG  . SER A 1 61  ? 0.751   12.995  10.044  1.00 103.05 ? 1854 SER A OG  1 
ATOM   485 N N   . SER A 1 62  ? 3.786   11.536  9.299   1.00 99.53  ? 1855 SER A N   1 
ATOM   486 C CA  . SER A 1 62  ? 3.955   10.126  8.977   1.00 98.30  ? 1855 SER A CA  1 
ATOM   487 C C   . SER A 1 62  ? 2.680   9.326   9.221   1.00 98.97  ? 1855 SER A C   1 
ATOM   488 O O   . SER A 1 62  ? 2.545   8.221   8.684   1.00 97.47  ? 1855 SER A O   1 
ATOM   489 C CB  . SER A 1 62  ? 5.114   9.534   9.780   1.00 98.78  ? 1855 SER A CB  1 
ATOM   490 O OG  . SER A 1 62  ? 4.875   9.639   11.171  1.00 104.16 ? 1855 SER A OG  1 
ATOM   491 N N   . GLU A 1 63  ? 1.737   9.863   10.001  1.00 100.49 ? 1856 GLU A N   1 
ATOM   492 C CA  . GLU A 1 63  ? 0.487   9.147   10.246  1.00 95.78  ? 1856 GLU A CA  1 
ATOM   493 C C   . GLU A 1 63  ? -0.380  9.104   8.995   1.00 88.81  ? 1856 GLU A C   1 
ATOM   494 O O   . GLU A 1 63  ? -1.068  8.107   8.743   1.00 90.18  ? 1856 GLU A O   1 
ATOM   495 C CB  . GLU A 1 63  ? -0.273  9.793   11.406  1.00 98.16  ? 1856 GLU A CB  1 
ATOM   496 C CG  . GLU A 1 63  ? 0.226   9.401   12.795  1.00 98.71  ? 1856 GLU A CG  1 
ATOM   497 C CD  . GLU A 1 63  ? 1.549   10.054  13.162  1.00 104.15 ? 1856 GLU A CD  1 
ATOM   498 O OE1 . GLU A 1 63  ? 2.591   9.676   12.580  1.00 104.78 ? 1856 GLU A OE1 1 
ATOM   499 O OE2 . GLU A 1 63  ? 1.546   10.955  14.030  1.00 102.36 ? 1856 GLU A OE2 1 
ATOM   500 N N   . GLU A 1 64  ? -0.368  10.172  8.201   1.00 87.64  ? 1857 GLU A N   1 
ATOM   501 C CA  . GLU A 1 64  ? -1.094  10.140  6.938   1.00 90.76  ? 1857 GLU A CA  1 
ATOM   502 C C   . GLU A 1 64  ? -0.496  9.121   5.975   1.00 87.18  ? 1857 GLU A C   1 
ATOM   503 O O   . GLU A 1 64  ? -1.228  8.502   5.192   1.00 81.60  ? 1857 GLU A O   1 
ATOM   504 C CB  . GLU A 1 64  ? -1.108  11.531  6.309   1.00 91.02  ? 1857 GLU A CB  1 
ATOM   505 C CG  . GLU A 1 64  ? -1.540  12.626  7.268   1.00 96.25  ? 1857 GLU A CG  1 
ATOM   506 C CD  . GLU A 1 64  ? -1.833  13.935  6.560   1.00 104.94 ? 1857 GLU A CD  1 
ATOM   507 O OE1 . GLU A 1 64  ? -2.118  14.938  7.252   1.00 104.07 ? 1857 GLU A OE1 1 
ATOM   508 O OE2 . GLU A 1 64  ? -1.780  13.957  5.309   1.00 103.21 ? 1857 GLU A OE2 1 
ATOM   509 N N   . PHE A 1 65  ? 0.827   8.932   6.023   1.00 85.76  ? 1858 PHE A N   1 
ATOM   510 C CA  . PHE A 1 65  ? 1.468   7.957   5.149   1.00 76.74  ? 1858 PHE A CA  1 
ATOM   511 C C   . PHE A 1 65  ? 1.087   6.542   5.546   1.00 76.28  ? 1858 PHE A C   1 
ATOM   512 O O   . PHE A 1 65  ? 0.853   5.686   4.684   1.00 74.98  ? 1858 PHE A O   1 
ATOM   513 C CB  . PHE A 1 65  ? 2.984   8.147   5.187   1.00 80.25  ? 1858 PHE A CB  1 
ATOM   514 C CG  . PHE A 1 65  ? 3.760   7.097   4.431   1.00 80.82  ? 1858 PHE A CG  1 
ATOM   515 C CD1 . PHE A 1 65  ? 4.398   6.066   5.105   1.00 76.29  ? 1858 PHE A CD1 1 
ATOM   516 C CD2 . PHE A 1 65  ? 3.866   7.151   3.049   1.00 75.22  ? 1858 PHE A CD2 1 
ATOM   517 C CE1 . PHE A 1 65  ? 5.117   5.104   4.418   1.00 69.58  ? 1858 PHE A CE1 1 
ATOM   518 C CE2 . PHE A 1 65  ? 4.588   6.195   2.357   1.00 74.38  ? 1858 PHE A CE2 1 
ATOM   519 C CZ  . PHE A 1 65  ? 5.215   5.166   3.044   1.00 71.76  ? 1858 PHE A CZ  1 
ATOM   520 N N   . ALA A 1 66  ? 1.005   6.282   6.852   1.00 77.95  ? 1859 ALA A N   1 
ATOM   521 C CA  . ALA A 1 66  ? 0.605   4.964   7.328   1.00 78.02  ? 1859 ALA A CA  1 
ATOM   522 C C   . ALA A 1 66  ? -0.835  4.638   6.951   1.00 70.34  ? 1859 ALA A C   1 
ATOM   523 O O   . ALA A 1 66  ? -1.148  3.482   6.642   1.00 66.87  ? 1859 ALA A O   1 
ATOM   524 C CB  . ALA A 1 66  ? 0.793   4.885   8.841   1.00 85.29  ? 1859 ALA A CB  1 
ATOM   525 N N   . ALA A 1 67  ? -1.720  5.634   6.963   1.00 68.90  ? 1860 ALA A N   1 
ATOM   526 C CA  . ALA A 1 67  ? -3.110  5.377   6.619   1.00 66.96  ? 1860 ALA A CA  1 
ATOM   527 C C   . ALA A 1 67  ? -3.252  4.987   5.153   1.00 69.49  ? 1860 ALA A C   1 
ATOM   528 O O   . ALA A 1 67  ? -4.100  4.157   4.805   1.00 70.78  ? 1860 ALA A O   1 
ATOM   529 C CB  . ALA A 1 67  ? -3.965  6.601   6.939   1.00 72.28  ? 1860 ALA A CB  1 
ATOM   530 N N   . ASP A 1 68  ? -2.440  5.585   4.275   1.00 69.69  ? 1861 ASP A N   1 
ATOM   531 C CA  . ASP A 1 68  ? -2.464  5.181   2.872   1.00 65.42  ? 1861 ASP A CA  1 
ATOM   532 C C   . ASP A 1 68  ? -1.949  3.755   2.712   1.00 65.32  ? 1861 ASP A C   1 
ATOM   533 O O   . ASP A 1 68  ? -2.480  2.979   1.908   1.00 61.25  ? 1861 ASP A O   1 
ATOM   534 C CB  . ASP A 1 68  ? -1.642  6.156   2.031   1.00 70.31  ? 1861 ASP A CB  1 
ATOM   535 C CG  . ASP A 1 68  ? -2.504  7.207   1.335   1.00 80.00  ? 1861 ASP A CG  1 
ATOM   536 O OD1 . ASP A 1 68  ? -3.747  7.070   1.323   1.00 74.97  ? 1861 ASP A OD1 1 
ATOM   537 O OD2 . ASP A 1 68  ? -1.934  8.177   0.793   1.00 84.06  ? 1861 ASP A OD2 1 
ATOM   538 N N   . ALA A 1 69  ? -0.924  3.388   3.482   1.00 62.74  ? 1862 ALA A N   1 
ATOM   539 C CA  . ALA A 1 69  ? -0.434  2.016   3.454   1.00 61.77  ? 1862 ALA A CA  1 
ATOM   540 C C   . ALA A 1 69  ? -1.511  1.040   3.908   1.00 59.96  ? 1862 ALA A C   1 
ATOM   541 O O   . ALA A 1 69  ? -1.799  0.051   3.222   1.00 60.76  ? 1862 ALA A O   1 
ATOM   542 C CB  . ALA A 1 69  ? 0.811   1.886   4.330   1.00 64.52  ? 1862 ALA A CB  1 
ATOM   543 N N   . LEU A 1 70  ? -2.123  1.305   5.063   1.00 60.22  ? 1863 LEU A N   1 
ATOM   544 C CA  . LEU A 1 70  ? -3.172  0.417   5.557   1.00 60.23  ? 1863 LEU A CA  1 
ATOM   545 C C   . LEU A 1 70  ? -4.366  0.367   4.608   1.00 57.37  ? 1863 LEU A C   1 
ATOM   546 O O   . LEU A 1 70  ? -5.112  -0.619  4.598   1.00 55.23  ? 1863 LEU A O   1 
ATOM   547 C CB  . LEU A 1 70  ? -3.615  0.853   6.952   1.00 56.41  ? 1863 LEU A CB  1 
ATOM   548 C CG  . LEU A 1 70  ? -2.508  0.861   8.010   1.00 63.42  ? 1863 LEU A CG  1 
ATOM   549 C CD1 . LEU A 1 70  ? -3.086  1.182   9.381   1.00 62.95  ? 1863 LEU A CD1 1 
ATOM   550 C CD2 . LEU A 1 70  ? -1.731  -0.455  8.037   1.00 54.28  ? 1863 LEU A CD2 1 
ATOM   551 N N   . LEU A 1 71  ? -4.561  1.407   3.800   1.00 57.78  ? 1864 LEU A N   1 
ATOM   552 C CA  . LEU A 1 71  ? -5.663  1.388   2.847   1.00 55.37  ? 1864 LEU A CA  1 
ATOM   553 C C   . LEU A 1 71  ? -5.374  0.471   1.662   1.00 56.41  ? 1864 LEU A C   1 
ATOM   554 O O   . LEU A 1 71  ? -6.307  -0.084  1.070   1.00 54.92  ? 1864 LEU A O   1 
ATOM   555 C CB  . LEU A 1 71  ? -5.956  2.808   2.375   1.00 59.03  ? 1864 LEU A CB  1 
ATOM   556 C CG  . LEU A 1 71  ? -6.963  3.000   1.251   1.00 58.12  ? 1864 LEU A CG  1 
ATOM   557 C CD1 . LEU A 1 71  ? -8.346  2.494   1.641   1.00 56.60  ? 1864 LEU A CD1 1 
ATOM   558 C CD2 . LEU A 1 71  ? -7.003  4.464   0.921   1.00 60.49  ? 1864 LEU A CD2 1 
ATOM   559 N N   . VAL A 1 72  ? -4.097  0.289   1.310   1.00 56.69  ? 1865 VAL A N   1 
ATOM   560 C CA  . VAL A 1 72  ? -3.755  -0.672  0.265   1.00 57.06  ? 1865 VAL A CA  1 
ATOM   561 C C   . VAL A 1 72  ? -4.164  -2.077  0.687   1.00 54.04  ? 1865 VAL A C   1 
ATOM   562 O O   . VAL A 1 72  ? -4.691  -2.858  -0.114  1.00 53.13  ? 1865 VAL A O   1 
ATOM   563 C CB  . VAL A 1 72  ? -2.251  -0.605  -0.068  1.00 51.05  ? 1865 VAL A CB  1 
ATOM   564 C CG1 . VAL A 1 72  ? -1.936  -1.555  -1.189  1.00 50.53  ? 1865 VAL A CG1 1 
ATOM   565 C CG2 . VAL A 1 72  ? -1.843  0.811   -0.454  1.00 53.51  ? 1865 VAL A CG2 1 
ATOM   566 N N   . PHE A 1 73  ? -3.948  -2.410  1.955   1.00 48.93  ? 1866 PHE A N   1 
ATOM   567 C CA  . PHE A 1 73  ? -4.207  -3.757  2.442   1.00 51.89  ? 1866 PHE A CA  1 
ATOM   568 C C   . PHE A 1 73  ? -5.646  -3.961  2.878   1.00 52.66  ? 1866 PHE A C   1 
ATOM   569 O O   . PHE A 1 73  ? -6.189  -5.054  2.673   1.00 51.61  ? 1866 PHE A O   1 
ATOM   570 C CB  . PHE A 1 73  ? -3.240  -4.078  3.586   1.00 52.58  ? 1866 PHE A CB  1 
ATOM   571 C CG  . PHE A 1 73  ? -1.832  -3.747  3.247   1.00 50.47  ? 1866 PHE A CG  1 
ATOM   572 C CD1 . PHE A 1 73  ? -1.254  -4.277  2.110   1.00 50.21  ? 1866 PHE A CD1 1 
ATOM   573 C CD2 . PHE A 1 73  ? -1.112  -2.847  4.000   1.00 52.28  ? 1866 PHE A CD2 1 
ATOM   574 C CE1 . PHE A 1 73  ? 0.021   -3.954  1.755   1.00 47.59  ? 1866 PHE A CE1 1 
ATOM   575 C CE2 . PHE A 1 73  ? 0.175   -2.524  3.646   1.00 52.16  ? 1866 PHE A CE2 1 
ATOM   576 C CZ  . PHE A 1 73  ? 0.734   -3.082  2.522   1.00 50.27  ? 1866 PHE A CZ  1 
ATOM   577 N N   . ASP A 1 74  ? -6.280  -2.942  3.472   1.00 56.71  ? 1867 ASP A N   1 
ATOM   578 C CA  . ASP A 1 74  ? -7.723  -3.016  3.696   1.00 56.11  ? 1867 ASP A CA  1 
ATOM   579 C C   . ASP A 1 74  ? -8.464  -3.256  2.384   1.00 50.23  ? 1867 ASP A C   1 
ATOM   580 O O   . ASP A 1 74  ? -9.339  -4.126  2.305   1.00 51.82  ? 1867 ASP A O   1 
ATOM   581 C CB  . ASP A 1 74  ? -8.236  -1.739  4.365   1.00 53.48  ? 1867 ASP A CB  1 
ATOM   582 C CG  . ASP A 1 74  ? -7.810  -1.613  5.818   1.00 58.34  ? 1867 ASP A CG  1 
ATOM   583 O OD1 . ASP A 1 74  ? -7.468  -2.644  6.451   1.00 59.39  ? 1867 ASP A OD1 1 
ATOM   584 O OD2 . ASP A 1 74  ? -7.829  -0.466  6.324   1.00 56.15  ? 1867 ASP A OD2 1 
ATOM   585 N N   . ASN A 1 75  ? -8.115  -2.505  1.338   1.00 46.99  ? 1868 ASN A N   1 
ATOM   586 C CA  . ASN A 1 75  ? -8.728  -2.736  0.037   1.00 51.88  ? 1868 ASN A CA  1 
ATOM   587 C C   . ASN A 1 75  ? -8.463  -4.155  -0.443  1.00 51.91  ? 1868 ASN A C   1 
ATOM   588 O O   . ASN A 1 75  ? -9.391  -4.861  -0.857  1.00 52.99  ? 1868 ASN A O   1 
ATOM   589 C CB  . ASN A 1 75  ? -8.210  -1.716  -0.979  1.00 56.32  ? 1868 ASN A CB  1 
ATOM   590 C CG  . ASN A 1 75  ? -8.787  -0.331  -0.761  1.00 54.93  ? 1868 ASN A CG  1 
ATOM   591 O OD1 . ASN A 1 75  ? -9.928  -0.189  -0.330  1.00 61.97  ? 1868 ASN A OD1 1 
ATOM   592 N ND2 . ASN A 1 75  ? -7.999  0.695   -1.051  1.00 54.35  ? 1868 ASN A ND2 1 
ATOM   593 N N   . CYS A 1 76  ? -7.197  -4.585  -0.392  1.00 55.79  ? 1869 CYS A N   1 
ATOM   594 C CA  . CYS A 1 76  ? -6.822  -5.940  -0.801  1.00 52.16  ? 1869 CYS A CA  1 
ATOM   595 C C   . CYS A 1 76  ? -7.677  -6.992  -0.107  1.00 51.35  ? 1869 CYS A C   1 
ATOM   596 O O   . CYS A 1 76  ? -8.235  -7.886  -0.757  1.00 53.86  ? 1869 CYS A O   1 
ATOM   597 C CB  . CYS A 1 76  ? -5.340  -6.185  -0.497  1.00 54.51  ? 1869 CYS A CB  1 
ATOM   598 S SG  . CYS A 1 76  ? -4.703  -7.790  -1.069  1.00 50.35  ? 1869 CYS A SG  1 
ATOM   599 N N   . GLN A 1 77  ? -7.802  -6.889  1.219   1.00 48.38  ? 1870 GLN A N   1 
ATOM   600 C CA  . GLN A 1 77  ? -8.562  -7.877  1.977   1.00 50.36  ? 1870 GLN A CA  1 
ATOM   601 C C   . GLN A 1 77  ? -10.055 -7.781  1.710   1.00 53.89  ? 1870 GLN A C   1 
ATOM   602 O O   . GLN A 1 77  ? -10.762 -8.791  1.811   1.00 55.66  ? 1870 GLN A O   1 
ATOM   603 C CB  . GLN A 1 77  ? -8.294  -7.719  3.472   1.00 54.83  ? 1870 GLN A CB  1 
ATOM   604 C CG  . GLN A 1 77  ? -6.925  -8.204  3.909   1.00 45.98  ? 1870 GLN A CG  1 
ATOM   605 C CD  . GLN A 1 77  ? -6.602  -7.755  5.302   1.00 49.45  ? 1870 GLN A CD  1 
ATOM   606 O OE1 . GLN A 1 77  ? -6.084  -6.658  5.508   1.00 49.65  ? 1870 GLN A OE1 1 
ATOM   607 N NE2 . GLN A 1 77  ? -6.914  -8.597  6.282   1.00 56.24  ? 1870 GLN A NE2 1 
ATOM   608 N N   . THR A 1 78  ? -10.554 -6.588  1.373   1.00 58.32  ? 1871 THR A N   1 
ATOM   609 C CA  . THR A 1 78  ? -11.965 -6.454  1.021   1.00 56.23  ? 1871 THR A CA  1 
ATOM   610 C C   . THR A 1 78  ? -12.272 -7.116  -0.320  1.00 56.21  ? 1871 THR A C   1 
ATOM   611 O O   . THR A 1 78  ? -13.287 -7.807  -0.460  1.00 56.96  ? 1871 THR A O   1 
ATOM   612 C CB  . THR A 1 78  ? -12.366 -4.978  0.991   1.00 56.28  ? 1871 THR A CB  1 
ATOM   613 O OG1 . THR A 1 78  ? -12.118 -4.383  2.271   1.00 61.94  ? 1871 THR A OG1 1 
ATOM   614 C CG2 . THR A 1 78  ? -13.840 -4.828  0.650   1.00 57.37  ? 1871 THR A CG2 1 
ATOM   615 N N   . PHE A 1 79  ? -11.405 -6.931  -1.311  1.00 52.99  ? 1872 PHE A N   1 
ATOM   616 C CA  . PHE A 1 79  ? -11.700 -7.409  -2.655  1.00 53.68  ? 1872 PHE A CA  1 
ATOM   617 C C   . PHE A 1 79  ? -11.281 -8.853  -2.907  1.00 55.33  ? 1872 PHE A C   1 
ATOM   618 O O   . PHE A 1 79  ? -11.975 -9.569  -3.639  1.00 56.10  ? 1872 PHE A O   1 
ATOM   619 C CB  . PHE A 1 79  ? -11.022 -6.508  -3.690  1.00 53.28  ? 1872 PHE A CB  1 
ATOM   620 C CG  . PHE A 1 79  ? -11.461 -6.779  -5.095  1.00 56.77  ? 1872 PHE A CG  1 
ATOM   621 C CD1 . PHE A 1 79  ? -10.717 -7.606  -5.921  1.00 58.67  ? 1872 PHE A CD1 1 
ATOM   622 C CD2 . PHE A 1 79  ? -12.630 -6.222  -5.587  1.00 59.48  ? 1872 PHE A CD2 1 
ATOM   623 C CE1 . PHE A 1 79  ? -11.129 -7.862  -7.216  1.00 56.39  ? 1872 PHE A CE1 1 
ATOM   624 C CE2 . PHE A 1 79  ? -13.042 -6.474  -6.875  1.00 57.03  ? 1872 PHE A CE2 1 
ATOM   625 C CZ  . PHE A 1 79  ? -12.291 -7.295  -7.689  1.00 57.35  ? 1872 PHE A CZ  1 
ATOM   626 N N   . ASN A 1 80  ? -10.162 -9.304  -2.346  1.00 59.65  ? 1873 ASN A N   1 
ATOM   627 C CA  . ASN A 1 80  ? -9.588  -10.597 -2.700  1.00 58.96  ? 1873 ASN A CA  1 
ATOM   628 C C   . ASN A 1 80  ? -9.742  -11.598 -1.563  1.00 57.53  ? 1873 ASN A C   1 
ATOM   629 O O   . ASN A 1 80  ? -9.602  -11.245 -0.387  1.00 60.11  ? 1873 ASN A O   1 
ATOM   630 C CB  . ASN A 1 80  ? -8.114  -10.448 -3.062  1.00 53.84  ? 1873 ASN A CB  1 
ATOM   631 C CG  . ASN A 1 80  ? -7.889  -9.394  -4.116  1.00 54.93  ? 1873 ASN A CG  1 
ATOM   632 O OD1 . ASN A 1 80  ? -7.858  -9.690  -5.313  1.00 50.68  ? 1873 ASN A OD1 1 
ATOM   633 N ND2 . ASN A 1 80  ? -7.721  -8.151  -3.677  1.00 57.83  ? 1873 ASN A ND2 1 
ATOM   634 N N   . GLU A 1 81  ? -10.035 -12.847 -1.923  1.00 57.95  ? 1874 GLU A N   1 
ATOM   635 C CA  . GLU A 1 81  ? -10.014 -13.929 -0.948  1.00 60.35  ? 1874 GLU A CA  1 
ATOM   636 C C   . GLU A 1 81  ? -8.626  -14.052 -0.318  1.00 58.35  ? 1874 GLU A C   1 
ATOM   637 O O   . GLU A 1 81  ? -7.606  -13.714 -0.924  1.00 57.69  ? 1874 GLU A O   1 
ATOM   638 C CB  . GLU A 1 81  ? -10.399 -15.254 -1.610  1.00 62.40  ? 1874 GLU A CB  1 
ATOM   639 C CG  . GLU A 1 81  ? -11.819 -15.331 -2.139  1.00 61.76  ? 1874 GLU A CG  1 
ATOM   640 C CD  . GLU A 1 81  ? -12.847 -15.480 -1.031  1.00 73.73  ? 1874 GLU A CD  1 
ATOM   641 O OE1 . GLU A 1 81  ? -13.712 -14.581 -0.881  1.00 74.73  ? 1874 GLU A OE1 1 
ATOM   642 O OE2 . GLU A 1 81  ? -12.787 -16.498 -0.306  1.00 75.60  ? 1874 GLU A OE2 1 
ATOM   643 N N   . ASP A 1 82  ? -8.596  -14.545 0.922   1.00 63.29  ? 1875 ASP A N   1 
ATOM   644 C CA  . ASP A 1 82  ? -7.325  -14.709 1.619   1.00 58.92  ? 1875 ASP A CA  1 
ATOM   645 C C   . ASP A 1 82  ? -6.440  -15.749 0.946   1.00 58.49  ? 1875 ASP A C   1 
ATOM   646 O O   . ASP A 1 82  ? -5.211  -15.643 1.007   1.00 57.85  ? 1875 ASP A O   1 
ATOM   647 C CB  . ASP A 1 82  ? -7.565  -15.096 3.074   1.00 51.90  ? 1875 ASP A CB  1 
ATOM   648 C CG  . ASP A 1 82  ? -8.249  -14.003 3.859   1.00 48.65  ? 1875 ASP A CG  1 
ATOM   649 O OD1 . ASP A 1 82  ? -7.857  -12.823 3.723   1.00 44.52  ? 1875 ASP A OD1 1 
ATOM   650 O OD2 . ASP A 1 82  ? -9.183  -14.329 4.619   1.00 45.69  ? 1875 ASP A OD2 1 
ATOM   651 N N   . ASP A 1 83  ? -7.029  -16.759 0.308   1.00 60.47  ? 1876 ASP A N   1 
ATOM   652 C CA  . ASP A 1 83  ? -6.244  -17.771 -0.385  1.00 64.68  ? 1876 ASP A CA  1 
ATOM   653 C C   . ASP A 1 83  ? -6.048  -17.457 -1.857  1.00 63.46  ? 1876 ASP A C   1 
ATOM   654 O O   . ASP A 1 83  ? -5.531  -18.304 -2.591  1.00 68.15  ? 1876 ASP A O   1 
ATOM   655 C CB  . ASP A 1 83  ? -6.880  -19.153 -0.236  1.00 66.55  ? 1876 ASP A CB  1 
ATOM   656 C CG  . ASP A 1 83  ? -8.365  -19.124 -0.398  1.00 66.77  ? 1876 ASP A CG  1 
ATOM   657 O OD1 . ASP A 1 83  ? -8.896  -18.023 -0.652  1.00 67.31  ? 1876 ASP A OD1 1 
ATOM   658 O OD2 . ASP A 1 83  ? -8.997  -20.195 -0.252  1.00 71.07  ? 1876 ASP A OD2 1 
ATOM   659 N N   . SER A 1 84  ? -6.448  -16.272 -2.307  1.00 63.71  ? 1877 SER A N   1 
ATOM   660 C CA  . SER A 1 84  ? -6.156  -15.861 -3.673  1.00 61.88  ? 1877 SER A CA  1 
ATOM   661 C C   . SER A 1 84  ? -4.686  -15.471 -3.804  1.00 61.16  ? 1877 SER A C   1 
ATOM   662 O O   . SER A 1 84  ? -3.995  -15.208 -2.814  1.00 59.72  ? 1877 SER A O   1 
ATOM   663 C CB  . SER A 1 84  ? -7.032  -14.682 -4.085  1.00 56.69  ? 1877 SER A CB  1 
ATOM   664 O OG  . SER A 1 84  ? -6.612  -13.499 -3.424  1.00 54.35  ? 1877 SER A OG  1 
ATOM   665 N N   . GLU A 1 85  ? -4.211  -15.426 -5.052  1.00 61.76  ? 1878 GLU A N   1 
ATOM   666 C CA  . GLU A 1 85  ? -2.834  -15.006 -5.298  1.00 60.81  ? 1878 GLU A CA  1 
ATOM   667 C C   . GLU A 1 85  ? -2.606  -13.580 -4.814  1.00 61.38  ? 1878 GLU A C   1 
ATOM   668 O O   . GLU A 1 85  ? -1.630  -13.304 -4.105  1.00 61.47  ? 1878 GLU A O   1 
ATOM   669 C CB  . GLU A 1 85  ? -2.493  -15.131 -6.784  1.00 59.23  ? 1878 GLU A CB  1 
ATOM   670 C CG  . GLU A 1 85  ? -2.153  -16.536 -7.241  1.00 65.26  ? 1878 GLU A CG  1 
ATOM   671 C CD  . GLU A 1 85  ? -0.953  -17.119 -6.499  1.00 80.92  ? 1878 GLU A CD  1 
ATOM   672 O OE1 . GLU A 1 85  ? -1.128  -18.138 -5.792  1.00 76.87  ? 1878 GLU A OE1 1 
ATOM   673 O OE2 . GLU A 1 85  ? 0.160   -16.551 -6.613  1.00 77.56  ? 1878 GLU A OE2 1 
ATOM   674 N N   . VAL A 1 86  ? -3.506  -12.662 -5.184  1.00 57.88  ? 1879 VAL A N   1 
ATOM   675 C CA  . VAL A 1 86  ? -3.389  -11.270 -4.753  1.00 57.14  ? 1879 VAL A CA  1 
ATOM   676 C C   . VAL A 1 86  ? -3.535  -11.169 -3.243  1.00 54.24  ? 1879 VAL A C   1 
ATOM   677 O O   . VAL A 1 86  ? -2.784  -10.447 -2.574  1.00 51.28  ? 1879 VAL A O   1 
ATOM   678 C CB  . VAL A 1 86  ? -4.434  -10.392 -5.476  1.00 56.77  ? 1879 VAL A CB  1 
ATOM   679 C CG1 . VAL A 1 86  ? -4.471  -8.991  -4.877  1.00 44.89  ? 1879 VAL A CG1 1 
ATOM   680 C CG2 . VAL A 1 86  ? -4.135  -10.331 -6.969  1.00 54.67  ? 1879 VAL A CG2 1 
ATOM   681 N N   . GLY A 1 87  ? -4.519  -11.880 -2.684  1.00 55.99  ? 1880 GLY A N   1 
ATOM   682 C CA  . GLY A 1 87  ? -4.728  -11.843 -1.245  1.00 56.85  ? 1880 GLY A CA  1 
ATOM   683 C C   . GLY A 1 87  ? -3.518  -12.332 -0.469  1.00 58.49  ? 1880 GLY A C   1 
ATOM   684 O O   . GLY A 1 87  ? -3.063  -11.675 0.474   1.00 56.34  ? 1880 GLY A O   1 
ATOM   685 N N   . LYS A 1 88  ? -2.978  -13.497 -0.861  1.00 56.16  ? 1881 LYS A N   1 
ATOM   686 C CA  . LYS A 1 88  ? -1.780  -14.021 -0.210  1.00 54.26  ? 1881 LYS A CA  1 
ATOM   687 C C   . LYS A 1 88  ? -0.647  -13.008 -0.246  1.00 52.97  ? 1881 LYS A C   1 
ATOM   688 O O   . LYS A 1 88  ? 0.071   -12.828 0.747   1.00 58.00  ? 1881 LYS A O   1 
ATOM   689 C CB  . LYS A 1 88  ? -1.334  -15.327 -0.874  1.00 58.00  ? 1881 LYS A CB  1 
ATOM   690 C CG  . LYS A 1 88  ? -2.148  -16.538 -0.479  1.00 59.42  ? 1881 LYS A CG  1 
ATOM   691 C CD  . LYS A 1 88  ? -1.613  -17.807 -1.124  1.00 66.53  ? 1881 LYS A CD  1 
ATOM   692 C CE  . LYS A 1 88  ? -1.914  -17.841 -2.616  1.00 69.71  ? 1881 LYS A CE  1 
ATOM   693 N NZ  . LYS A 1 88  ? -1.859  -19.234 -3.154  1.00 74.74  ? 1881 LYS A NZ  1 
ATOM   694 N N   . ALA A 1 89  ? -0.462  -12.342 -1.385  1.00 48.41  ? 1882 ALA A N   1 
ATOM   695 C CA  . ALA A 1 89  ? 0.576   -11.329 -1.469  1.00 46.98  ? 1882 ALA A CA  1 
ATOM   696 C C   . ALA A 1 89  ? 0.272   -10.161 -0.542  1.00 55.21  ? 1882 ALA A C   1 
ATOM   697 O O   . ALA A 1 89  ? 1.177   -9.635  0.122   1.00 55.17  ? 1882 ALA A O   1 
ATOM   698 C CB  . ALA A 1 89  ? 0.736   -10.856 -2.911  1.00 45.47  ? 1882 ALA A CB  1 
ATOM   699 N N   . GLY A 1 90  ? -1.002  -9.754  -0.469  1.00 52.81  ? 1883 GLY A N   1 
ATOM   700 C CA  . GLY A 1 90  ? -1.368  -8.647  0.399   1.00 49.99  ? 1883 GLY A CA  1 
ATOM   701 C C   . GLY A 1 90  ? -1.008  -8.894  1.852   1.00 52.06  ? 1883 GLY A C   1 
ATOM   702 O O   . GLY A 1 90  ? -0.556  -7.987  2.557   1.00 51.71  ? 1883 GLY A O   1 
ATOM   703 N N   . HIS A 1 91  ? -1.185  -10.128 2.321   1.00 51.47  ? 1884 HIS A N   1 
ATOM   704 C CA  . HIS A 1 91  ? -0.879  -10.415 3.718   1.00 52.41  ? 1884 HIS A CA  1 
ATOM   705 C C   . HIS A 1 91  ? 0.616   -10.336 3.993   1.00 51.75  ? 1884 HIS A C   1 
ATOM   706 O O   . HIS A 1 91  ? 1.033   -9.820  5.037   1.00 49.56  ? 1884 HIS A O   1 
ATOM   707 C CB  . HIS A 1 91  ? -1.436  -11.775 4.100   1.00 46.98  ? 1884 HIS A CB  1 
ATOM   708 C CG  . HIS A 1 91  ? -2.910  -11.754 4.316   1.00 46.48  ? 1884 HIS A CG  1 
ATOM   709 N ND1 . HIS A 1 91  ? -3.762  -12.668 3.738   1.00 51.29  ? 1884 HIS A ND1 1 
ATOM   710 C CD2 . HIS A 1 91  ? -3.687  -10.910 5.032   1.00 44.52  ? 1884 HIS A CD2 1 
ATOM   711 C CE1 . HIS A 1 91  ? -5.002  -12.392 4.093   1.00 48.87  ? 1884 HIS A CE1 1 
ATOM   712 N NE2 . HIS A 1 91  ? -4.983  -11.334 4.883   1.00 50.50  ? 1884 HIS A NE2 1 
ATOM   713 N N   . ILE A 1 92  ? 1.437   -10.824 3.064   1.00 50.37  ? 1885 ILE A N   1 
ATOM   714 C CA  . ILE A 1 92  ? 2.881   -10.675 3.205   1.00 48.64  ? 1885 ILE A CA  1 
ATOM   715 C C   . ILE A 1 92  ? 3.255   -9.199  3.232   1.00 51.07  ? 1885 ILE A C   1 
ATOM   716 O O   . ILE A 1 92  ? 4.043   -8.754  4.075   1.00 57.68  ? 1885 ILE A O   1 
ATOM   717 C CB  . ILE A 1 92  ? 3.605   -11.430 2.078   1.00 48.80  ? 1885 ILE A CB  1 
ATOM   718 C CG1 . ILE A 1 92  ? 3.309   -12.929 2.190   1.00 45.69  ? 1885 ILE A CG1 1 
ATOM   719 C CG2 . ILE A 1 92  ? 5.088   -11.151 2.125   1.00 48.27  ? 1885 ILE A CG2 1 
ATOM   720 C CD1 . ILE A 1 92  ? 3.722   -13.741 1.004   1.00 43.71  ? 1885 ILE A CD1 1 
ATOM   721 N N   . MET A 1 93  ? 2.680   -8.411  2.323   1.00 53.94  ? 1886 MET A N   1 
ATOM   722 C CA  . MET A 1 93  ? 3.003   -6.988  2.292   1.00 56.10  ? 1886 MET A CA  1 
ATOM   723 C C   . MET A 1 93  ? 2.504   -6.280  3.544   1.00 56.62  ? 1886 MET A C   1 
ATOM   724 O O   . MET A 1 93  ? 3.192   -5.402  4.084   1.00 56.69  ? 1886 MET A O   1 
ATOM   725 C CB  . MET A 1 93  ? 2.413   -6.333  1.041   1.00 54.64  ? 1886 MET A CB  1 
ATOM   726 C CG  . MET A 1 93  ? 3.131   -6.672  -0.253  1.00 53.76  ? 1886 MET A CG  1 
ATOM   727 S SD  . MET A 1 93  ? 4.927   -6.647  -0.100  1.00 51.69  ? 1886 MET A SD  1 
ATOM   728 C CE  . MET A 1 93  ? 5.284   -4.953  0.386   1.00 47.38  ? 1886 MET A CE  1 
ATOM   729 N N   . ARG A 1 94  ? 1.307   -6.639  4.013   1.00 54.42  ? 1887 ARG A N   1 
ATOM   730 C CA  . ARG A 1 94  ? 0.757   -6.002  5.203   1.00 51.56  ? 1887 ARG A CA  1 
ATOM   731 C C   . ARG A 1 94  ? 1.612   -6.315  6.428   1.00 55.01  ? 1887 ARG A C   1 
ATOM   732 O O   . ARG A 1 94  ? 1.996   -5.409  7.175   1.00 62.31  ? 1887 ARG A O   1 
ATOM   733 C CB  . ARG A 1 94  ? -0.695  -6.446  5.405   1.00 49.18  ? 1887 ARG A CB  1 
ATOM   734 C CG  . ARG A 1 94  ? -1.411  -5.762  6.558   1.00 46.06  ? 1887 ARG A CG  1 
ATOM   735 C CD  . ARG A 1 94  ? -2.808  -6.326  6.770   1.00 44.59  ? 1887 ARG A CD  1 
ATOM   736 N NE  . ARG A 1 94  ? -2.855  -7.788  6.749   1.00 51.17  ? 1887 ARG A NE  1 
ATOM   737 C CZ  . ARG A 1 94  ? -2.401  -8.581  7.723   1.00 52.09  ? 1887 ARG A CZ  1 
ATOM   738 N NH1 . ARG A 1 94  ? -1.839  -8.065  8.810   1.00 48.44  ? 1887 ARG A NH1 1 
ATOM   739 N NH2 . ARG A 1 94  ? -2.501  -9.899  7.608   1.00 52.08  ? 1887 ARG A NH2 1 
ATOM   740 N N   . ARG A 1 95  ? 1.932   -7.594  6.643   1.00 49.88  ? 1888 ARG A N   1 
ATOM   741 C CA  . ARG A 1 95  ? 2.817   -7.957  7.751   1.00 58.01  ? 1888 ARG A CA  1 
ATOM   742 C C   . ARG A 1 95  ? 4.166   -7.257  7.647   1.00 60.79  ? 1888 ARG A C   1 
ATOM   743 O O   . ARG A 1 95  ? 4.680   -6.741  8.648   1.00 63.91  ? 1888 ARG A O   1 
ATOM   744 C CB  . ARG A 1 95  ? 3.023   -9.469  7.801   1.00 51.09  ? 1888 ARG A CB  1 
ATOM   745 C CG  . ARG A 1 95  ? 1.899   -10.209 8.467   1.00 45.39  ? 1888 ARG A CG  1 
ATOM   746 C CD  . ARG A 1 95  ? 2.238   -11.659 8.574   1.00 44.11  ? 1888 ARG A CD  1 
ATOM   747 N NE  . ARG A 1 95  ? 1.258   -12.486 7.898   1.00 49.12  ? 1888 ARG A NE  1 
ATOM   748 C CZ  . ARG A 1 95  ? 1.468   -13.070 6.729   1.00 49.75  ? 1888 ARG A CZ  1 
ATOM   749 N NH1 . ARG A 1 95  ? 2.630   -12.911 6.112   1.00 53.17  ? 1888 ARG A NH1 1 
ATOM   750 N NH2 . ARG A 1 95  ? 0.515   -13.810 6.178   1.00 49.02  ? 1888 ARG A NH2 1 
ATOM   751 N N   . PHE A 1 96  ? 4.759   -7.236  6.447   1.00 60.56  ? 1889 PHE A N   1 
ATOM   752 C CA  . PHE A 1 96  ? 6.030   -6.540  6.270   1.00 57.54  ? 1889 PHE A CA  1 
ATOM   753 C C   . PHE A 1 96  ? 5.913   -5.070  6.642   1.00 60.83  ? 1889 PHE A C   1 
ATOM   754 O O   . PHE A 1 96  ? 6.832   -4.503  7.242   1.00 68.71  ? 1889 PHE A O   1 
ATOM   755 C CB  . PHE A 1 96  ? 6.531   -6.668  4.832   1.00 59.47  ? 1889 PHE A CB  1 
ATOM   756 C CG  . PHE A 1 96  ? 7.796   -5.883  4.568   1.00 63.07  ? 1889 PHE A CG  1 
ATOM   757 C CD1 . PHE A 1 96  ? 9.039   -6.429  4.857   1.00 60.45  ? 1889 PHE A CD1 1 
ATOM   758 C CD2 . PHE A 1 96  ? 7.739   -4.593  4.056   1.00 61.16  ? 1889 PHE A CD2 1 
ATOM   759 C CE1 . PHE A 1 96  ? 10.200  -5.706  4.633   1.00 61.00  ? 1889 PHE A CE1 1 
ATOM   760 C CE2 . PHE A 1 96  ? 8.893   -3.866  3.832   1.00 62.88  ? 1889 PHE A CE2 1 
ATOM   761 C CZ  . PHE A 1 96  ? 10.127  -4.425  4.120   1.00 67.93  ? 1889 PHE A CZ  1 
ATOM   762 N N   . PHE A 1 97  ? 4.803   -4.426  6.282   1.00 63.51  ? 1890 PHE A N   1 
ATOM   763 C CA  . PHE A 1 97  ? 4.668   -3.013  6.604   1.00 60.51  ? 1890 PHE A CA  1 
ATOM   764 C C   . PHE A 1 97  ? 4.515   -2.798  8.102   1.00 64.81  ? 1890 PHE A C   1 
ATOM   765 O O   . PHE A 1 97  ? 5.095   -1.859  8.656   1.00 70.76  ? 1890 PHE A O   1 
ATOM   766 C CB  . PHE A 1 97  ? 3.486   -2.392  5.873   1.00 61.75  ? 1890 PHE A CB  1 
ATOM   767 C CG  . PHE A 1 97  ? 3.151   -1.022  6.371   1.00 63.24  ? 1890 PHE A CG  1 
ATOM   768 C CD1 . PHE A 1 97  ? 3.960   0.055   6.059   1.00 63.02  ? 1890 PHE A CD1 1 
ATOM   769 C CD2 . PHE A 1 97  ? 2.059   -0.814  7.185   1.00 64.15  ? 1890 PHE A CD2 1 
ATOM   770 C CE1 . PHE A 1 97  ? 3.668   1.319   6.529   1.00 68.22  ? 1890 PHE A CE1 1 
ATOM   771 C CE2 . PHE A 1 97  ? 1.765   0.447   7.660   1.00 67.03  ? 1890 PHE A CE2 1 
ATOM   772 C CZ  . PHE A 1 97  ? 2.572   1.515   7.332   1.00 67.15  ? 1890 PHE A CZ  1 
ATOM   773 N N   . GLU A 1 98  ? 3.720   -3.636  8.770   1.00 67.25  ? 1891 GLU A N   1 
ATOM   774 C CA  . GLU A 1 98  ? 3.542   -3.479  10.210  1.00 69.11  ? 1891 GLU A CA  1 
ATOM   775 C C   . GLU A 1 98  ? 4.829   -3.789  10.955  1.00 74.67  ? 1891 GLU A C   1 
ATOM   776 O O   . GLU A 1 98  ? 5.210   -3.055  11.871  1.00 82.36  ? 1891 GLU A O   1 
ATOM   777 C CB  . GLU A 1 98  ? 2.410   -4.374  10.712  1.00 70.36  ? 1891 GLU A CB  1 
ATOM   778 C CG  . GLU A 1 98  ? 1.010   -3.914  10.304  1.00 70.47  ? 1891 GLU A CG  1 
ATOM   779 C CD  . GLU A 1 98  ? -0.079  -4.790  10.907  1.00 78.25  ? 1891 GLU A CD  1 
ATOM   780 O OE1 . GLU A 1 98  ? 0.258   -5.652  11.760  1.00 87.16  ? 1891 GLU A OE1 1 
ATOM   781 O OE2 . GLU A 1 98  ? -1.261  -4.623  10.528  1.00 63.97  ? 1891 GLU A OE2 1 
ATOM   782 N N   . SER A 1 99  ? 5.513   -4.870  10.570  1.00 71.49  ? 1892 SER A N   1 
ATOM   783 C CA  . SER A 1 99  ? 6.785   -5.212  11.196  1.00 73.56  ? 1892 SER A CA  1 
ATOM   784 C C   . SER A 1 99  ? 7.793   -4.076  11.064  1.00 78.92  ? 1892 SER A C   1 
ATOM   785 O O   . SER A 1 99  ? 8.465   -3.712  12.036  1.00 86.10  ? 1892 SER A O   1 
ATOM   786 C CB  . SER A 1 99  ? 7.333   -6.496  10.573  1.00 72.27  ? 1892 SER A CB  1 
ATOM   787 O OG  . SER A 1 99  ? 8.465   -6.976  11.281  1.00 84.42  ? 1892 SER A OG  1 
ATOM   788 N N   . ARG A 1 100 ? 7.897   -3.526  9.857   1.00 74.64  ? 1893 ARG A N   1 
ATOM   789 C CA  . ARG A 1 100 ? 8.833   -2.444  9.577   1.00 80.19  ? 1893 ARG A CA  1 
ATOM   790 C C   . ARG A 1 100 ? 8.449   -1.121  10.233  1.00 83.49  ? 1893 ARG A C   1 
ATOM   791 O O   . ARG A 1 100 ? 9.319   -0.372  10.680  1.00 88.71  ? 1893 ARG A O   1 
ATOM   792 C CB  . ARG A 1 100 ? 8.984   -2.250  8.066   1.00 77.85  ? 1893 ARG A CB  1 
ATOM   793 C CG  . ARG A 1 100 ? 10.327  -1.677  7.644   1.00 81.68  ? 1893 ARG A CG  1 
ATOM   794 C CD  . ARG A 1 100 ? 11.436  -2.707  7.787   1.00 78.80  ? 1893 ARG A CD  1 
ATOM   795 N NE  . ARG A 1 100 ? 12.680  -2.259  7.167   1.00 86.16  ? 1893 ARG A NE  1 
ATOM   796 C CZ  . ARG A 1 100 ? 13.488  -1.343  7.690   1.00 84.30  ? 1893 ARG A CZ  1 
ATOM   797 N NH1 . ARG A 1 100 ? 13.184  -0.771  8.847   1.00 91.52  ? 1893 ARG A NH1 1 
ATOM   798 N NH2 . ARG A 1 100 ? 14.601  -0.997  7.056   1.00 79.79  ? 1893 ARG A NH2 1 
ATOM   799 N N   . TRP A 1 101 ? 7.154   -0.829  10.291  1.00 77.55  ? 1894 TRP A N   1 
ATOM   800 C CA  . TRP A 1 101 ? 6.703   0.420   10.888  1.00 80.74  ? 1894 TRP A CA  1 
ATOM   801 C C   . TRP A 1 101 ? 6.898   0.408   12.398  1.00 89.65  ? 1894 TRP A C   1 
ATOM   802 O O   . TRP A 1 101 ? 7.251   1.430   12.996  1.00 98.05  ? 1894 TRP A O   1 
ATOM   803 C CB  . TRP A 1 101 ? 5.237   0.656   10.539  1.00 80.49  ? 1894 TRP A CB  1 
ATOM   804 C CG  . TRP A 1 101 ? 4.686   1.960   10.996  1.00 87.02  ? 1894 TRP A CG  1 
ATOM   805 C CD1 . TRP A 1 101 ? 4.037   2.210   12.169  1.00 94.47  ? 1894 TRP A CD1 1 
ATOM   806 C CD2 . TRP A 1 101 ? 4.702   3.196   10.275  1.00 89.57  ? 1894 TRP A CD2 1 
ATOM   807 N NE1 . TRP A 1 101 ? 3.655   3.529   12.229  1.00 94.60  ? 1894 TRP A NE1 1 
ATOM   808 C CE2 . TRP A 1 101 ? 4.052   4.157   11.079  1.00 90.42  ? 1894 TRP A CE2 1 
ATOM   809 C CE3 . TRP A 1 101 ? 5.212   3.589   9.033   1.00 84.45  ? 1894 TRP A CE3 1 
ATOM   810 C CZ2 . TRP A 1 101 ? 3.903   5.481   10.682  1.00 89.70  ? 1894 TRP A CZ2 1 
ATOM   811 C CZ3 . TRP A 1 101 ? 5.061   4.902   8.642   1.00 85.33  ? 1894 TRP A CZ3 1 
ATOM   812 C CH2 . TRP A 1 101 ? 4.411   5.834   9.465   1.00 89.81  ? 1894 TRP A CH2 1 
ATOM   813 N N   . GLU A 1 102 ? 6.676   -0.744  13.030  1.00 92.38  ? 1895 GLU A N   1 
ATOM   814 C CA  . GLU A 1 102 ? 6.837   -0.870  14.472  1.00 96.79  ? 1895 GLU A CA  1 
ATOM   815 C C   . GLU A 1 102 ? 8.291   -0.763  14.912  1.00 99.98  ? 1895 GLU A C   1 
ATOM   816 O O   . GLU A 1 102 ? 8.550   -0.692  16.119  1.00 103.17 ? 1895 GLU A O   1 
ATOM   817 C CB  . GLU A 1 102 ? 6.230   -2.198  14.951  1.00 97.73  ? 1895 GLU A CB  1 
ATOM   818 C CG  . GLU A 1 102 ? 4.696   -2.183  15.072  1.00 100.41 ? 1895 GLU A CG  1 
ATOM   819 C CD  . GLU A 1 102 ? 4.094   -3.566  15.308  1.00 110.79 ? 1895 GLU A CD  1 
ATOM   820 O OE1 . GLU A 1 102 ? 3.059   -3.884  14.675  1.00 103.68 ? 1895 GLU A OE1 1 
ATOM   821 O OE2 . GLU A 1 102 ? 4.656   -4.334  16.121  1.00 111.26 ? 1895 GLU A OE2 1 
ATOM   822 N N   . GLU A 1 103 ? 9.238   -0.732  13.975  1.00 98.67  ? 1896 GLU A N   1 
ATOM   823 C CA  . GLU A 1 103 ? 10.650  -0.631  14.321  1.00 98.44  ? 1896 GLU A CA  1 
ATOM   824 C C   . GLU A 1 103 ? 11.118  0.810   14.477  1.00 104.55 ? 1896 GLU A C   1 
ATOM   825 O O   . GLU A 1 103 ? 11.986  1.088   15.312  1.00 108.74 ? 1896 GLU A O   1 
ATOM   826 C CB  . GLU A 1 103 ? 11.500  -1.341  13.269  1.00 92.24  ? 1896 GLU A CB  1 
ATOM   827 C CG  . GLU A 1 103 ? 11.399  -2.849  13.343  1.00 92.98  ? 1896 GLU A CG  1 
ATOM   828 C CD  . GLU A 1 103 ? 12.255  -3.524  12.304  1.00 94.63  ? 1896 GLU A CD  1 
ATOM   829 O OE1 . GLU A 1 103 ? 12.697  -2.820  11.371  1.00 96.41  ? 1896 GLU A OE1 1 
ATOM   830 O OE2 . GLU A 1 103 ? 12.488  -4.748  12.419  1.00 95.19  ? 1896 GLU A OE2 1 
ATOM   831 N N   . PHE A 1 104 ? 10.573  1.738   13.690  1.00 99.16  ? 1897 PHE A N   1 
ATOM   832 C CA  . PHE A 1 104 ? 10.911  3.141   13.887  1.00 107.79 ? 1897 PHE A CA  1 
ATOM   833 C C   . PHE A 1 104 ? 10.093  3.781   15.000  1.00 113.73 ? 1897 PHE A C   1 
ATOM   834 O O   . PHE A 1 104 ? 10.525  4.792   15.566  1.00 119.35 ? 1897 PHE A O   1 
ATOM   835 C CB  . PHE A 1 104 ? 10.717  3.921   12.583  1.00 110.49 ? 1897 PHE A CB  1 
ATOM   836 C CG  . PHE A 1 104 ? 11.521  5.200   12.506  1.00 115.70 ? 1897 PHE A CG  1 
ATOM   837 C CD1 . PHE A 1 104 ? 12.880  5.167   12.213  1.00 115.15 ? 1897 PHE A CD1 1 
ATOM   838 C CD2 . PHE A 1 104 ? 10.915  6.436   12.708  1.00 118.71 ? 1897 PHE A CD2 1 
ATOM   839 C CE1 . PHE A 1 104 ? 13.624  6.342   12.129  1.00 114.20 ? 1897 PHE A CE1 1 
ATOM   840 C CE2 . PHE A 1 104 ? 11.653  7.616   12.628  1.00 120.67 ? 1897 PHE A CE2 1 
ATOM   841 C CZ  . PHE A 1 104 ? 13.009  7.567   12.338  1.00 119.06 ? 1897 PHE A CZ  1 
ATOM   842 N N   . TYR A 1 105 ? 8.941   3.211   15.341  1.00 111.37 ? 1898 TYR A N   1 
ATOM   843 C CA  . TYR A 1 105 ? 8.062   3.821   16.328  1.00 111.00 ? 1898 TYR A CA  1 
ATOM   844 C C   . TYR A 1 105 ? 7.649   2.817   17.398  1.00 108.94 ? 1898 TYR A C   1 
ATOM   845 O O   . TYR A 1 105 ? 8.367   2.614   18.380  1.00 105.45 ? 1898 TYR A O   1 
ATOM   846 C CB  . TYR A 1 105 ? 6.829   4.404   15.641  1.00 111.69 ? 1898 TYR A CB  1 
ATOM   847 C CG  . TYR A 1 105 ? 7.150   5.244   14.422  1.00 113.23 ? 1898 TYR A CG  1 
ATOM   848 C CD1 . TYR A 1 105 ? 7.297   6.624   14.522  1.00 118.61 ? 1898 TYR A CD1 1 
ATOM   849 C CD2 . TYR A 1 105 ? 7.303   4.657   13.171  1.00 107.69 ? 1898 TYR A CD2 1 
ATOM   850 C CE1 . TYR A 1 105 ? 7.588   7.397   13.406  1.00 115.54 ? 1898 TYR A CE1 1 
ATOM   851 C CE2 . TYR A 1 105 ? 7.596   5.419   12.053  1.00 109.28 ? 1898 TYR A CE2 1 
ATOM   852 C CZ  . TYR A 1 105 ? 7.734   6.787   12.175  1.00 113.11 ? 1898 TYR A CZ  1 
ATOM   853 O OH  . TYR A 1 105 ? 8.025   7.545   11.063  1.00 108.57 ? 1898 TYR A OH  1 
HETATM 854 C C13 . D9T B 2 .   ? -3.269  -8.209  -12.742 1.00 80.05  ? 1901 D9T A C13 1 
HETATM 855 C C15 . D9T B 2 .   ? -2.981  -8.949  -14.075 1.00 79.92  ? 1901 D9T A C15 1 
HETATM 856 C C17 . D9T B 2 .   ? -5.570  -8.934  -14.382 1.00 74.78  ? 1901 D9T A C17 1 
HETATM 857 C C01 . D9T B 2 .   ? -4.642  -4.622  -5.501  1.00 54.02  ? 1901 D9T A C01 1 
HETATM 858 C C03 . D9T B 2 .   ? -4.418  -6.160  -7.582  1.00 54.82  ? 1901 D9T A C03 1 
HETATM 859 C C04 . D9T B 2 .   ? -5.006  -7.203  -8.540  1.00 52.73  ? 1901 D9T A C04 1 
HETATM 860 C C05 . D9T B 2 .   ? -6.393  -7.741  -8.338  1.00 50.92  ? 1901 D9T A C05 1 
HETATM 861 C C06 . D9T B 2 .   ? -7.202  -7.243  -7.188  1.00 50.87  ? 1901 D9T A C06 1 
HETATM 862 C C07 . D9T B 2 .   ? -6.601  -6.170  -6.220  1.00 51.74  ? 1901 D9T A C07 1 
HETATM 863 C C09 . D9T B 2 .   ? -4.107  -7.690  -9.705  1.00 61.17  ? 1901 D9T A C09 1 
HETATM 864 C C12 . D9T B 2 .   ? -3.617  -9.282  -11.671 1.00 75.19  ? 1901 D9T A C12 1 
HETATM 865 C C16 . D9T B 2 .   ? -4.225  -9.625  -14.708 1.00 79.40  ? 1901 D9T A C16 1 
HETATM 866 C C18 . D9T B 2 .   ? -5.387  -7.444  -14.059 1.00 73.38  ? 1901 D9T A C18 1 
HETATM 867 C C19 . D9T B 2 .   ? -4.409  -7.186  -12.876 1.00 70.04  ? 1901 D9T A C19 1 
HETATM 868 N N02 . D9T B 2 .   ? -5.234  -5.653  -6.429  1.00 55.29  ? 1901 D9T A N02 1 
HETATM 869 N N11 . D9T B 2 .   ? -4.513  -8.820  -10.566 1.00 69.04  ? 1901 D9T A N11 1 
HETATM 870 N N14 . D9T B 2 .   ? -2.027  -7.524  -12.314 1.00 75.40  ? 1901 D9T A N14 1 
HETATM 871 O O08 . D9T B 2 .   ? -7.232  -5.772  -5.317  1.00 57.07  ? 1901 D9T A O08 1 
HETATM 872 O O10 . D9T B 2 .   ? -3.088  -7.142  -9.902  1.00 64.83  ? 1901 D9T A O10 1 
HETATM 873 O O   . HOH C 3 .   ? 13.181  5.562   -2.122  1.00 69.29  ? 2001 HOH A O   1 
HETATM 874 O O   . HOH C 3 .   ? -4.963  -3.438  -2.558  1.00 55.66  ? 2002 HOH A O   1 
HETATM 875 O O   . HOH C 3 .   ? -6.677  -0.012  -4.582  1.00 56.32  ? 2003 HOH A O   1 
HETATM 876 O O   . HOH C 3 .   ? -5.781  0.678   -7.368  1.00 56.38  ? 2004 HOH A O   1 
HETATM 877 O O   . HOH C 3 .   ? -7.216  -3.923  -3.531  1.00 53.73  ? 2005 HOH A O   1 
HETATM 878 O O   . HOH C 3 .   ? 5.144   -13.372 5.733   1.00 43.71  ? 2006 HOH A O   1 
HETATM 879 O O   . HOH C 3 .   ? -4.883  2.879   -6.492  1.00 53.28  ? 2007 HOH A O   1 
HETATM 880 O O   . HOH C 3 .   ? -3.981  -1.504  -4.805  1.00 55.00  ? 2008 HOH A O   1 
HETATM 881 O O   . HOH C 3 .   ? -7.272  -11.055 1.716   1.00 55.94  ? 2009 HOH A O   1 
HETATM 882 O O   . HOH C 3 .   ? -3.106  -2.254  -7.058  1.00 55.63  ? 2010 HOH A O   1 
HETATM 883 O O   . HOH C 3 .   ? -14.668 8.750   -1.075  1.00 69.19  ? 2011 HOH A O   1 
HETATM 884 O O   . HOH C 3 .   ? -17.157 -2.333  -10.473 1.00 58.97  ? 2012 HOH A O   1 
HETATM 885 O O   . HOH C 3 .   ? 5.653   -10.644 5.531   1.00 52.54  ? 2013 HOH A O   1 
HETATM 886 O O   . HOH C 3 .   ? -4.712  -9.513  1.886   1.00 49.26  ? 2014 HOH A O   1 
HETATM 887 O O   . HOH C 3 .   ? 10.039  3.890   -7.231  1.00 71.71  ? 2015 HOH A O   1 
HETATM 888 O O   . HOH C 3 .   ? -0.970  -8.796  11.724  1.00 53.35  ? 2016 HOH A O   1 
HETATM 889 O O   . HOH C 3 .   ? 3.909   -13.185 -3.942  1.00 61.45  ? 2017 HOH A O   1 
# 
